data_3HMS
# 
_entry.id   3HMS 
# 
_audit_conform.dict_name       mmcif_pdbx.dic 
_audit_conform.dict_version    5.399 
_audit_conform.dict_location   http://mmcif.pdb.org/dictionaries/ascii/mmcif_pdbx.dic 
# 
loop_
_database_2.database_id 
_database_2.database_code 
_database_2.pdbx_database_accession 
_database_2.pdbx_DOI 
PDB   3HMS         pdb_00003hms 10.2210/pdb3hms/pdb 
RCSB  RCSB053325   ?            ?                   
WWPDB D_1000053325 ?            ?                   
# 
loop_
_pdbx_audit_revision_history.ordinal 
_pdbx_audit_revision_history.data_content_type 
_pdbx_audit_revision_history.major_revision 
_pdbx_audit_revision_history.minor_revision 
_pdbx_audit_revision_history.revision_date 
1 'Structure model' 1 0 2010-06-09 
2 'Structure model' 1 1 2011-07-13 
3 'Structure model' 1 2 2023-09-06 
4 'Structure model' 1 3 2024-11-20 
# 
_pdbx_audit_revision_details.ordinal             1 
_pdbx_audit_revision_details.revision_ordinal    1 
_pdbx_audit_revision_details.data_content_type   'Structure model' 
_pdbx_audit_revision_details.provider            repository 
_pdbx_audit_revision_details.type                'Initial release' 
_pdbx_audit_revision_details.description         ? 
_pdbx_audit_revision_details.details             ? 
# 
loop_
_pdbx_audit_revision_group.ordinal 
_pdbx_audit_revision_group.revision_ordinal 
_pdbx_audit_revision_group.data_content_type 
_pdbx_audit_revision_group.group 
1 2 'Structure model' 'Version format compliance' 
2 3 'Structure model' 'Data collection'           
3 3 'Structure model' 'Database references'       
4 3 'Structure model' 'Derived calculations'      
5 3 'Structure model' 'Refinement description'    
6 4 'Structure model' 'Structure summary'         
# 
loop_
_pdbx_audit_revision_category.ordinal 
_pdbx_audit_revision_category.revision_ordinal 
_pdbx_audit_revision_category.data_content_type 
_pdbx_audit_revision_category.category 
1 3 'Structure model' chem_comp_atom                
2 3 'Structure model' chem_comp_bond                
3 3 'Structure model' database_2                    
4 3 'Structure model' pdbx_initial_refinement_model 
5 3 'Structure model' struct_ref_seq_dif            
6 3 'Structure model' struct_site                   
7 4 'Structure model' pdbx_entry_details            
8 4 'Structure model' pdbx_modification_feature     
# 
loop_
_pdbx_audit_revision_item.ordinal 
_pdbx_audit_revision_item.revision_ordinal 
_pdbx_audit_revision_item.data_content_type 
_pdbx_audit_revision_item.item 
1 3 'Structure model' '_database_2.pdbx_DOI'                
2 3 'Structure model' '_database_2.pdbx_database_accession' 
3 3 'Structure model' '_struct_ref_seq_dif.details'         
4 3 'Structure model' '_struct_site.pdbx_auth_asym_id'      
5 3 'Structure model' '_struct_site.pdbx_auth_comp_id'      
6 3 'Structure model' '_struct_site.pdbx_auth_seq_id'       
# 
_pdbx_database_status.status_code                     REL 
_pdbx_database_status.entry_id                        3HMS 
_pdbx_database_status.recvd_initial_deposition_date   2009-05-29 
_pdbx_database_status.deposit_site                    RCSB 
_pdbx_database_status.process_site                    RCSB 
_pdbx_database_status.status_code_sf                  REL 
_pdbx_database_status.status_code_mr                  ? 
_pdbx_database_status.SG_entry                        ? 
_pdbx_database_status.pdb_format_compatible           Y 
_pdbx_database_status.status_code_cs                  ? 
_pdbx_database_status.status_code_nmr_data            ? 
_pdbx_database_status.methods_development_category    ? 
# 
loop_
_pdbx_database_related.db_name 
_pdbx_database_related.db_id 
_pdbx_database_related.details 
_pdbx_database_related.content_type 
PDB 1NK1 'NK1 structure'                         unspecified 
PDB 1GP9 'NK1 structure'                         unspecified 
PDB 1GMN 'NK1-heparin complexes'                 unspecified 
PDB 1GMO 'NK1-heparin complexes'                 unspecified 
PDB 1BHT 'NK1 structure'                         unspecified 
PDB 2HGF 'NMR N-terminal domain structure'       unspecified 
PDB 2QJ2 'NK1 structure'                         unspecified 
PDB 2QJ4 'mouse NK1 structure'                   unspecified 
PDB 3HMR 'mouse NK2 N-terminal domain structure' unspecified 
PDB 3HMT 'NK2 N-terminal domain structure'       unspecified 
PDB 3HN4 'NK2 fragment'                          unspecified 
# 
_audit_author.name           'Tolbert, W.D.' 
_audit_author.pdbx_ordinal   1 
# 
_citation.id                        primary 
_citation.title                     'Structural basis for agonism and antagonism of hepatocyte growth factor.' 
_citation.journal_abbrev            Proc.Natl.Acad.Sci.USA 
_citation.journal_volume            107 
_citation.page_first                13264 
_citation.page_last                 13269 
_citation.year                      2010 
_citation.journal_id_ASTM           PNASA6 
_citation.country                   US 
_citation.journal_id_ISSN           0027-8424 
_citation.journal_id_CSD            0040 
_citation.book_publisher            ? 
_citation.pdbx_database_id_PubMed   20624990 
_citation.pdbx_database_id_DOI      10.1073/pnas.1005183107 
# 
loop_
_citation_author.citation_id 
_citation_author.name 
_citation_author.ordinal 
_citation_author.identifier_ORCID 
primary 'Tolbert, W.D.'         1 ? 
primary 'Daugherty-Holtrop, J.' 2 ? 
primary 'Gherardi, E.'          3 ? 
primary 'Vande Woude, G.'       4 ? 
primary 'Xu, H.E.'              5 ? 
# 
loop_
_entity.id 
_entity.type 
_entity.src_method 
_entity.pdbx_description 
_entity.formula_weight 
_entity.pdbx_number_of_molecules 
_entity.pdbx_ec 
_entity.pdbx_mutation 
_entity.pdbx_fragment 
_entity.details 
1 polymer     man 'Hepatocyte growth factor' 11794.679 1   ? ? 'N-terminal domain: UNP residues 28-126' ? 
2 non-polymer syn 'SULFATE ION'              96.063    1   ? ? ?                                        ? 
3 water       nat water                      18.015    108 ? ? ?                                        ? 
# 
_entity_name_com.entity_id   1 
_entity_name_com.name        
'Scatter factor, SF, Hepatopoeitin-A, Hepatocyte growth factor alpha chain, Hepatocyte growth factor beta chain' 
# 
_entity_poly.entity_id                      1 
_entity_poly.type                           'polypeptide(L)' 
_entity_poly.nstd_linkage                   no 
_entity_poly.nstd_monomer                   no 
_entity_poly.pdbx_seq_one_letter_code       
;GSYAEGQRKRRNTIHEFKKSAKTTLIKIDPALKIKTKKVNTADQCANRCTRNKGLPFTCKAFVFDKARKQCLWFPFNSMS
SGVKKEFGHEFDLYENKDYIR
;
_entity_poly.pdbx_seq_one_letter_code_can   
;GSYAEGQRKRRNTIHEFKKSAKTTLIKIDPALKIKTKKVNTADQCANRCTRNKGLPFTCKAFVFDKARKQCLWFPFNSMS
SGVKKEFGHEFDLYENKDYIR
;
_entity_poly.pdbx_strand_id                 A 
_entity_poly.pdbx_target_identifier         ? 
# 
loop_
_pdbx_entity_nonpoly.entity_id 
_pdbx_entity_nonpoly.name 
_pdbx_entity_nonpoly.comp_id 
2 'SULFATE ION' SO4 
3 water         HOH 
# 
loop_
_entity_poly_seq.entity_id 
_entity_poly_seq.num 
_entity_poly_seq.mon_id 
_entity_poly_seq.hetero 
1 1   GLY n 
1 2   SER n 
1 3   TYR n 
1 4   ALA n 
1 5   GLU n 
1 6   GLY n 
1 7   GLN n 
1 8   ARG n 
1 9   LYS n 
1 10  ARG n 
1 11  ARG n 
1 12  ASN n 
1 13  THR n 
1 14  ILE n 
1 15  HIS n 
1 16  GLU n 
1 17  PHE n 
1 18  LYS n 
1 19  LYS n 
1 20  SER n 
1 21  ALA n 
1 22  LYS n 
1 23  THR n 
1 24  THR n 
1 25  LEU n 
1 26  ILE n 
1 27  LYS n 
1 28  ILE n 
1 29  ASP n 
1 30  PRO n 
1 31  ALA n 
1 32  LEU n 
1 33  LYS n 
1 34  ILE n 
1 35  LYS n 
1 36  THR n 
1 37  LYS n 
1 38  LYS n 
1 39  VAL n 
1 40  ASN n 
1 41  THR n 
1 42  ALA n 
1 43  ASP n 
1 44  GLN n 
1 45  CYS n 
1 46  ALA n 
1 47  ASN n 
1 48  ARG n 
1 49  CYS n 
1 50  THR n 
1 51  ARG n 
1 52  ASN n 
1 53  LYS n 
1 54  GLY n 
1 55  LEU n 
1 56  PRO n 
1 57  PHE n 
1 58  THR n 
1 59  CYS n 
1 60  LYS n 
1 61  ALA n 
1 62  PHE n 
1 63  VAL n 
1 64  PHE n 
1 65  ASP n 
1 66  LYS n 
1 67  ALA n 
1 68  ARG n 
1 69  LYS n 
1 70  GLN n 
1 71  CYS n 
1 72  LEU n 
1 73  TRP n 
1 74  PHE n 
1 75  PRO n 
1 76  PHE n 
1 77  ASN n 
1 78  SER n 
1 79  MET n 
1 80  SER n 
1 81  SER n 
1 82  GLY n 
1 83  VAL n 
1 84  LYS n 
1 85  LYS n 
1 86  GLU n 
1 87  PHE n 
1 88  GLY n 
1 89  HIS n 
1 90  GLU n 
1 91  PHE n 
1 92  ASP n 
1 93  LEU n 
1 94  TYR n 
1 95  GLU n 
1 96  ASN n 
1 97  LYS n 
1 98  ASP n 
1 99  TYR n 
1 100 ILE n 
1 101 ARG n 
# 
_entity_src_gen.entity_id                          1 
_entity_src_gen.pdbx_src_id                        1 
_entity_src_gen.pdbx_alt_source_flag               sample 
_entity_src_gen.pdbx_seq_type                      ? 
_entity_src_gen.pdbx_beg_seq_num                   ? 
_entity_src_gen.pdbx_end_seq_num                   ? 
_entity_src_gen.gene_src_common_name               human 
_entity_src_gen.gene_src_genus                     ? 
_entity_src_gen.pdbx_gene_src_gene                 'HGF, HPTA' 
_entity_src_gen.gene_src_species                   ? 
_entity_src_gen.gene_src_strain                    ? 
_entity_src_gen.gene_src_tissue                    ? 
_entity_src_gen.gene_src_tissue_fraction           ? 
_entity_src_gen.gene_src_details                   'Expressed as a thioredoxin fusion protein' 
_entity_src_gen.pdbx_gene_src_fragment             ? 
_entity_src_gen.pdbx_gene_src_scientific_name      'Homo sapiens' 
_entity_src_gen.pdbx_gene_src_ncbi_taxonomy_id     9606 
_entity_src_gen.pdbx_gene_src_variant              ? 
_entity_src_gen.pdbx_gene_src_cell_line            ? 
_entity_src_gen.pdbx_gene_src_atcc                 ? 
_entity_src_gen.pdbx_gene_src_organ                ? 
_entity_src_gen.pdbx_gene_src_organelle            ? 
_entity_src_gen.pdbx_gene_src_cell                 ? 
_entity_src_gen.pdbx_gene_src_cellular_location    ? 
_entity_src_gen.host_org_common_name               ? 
_entity_src_gen.pdbx_host_org_scientific_name      'Escherichia coli' 
_entity_src_gen.pdbx_host_org_ncbi_taxonomy_id     562 
_entity_src_gen.host_org_genus                     ? 
_entity_src_gen.pdbx_host_org_gene                 ? 
_entity_src_gen.pdbx_host_org_organ                ? 
_entity_src_gen.host_org_species                   ? 
_entity_src_gen.pdbx_host_org_tissue               ? 
_entity_src_gen.pdbx_host_org_tissue_fraction      ? 
_entity_src_gen.pdbx_host_org_strain               'Origami B(DE)' 
_entity_src_gen.pdbx_host_org_variant              ? 
_entity_src_gen.pdbx_host_org_cell_line            ? 
_entity_src_gen.pdbx_host_org_atcc                 ? 
_entity_src_gen.pdbx_host_org_culture_collection   ? 
_entity_src_gen.pdbx_host_org_cell                 ? 
_entity_src_gen.pdbx_host_org_organelle            ? 
_entity_src_gen.pdbx_host_org_cellular_location    ? 
_entity_src_gen.pdbx_host_org_vector_type          plasmid 
_entity_src_gen.pdbx_host_org_vector               ? 
_entity_src_gen.host_org_details                   ? 
_entity_src_gen.expression_system_id               ? 
_entity_src_gen.plasmid_name                       pET-Duet1/Trx 
_entity_src_gen.plasmid_details                    ? 
_entity_src_gen.pdbx_description                   ? 
# 
loop_
_chem_comp.id 
_chem_comp.type 
_chem_comp.mon_nstd_flag 
_chem_comp.name 
_chem_comp.pdbx_synonyms 
_chem_comp.formula 
_chem_comp.formula_weight 
ALA 'L-peptide linking' y ALANINE         ? 'C3 H7 N O2'     89.093  
ARG 'L-peptide linking' y ARGININE        ? 'C6 H15 N4 O2 1' 175.209 
ASN 'L-peptide linking' y ASPARAGINE      ? 'C4 H8 N2 O3'    132.118 
ASP 'L-peptide linking' y 'ASPARTIC ACID' ? 'C4 H7 N O4'     133.103 
CYS 'L-peptide linking' y CYSTEINE        ? 'C3 H7 N O2 S'   121.158 
GLN 'L-peptide linking' y GLUTAMINE       ? 'C5 H10 N2 O3'   146.144 
GLU 'L-peptide linking' y 'GLUTAMIC ACID' ? 'C5 H9 N O4'     147.129 
GLY 'peptide linking'   y GLYCINE         ? 'C2 H5 N O2'     75.067  
HIS 'L-peptide linking' y HISTIDINE       ? 'C6 H10 N3 O2 1' 156.162 
HOH non-polymer         . WATER           ? 'H2 O'           18.015  
ILE 'L-peptide linking' y ISOLEUCINE      ? 'C6 H13 N O2'    131.173 
LEU 'L-peptide linking' y LEUCINE         ? 'C6 H13 N O2'    131.173 
LYS 'L-peptide linking' y LYSINE          ? 'C6 H15 N2 O2 1' 147.195 
MET 'L-peptide linking' y METHIONINE      ? 'C5 H11 N O2 S'  149.211 
PHE 'L-peptide linking' y PHENYLALANINE   ? 'C9 H11 N O2'    165.189 
PRO 'L-peptide linking' y PROLINE         ? 'C5 H9 N O2'     115.130 
SER 'L-peptide linking' y SERINE          ? 'C3 H7 N O3'     105.093 
SO4 non-polymer         . 'SULFATE ION'   ? 'O4 S -2'        96.063  
THR 'L-peptide linking' y THREONINE       ? 'C4 H9 N O3'     119.119 
TRP 'L-peptide linking' y TRYPTOPHAN      ? 'C11 H12 N2 O2'  204.225 
TYR 'L-peptide linking' y TYROSINE        ? 'C9 H11 N O3'    181.189 
VAL 'L-peptide linking' y VALINE          ? 'C5 H11 N O2'    117.146 
# 
loop_
_pdbx_poly_seq_scheme.asym_id 
_pdbx_poly_seq_scheme.entity_id 
_pdbx_poly_seq_scheme.seq_id 
_pdbx_poly_seq_scheme.mon_id 
_pdbx_poly_seq_scheme.ndb_seq_num 
_pdbx_poly_seq_scheme.pdb_seq_num 
_pdbx_poly_seq_scheme.auth_seq_num 
_pdbx_poly_seq_scheme.pdb_mon_id 
_pdbx_poly_seq_scheme.auth_mon_id 
_pdbx_poly_seq_scheme.pdb_strand_id 
_pdbx_poly_seq_scheme.pdb_ins_code 
_pdbx_poly_seq_scheme.hetero 
A 1 1   GLY 1   26  ?   ?   ?   A . n 
A 1 2   SER 2   27  ?   ?   ?   A . n 
A 1 3   TYR 3   28  ?   ?   ?   A . n 
A 1 4   ALA 4   29  ?   ?   ?   A . n 
A 1 5   GLU 5   30  ?   ?   ?   A . n 
A 1 6   GLY 6   31  ?   ?   ?   A . n 
A 1 7   GLN 7   32  ?   ?   ?   A . n 
A 1 8   ARG 8   33  ?   ?   ?   A . n 
A 1 9   LYS 9   34  ?   ?   ?   A . n 
A 1 10  ARG 10  35  ?   ?   ?   A . n 
A 1 11  ARG 11  36  36  ARG ARG A . n 
A 1 12  ASN 12  37  37  ASN ASN A . n 
A 1 13  THR 13  38  38  THR THR A . n 
A 1 14  ILE 14  39  39  ILE ILE A . n 
A 1 15  HIS 15  40  40  HIS HIS A . n 
A 1 16  GLU 16  41  41  GLU GLU A . n 
A 1 17  PHE 17  42  42  PHE PHE A . n 
A 1 18  LYS 18  43  43  LYS LYS A . n 
A 1 19  LYS 19  44  44  LYS LYS A . n 
A 1 20  SER 20  45  45  SER SER A . n 
A 1 21  ALA 21  46  46  ALA ALA A . n 
A 1 22  LYS 22  47  47  LYS LYS A . n 
A 1 23  THR 23  48  48  THR THR A . n 
A 1 24  THR 24  49  49  THR THR A . n 
A 1 25  LEU 25  50  50  LEU LEU A . n 
A 1 26  ILE 26  51  51  ILE ILE A . n 
A 1 27  LYS 27  52  52  LYS LYS A . n 
A 1 28  ILE 28  53  53  ILE ILE A . n 
A 1 29  ASP 29  54  54  ASP ASP A . n 
A 1 30  PRO 30  55  55  PRO PRO A . n 
A 1 31  ALA 31  56  56  ALA ALA A . n 
A 1 32  LEU 32  57  57  LEU LEU A . n 
A 1 33  LYS 33  58  58  LYS LYS A . n 
A 1 34  ILE 34  59  59  ILE ILE A . n 
A 1 35  LYS 35  60  60  LYS LYS A . n 
A 1 36  THR 36  61  61  THR THR A . n 
A 1 37  LYS 37  62  62  LYS LYS A . n 
A 1 38  LYS 38  63  63  LYS LYS A . n 
A 1 39  VAL 39  64  64  VAL VAL A . n 
A 1 40  ASN 40  65  65  ASN ASN A . n 
A 1 41  THR 41  66  66  THR THR A . n 
A 1 42  ALA 42  67  67  ALA ALA A . n 
A 1 43  ASP 43  68  68  ASP ASP A . n 
A 1 44  GLN 44  69  69  GLN GLN A . n 
A 1 45  CYS 45  70  70  CYS CYS A . n 
A 1 46  ALA 46  71  71  ALA ALA A . n 
A 1 47  ASN 47  72  72  ASN ASN A . n 
A 1 48  ARG 48  73  73  ARG ARG A . n 
A 1 49  CYS 49  74  74  CYS CYS A . n 
A 1 50  THR 50  75  75  THR THR A . n 
A 1 51  ARG 51  76  76  ARG ARG A . n 
A 1 52  ASN 52  77  77  ASN ASN A . n 
A 1 53  LYS 53  78  78  LYS LYS A . n 
A 1 54  GLY 54  79  79  GLY GLY A . n 
A 1 55  LEU 55  80  80  LEU LEU A . n 
A 1 56  PRO 56  81  81  PRO PRO A . n 
A 1 57  PHE 57  82  82  PHE PHE A . n 
A 1 58  THR 58  83  83  THR THR A . n 
A 1 59  CYS 59  84  84  CYS CYS A . n 
A 1 60  LYS 60  85  85  LYS LYS A . n 
A 1 61  ALA 61  86  86  ALA ALA A . n 
A 1 62  PHE 62  87  87  PHE PHE A . n 
A 1 63  VAL 63  88  88  VAL VAL A . n 
A 1 64  PHE 64  89  89  PHE PHE A . n 
A 1 65  ASP 65  90  90  ASP ASP A . n 
A 1 66  LYS 66  91  91  LYS LYS A . n 
A 1 67  ALA 67  92  92  ALA ALA A . n 
A 1 68  ARG 68  93  93  ARG ARG A . n 
A 1 69  LYS 69  94  94  LYS LYS A . n 
A 1 70  GLN 70  95  95  GLN GLN A . n 
A 1 71  CYS 71  96  96  CYS CYS A . n 
A 1 72  LEU 72  97  97  LEU LEU A . n 
A 1 73  TRP 73  98  98  TRP TRP A . n 
A 1 74  PHE 74  99  99  PHE PHE A . n 
A 1 75  PRO 75  100 100 PRO PRO A . n 
A 1 76  PHE 76  101 101 PHE PHE A . n 
A 1 77  ASN 77  102 102 ASN ASN A . n 
A 1 78  SER 78  103 103 SER SER A . n 
A 1 79  MET 79  104 104 MET MET A . n 
A 1 80  SER 80  105 105 SER SER A . n 
A 1 81  SER 81  106 106 SER SER A . n 
A 1 82  GLY 82  107 107 GLY GLY A . n 
A 1 83  VAL 83  108 108 VAL VAL A . n 
A 1 84  LYS 84  109 109 LYS LYS A . n 
A 1 85  LYS 85  110 110 LYS LYS A . n 
A 1 86  GLU 86  111 111 GLU GLU A . n 
A 1 87  PHE 87  112 112 PHE PHE A . n 
A 1 88  GLY 88  113 113 GLY GLY A . n 
A 1 89  HIS 89  114 114 HIS HIS A . n 
A 1 90  GLU 90  115 115 GLU GLU A . n 
A 1 91  PHE 91  116 116 PHE PHE A . n 
A 1 92  ASP 92  117 117 ASP ASP A . n 
A 1 93  LEU 93  118 118 LEU LEU A . n 
A 1 94  TYR 94  119 119 TYR TYR A . n 
A 1 95  GLU 95  120 120 GLU GLU A . n 
A 1 96  ASN 96  121 121 ASN ASN A . n 
A 1 97  LYS 97  122 122 LYS LYS A . n 
A 1 98  ASP 98  123 123 ASP ASP A . n 
A 1 99  TYR 99  124 124 TYR TYR A . n 
A 1 100 ILE 100 125 125 ILE ILE A . n 
A 1 101 ARG 101 126 126 ARG ARG A . n 
# 
loop_
_pdbx_nonpoly_scheme.asym_id 
_pdbx_nonpoly_scheme.entity_id 
_pdbx_nonpoly_scheme.mon_id 
_pdbx_nonpoly_scheme.ndb_seq_num 
_pdbx_nonpoly_scheme.pdb_seq_num 
_pdbx_nonpoly_scheme.auth_seq_num 
_pdbx_nonpoly_scheme.pdb_mon_id 
_pdbx_nonpoly_scheme.auth_mon_id 
_pdbx_nonpoly_scheme.pdb_strand_id 
_pdbx_nonpoly_scheme.pdb_ins_code 
B 2 SO4 1   301  3001 SO4 SO4 A . 
C 3 HOH 1   1001 1001 HOH HOH A . 
C 3 HOH 2   1002 1002 HOH HOH A . 
C 3 HOH 3   1003 1003 HOH HOH A . 
C 3 HOH 4   1004 1004 HOH HOH A . 
C 3 HOH 5   1005 1005 HOH HOH A . 
C 3 HOH 6   1006 1006 HOH HOH A . 
C 3 HOH 7   1007 1007 HOH HOH A . 
C 3 HOH 8   1008 1008 HOH HOH A . 
C 3 HOH 9   1009 1009 HOH HOH A . 
C 3 HOH 10  1010 1010 HOH HOH A . 
C 3 HOH 11  1011 1011 HOH HOH A . 
C 3 HOH 12  1012 1012 HOH HOH A . 
C 3 HOH 13  1013 1013 HOH HOH A . 
C 3 HOH 14  1014 1014 HOH HOH A . 
C 3 HOH 15  1015 1015 HOH HOH A . 
C 3 HOH 16  1016 1016 HOH HOH A . 
C 3 HOH 17  1017 1017 HOH HOH A . 
C 3 HOH 18  1018 1018 HOH HOH A . 
C 3 HOH 19  1019 1019 HOH HOH A . 
C 3 HOH 20  1020 1020 HOH HOH A . 
C 3 HOH 21  1021 1021 HOH HOH A . 
C 3 HOH 22  1022 1022 HOH HOH A . 
C 3 HOH 23  1023 1023 HOH HOH A . 
C 3 HOH 24  1024 1024 HOH HOH A . 
C 3 HOH 25  1025 1025 HOH HOH A . 
C 3 HOH 26  1026 1026 HOH HOH A . 
C 3 HOH 27  1027 1027 HOH HOH A . 
C 3 HOH 28  1028 1028 HOH HOH A . 
C 3 HOH 29  1029 1029 HOH HOH A . 
C 3 HOH 30  1030 1030 HOH HOH A . 
C 3 HOH 31  1031 1031 HOH HOH A . 
C 3 HOH 32  1032 1032 HOH HOH A . 
C 3 HOH 33  1033 1033 HOH HOH A . 
C 3 HOH 34  1034 1034 HOH HOH A . 
C 3 HOH 35  1035 1035 HOH HOH A . 
C 3 HOH 36  1036 1036 HOH HOH A . 
C 3 HOH 37  1037 1037 HOH HOH A . 
C 3 HOH 38  1038 1038 HOH HOH A . 
C 3 HOH 39  1039 1039 HOH HOH A . 
C 3 HOH 40  1040 1040 HOH HOH A . 
C 3 HOH 41  1041 1041 HOH HOH A . 
C 3 HOH 42  1042 1042 HOH HOH A . 
C 3 HOH 43  1043 1043 HOH HOH A . 
C 3 HOH 44  1044 1044 HOH HOH A . 
C 3 HOH 45  1045 1045 HOH HOH A . 
C 3 HOH 46  1046 1046 HOH HOH A . 
C 3 HOH 47  1047 1047 HOH HOH A . 
C 3 HOH 48  1048 1048 HOH HOH A . 
C 3 HOH 49  1049 1049 HOH HOH A . 
C 3 HOH 50  1050 1050 HOH HOH A . 
C 3 HOH 51  1051 1051 HOH HOH A . 
C 3 HOH 52  1052 1052 HOH HOH A . 
C 3 HOH 53  1054 1054 HOH HOH A . 
C 3 HOH 54  1055 1055 HOH HOH A . 
C 3 HOH 55  1056 1056 HOH HOH A . 
C 3 HOH 56  1057 1057 HOH HOH A . 
C 3 HOH 57  1058 1058 HOH HOH A . 
C 3 HOH 58  1059 1059 HOH HOH A . 
C 3 HOH 59  1060 1060 HOH HOH A . 
C 3 HOH 60  1061 1061 HOH HOH A . 
C 3 HOH 61  1062 1062 HOH HOH A . 
C 3 HOH 62  1063 1063 HOH HOH A . 
C 3 HOH 63  1064 1064 HOH HOH A . 
C 3 HOH 64  1065 1065 HOH HOH A . 
C 3 HOH 65  1066 1066 HOH HOH A . 
C 3 HOH 66  1067 1067 HOH HOH A . 
C 3 HOH 67  1068 1068 HOH HOH A . 
C 3 HOH 68  1069 1069 HOH HOH A . 
C 3 HOH 69  1070 1070 HOH HOH A . 
C 3 HOH 70  1071 1071 HOH HOH A . 
C 3 HOH 71  1072 1072 HOH HOH A . 
C 3 HOH 72  1073 1073 HOH HOH A . 
C 3 HOH 73  1074 1074 HOH HOH A . 
C 3 HOH 74  1075 1075 HOH HOH A . 
C 3 HOH 75  1076 1076 HOH HOH A . 
C 3 HOH 76  1077 1077 HOH HOH A . 
C 3 HOH 77  1078 1078 HOH HOH A . 
C 3 HOH 78  1079 1079 HOH HOH A . 
C 3 HOH 79  1080 1080 HOH HOH A . 
C 3 HOH 80  1081 1081 HOH HOH A . 
C 3 HOH 81  1082 1082 HOH HOH A . 
C 3 HOH 82  1083 1083 HOH HOH A . 
C 3 HOH 83  1084 1084 HOH HOH A . 
C 3 HOH 84  1085 1085 HOH HOH A . 
C 3 HOH 85  1086 1086 HOH HOH A . 
C 3 HOH 86  1087 1087 HOH HOH A . 
C 3 HOH 87  1088 1088 HOH HOH A . 
C 3 HOH 88  1089 1089 HOH HOH A . 
C 3 HOH 89  1090 1090 HOH HOH A . 
C 3 HOH 90  1091 1091 HOH HOH A . 
C 3 HOH 91  1092 1092 HOH HOH A . 
C 3 HOH 92  1093 1093 HOH HOH A . 
C 3 HOH 93  1094 1094 HOH HOH A . 
C 3 HOH 94  1095 1095 HOH HOH A . 
C 3 HOH 95  1096 1096 HOH HOH A . 
C 3 HOH 96  1097 1097 HOH HOH A . 
C 3 HOH 97  1098 1098 HOH HOH A . 
C 3 HOH 98  1099 1099 HOH HOH A . 
C 3 HOH 99  1100 1100 HOH HOH A . 
C 3 HOH 100 1101 1101 HOH HOH A . 
C 3 HOH 101 1102 1102 HOH HOH A . 
C 3 HOH 102 1103 1103 HOH HOH A . 
C 3 HOH 103 1104 1104 HOH HOH A . 
C 3 HOH 104 1105 1105 HOH HOH A . 
C 3 HOH 105 1106 1106 HOH HOH A . 
C 3 HOH 106 1107 1107 HOH HOH A . 
C 3 HOH 107 1108 1108 HOH HOH A . 
C 3 HOH 108 1153 1153 HOH HOH A . 
# 
loop_
_software.name 
_software.classification 
_software.version 
_software.citation_id 
_software.pdbx_ordinal 
COM-CAT  'data collection' . ? 1 
CNS      refinement        . ? 2 
HKL-2000 'data reduction'  . ? 3 
HKL-2000 'data scaling'    . ? 4 
CNS      phasing           . ? 5 
# 
_cell.entry_id           3HMS 
_cell.length_a           38.910 
_cell.length_b           42.210 
_cell.length_c           52.350 
_cell.angle_alpha        90.00 
_cell.angle_beta         90.00 
_cell.angle_gamma        90.00 
_cell.Z_PDB              4 
_cell.pdbx_unique_axis   ? 
_cell.length_a_esd       ? 
_cell.length_b_esd       ? 
_cell.length_c_esd       ? 
_cell.angle_alpha_esd    ? 
_cell.angle_beta_esd     ? 
_cell.angle_gamma_esd    ? 
# 
_symmetry.entry_id                         3HMS 
_symmetry.space_group_name_H-M             'P 21 21 21' 
_symmetry.pdbx_full_space_group_name_H-M   ? 
_symmetry.cell_setting                     ? 
_symmetry.Int_Tables_number                19 
_symmetry.space_group_name_Hall            ? 
# 
_exptl.entry_id          3HMS 
_exptl.method            'X-RAY DIFFRACTION' 
_exptl.crystals_number   1 
# 
_exptl_crystal.id                    1 
_exptl_crystal.density_meas          ? 
_exptl_crystal.density_Matthews      1.82 
_exptl_crystal.density_percent_sol   32.51 
_exptl_crystal.description           ? 
_exptl_crystal.F_000                 ? 
_exptl_crystal.preparation           ? 
# 
_exptl_crystal_grow.crystal_id      1 
_exptl_crystal_grow.method          'VAPOR DIFFUSION, HANGING DROP' 
_exptl_crystal_grow.temp            298 
_exptl_crystal_grow.temp_details    ? 
_exptl_crystal_grow.pH              8.0 
_exptl_crystal_grow.pdbx_details    
;50 mM Ammonium sulfate, 28-32% PEG 1000 or 2000, 50 mM Tris-HCl pH 8.0, 5% Isopropanol, VAPOR DIFFUSION, HANGING DROP, temperature 298K
;
_exptl_crystal_grow.pdbx_pH_range   ? 
# 
_diffrn.id                     1 
_diffrn.ambient_temp           100 
_diffrn.ambient_temp_details   ? 
_diffrn.crystal_id             1 
# 
_diffrn_detector.diffrn_id              1 
_diffrn_detector.detector               CCD 
_diffrn_detector.type                   'MAR CCD 165 mm' 
_diffrn_detector.pdbx_collection_date   2004-06-28 
_diffrn_detector.details                ? 
# 
_diffrn_radiation.diffrn_id                        1 
_diffrn_radiation.wavelength_id                    1 
_diffrn_radiation.pdbx_monochromatic_or_laue_m_l   M 
_diffrn_radiation.monochromator                    'Si(111)' 
_diffrn_radiation.pdbx_diffrn_protocol             'SINGLE WAVELENGTH' 
_diffrn_radiation.pdbx_scattering_type             x-ray 
# 
_diffrn_radiation_wavelength.id           1 
_diffrn_radiation_wavelength.wavelength   0.99998 
_diffrn_radiation_wavelength.wt           1.0 
# 
_diffrn_source.diffrn_id                   1 
_diffrn_source.source                      SYNCHROTRON 
_diffrn_source.type                        'APS BEAMLINE 32-ID' 
_diffrn_source.pdbx_synchrotron_site       APS 
_diffrn_source.pdbx_synchrotron_beamline   32-ID 
_diffrn_source.pdbx_wavelength             ? 
_diffrn_source.pdbx_wavelength_list        0.99998 
# 
_reflns.entry_id                     3HMS 
_reflns.observed_criterion_sigma_I   0.0 
_reflns.observed_criterion_sigma_F   0.0 
_reflns.d_resolution_low             50.0 
_reflns.d_resolution_high            1.70 
_reflns.number_obs                   9924 
_reflns.number_all                   9924 
_reflns.percent_possible_obs         99.6 
_reflns.pdbx_Rmerge_I_obs            0.062 
_reflns.pdbx_Rsym_value              0.062 
_reflns.pdbx_netI_over_sigmaI        32.7 
_reflns.B_iso_Wilson_estimate        14.9 
_reflns.pdbx_redundancy              6.8 
_reflns.R_free_details               ? 
_reflns.limit_h_max                  ? 
_reflns.limit_h_min                  ? 
_reflns.limit_k_max                  ? 
_reflns.limit_k_min                  ? 
_reflns.limit_l_max                  ? 
_reflns.limit_l_min                  ? 
_reflns.observed_criterion_F_max     ? 
_reflns.observed_criterion_F_min     ? 
_reflns.pdbx_chi_squared             ? 
_reflns.pdbx_scaling_rejects         ? 
_reflns.pdbx_diffrn_id               1 
_reflns.pdbx_ordinal                 1 
# 
_reflns_shell.d_res_high             1.70 
_reflns_shell.d_res_low              1.76 
_reflns_shell.percent_possible_all   97.1 
_reflns_shell.Rmerge_I_obs           0.400 
_reflns_shell.pdbx_Rsym_value        0.400 
_reflns_shell.meanI_over_sigI_obs    4.1 
_reflns_shell.pdbx_redundancy        5.8 
_reflns_shell.percent_possible_obs   ? 
_reflns_shell.number_unique_all      971 
_reflns_shell.number_measured_all    ? 
_reflns_shell.number_measured_obs    ? 
_reflns_shell.number_unique_obs      ? 
_reflns_shell.pdbx_chi_squared       ? 
_reflns_shell.pdbx_diffrn_id         ? 
_reflns_shell.pdbx_ordinal           1 
# 
_refine.entry_id                                 3HMS 
_refine.ls_number_reflns_obs                     9610 
_refine.ls_number_reflns_all                     9924 
_refine.pdbx_ls_sigma_I                          ? 
_refine.pdbx_ls_sigma_F                          ? 
_refine.pdbx_data_cutoff_high_absF               469264.71 
_refine.pdbx_data_cutoff_low_absF                0.000000 
_refine.pdbx_data_cutoff_high_rms_absF           ? 
_refine.ls_d_res_low                             25.11 
_refine.ls_d_res_high                            1.70 
_refine.ls_percent_reflns_obs                    96.7 
_refine.ls_R_factor_obs                          0.202 
_refine.ls_R_factor_all                          0.213 
_refine.ls_R_factor_R_work                       0.202 
_refine.ls_R_factor_R_free                       0.255 
_refine.ls_R_factor_R_free_error                 0.008 
_refine.ls_R_factor_R_free_error_details         ? 
_refine.ls_percent_reflns_R_free                 10.5 
_refine.ls_number_reflns_R_free                  1010 
_refine.ls_number_parameters                     ? 
_refine.ls_number_restraints                     ? 
_refine.occupancy_min                            ? 
_refine.occupancy_max                            ? 
_refine.correlation_coeff_Fo_to_Fc               ? 
_refine.correlation_coeff_Fo_to_Fc_free          ? 
_refine.B_iso_mean                               22.0 
_refine.aniso_B[1][1]                            -2.02 
_refine.aniso_B[2][2]                            0.86 
_refine.aniso_B[3][3]                            1.16 
_refine.aniso_B[1][2]                            0.00 
_refine.aniso_B[1][3]                            0.00 
_refine.aniso_B[2][3]                            0.00 
_refine.solvent_model_details                    'FLAT MODEL' 
_refine.solvent_model_param_ksol                 0.489085 
_refine.solvent_model_param_bsol                 72.2037 
_refine.pdbx_solvent_vdw_probe_radii             ? 
_refine.pdbx_solvent_ion_probe_radii             ? 
_refine.pdbx_solvent_shrinkage_radii             ? 
_refine.pdbx_ls_cross_valid_method               THROUGHOUT 
_refine.details                                  ? 
_refine.pdbx_starting_model                      'PDb entry 1NK1' 
_refine.pdbx_method_to_determine_struct          'MOLECULAR REPLACEMENT' 
_refine.pdbx_isotropic_thermal_model             RESTRAINED 
_refine.pdbx_stereochemistry_target_values       'Engh & Huber' 
_refine.pdbx_stereochem_target_val_spec_case     ? 
_refine.pdbx_R_Free_selection_details            RANDOM 
_refine.pdbx_overall_ESU_R                       ? 
_refine.pdbx_overall_ESU_R_Free                  ? 
_refine.overall_SU_ML                            ? 
_refine.overall_SU_B                             ? 
_refine.ls_redundancy_reflns_obs                 ? 
_refine.B_iso_min                                ? 
_refine.B_iso_max                                ? 
_refine.overall_SU_R_Cruickshank_DPI             ? 
_refine.overall_SU_R_free                        ? 
_refine.ls_wR_factor_R_free                      ? 
_refine.ls_wR_factor_R_work                      ? 
_refine.overall_FOM_free_R_set                   ? 
_refine.overall_FOM_work_R_set                   ? 
_refine.pdbx_overall_phase_error                 ? 
_refine.pdbx_refine_id                           'X-RAY DIFFRACTION' 
_refine.pdbx_diffrn_id                           1 
_refine.pdbx_TLS_residual_ADP_flag               ? 
_refine.pdbx_overall_SU_R_free_Cruickshank_DPI   ? 
_refine.pdbx_overall_SU_R_Blow_DPI               ? 
_refine.pdbx_overall_SU_R_free_Blow_DPI          ? 
# 
_refine_analyze.entry_id                        3HMS 
_refine_analyze.Luzzati_coordinate_error_obs    0.19 
_refine_analyze.Luzzati_sigma_a_obs             0.11 
_refine_analyze.Luzzati_d_res_low_obs           5.00 
_refine_analyze.Luzzati_coordinate_error_free   0.25 
_refine_analyze.Luzzati_sigma_a_free            0.07 
_refine_analyze.Luzzati_d_res_low_free          ? 
_refine_analyze.number_disordered_residues      ? 
_refine_analyze.occupancy_sum_hydrogen          ? 
_refine_analyze.occupancy_sum_non_hydrogen      ? 
_refine_analyze.pdbx_Luzzati_d_res_high_obs     ? 
_refine_analyze.pdbx_refine_id                  'X-RAY DIFFRACTION' 
# 
_refine_hist.pdbx_refine_id                   'X-RAY DIFFRACTION' 
_refine_hist.cycle_id                         LAST 
_refine_hist.pdbx_number_atoms_protein        748 
_refine_hist.pdbx_number_atoms_nucleic_acid   0 
_refine_hist.pdbx_number_atoms_ligand         5 
_refine_hist.number_atoms_solvent             108 
_refine_hist.number_atoms_total               861 
_refine_hist.d_res_high                       1.70 
_refine_hist.d_res_low                        25.11 
# 
loop_
_refine_ls_restr.type 
_refine_ls_restr.dev_ideal 
_refine_ls_restr.dev_ideal_target 
_refine_ls_restr.weight 
_refine_ls_restr.number 
_refine_ls_restr.pdbx_refine_id 
_refine_ls_restr.pdbx_restraint_function 
c_bond_d           0.005 ?    ? ? 'X-RAY DIFFRACTION' ? 
c_angle_deg        1.2   ?    ? ? 'X-RAY DIFFRACTION' ? 
c_dihedral_angle_d 24.2  ?    ? ? 'X-RAY DIFFRACTION' ? 
c_improper_angle_d 0.84  ?    ? ? 'X-RAY DIFFRACTION' ? 
c_mcbond_it        1.42  1.50 ? ? 'X-RAY DIFFRACTION' ? 
c_mcangle_it       2.37  2.00 ? ? 'X-RAY DIFFRACTION' ? 
c_scbond_it        2.13  2.00 ? ? 'X-RAY DIFFRACTION' ? 
c_scangle_it       3.33  2.50 ? ? 'X-RAY DIFFRACTION' ? 
# 
_refine_ls_shell.pdbx_total_number_of_bins_used   6 
_refine_ls_shell.d_res_high                       1.70 
_refine_ls_shell.d_res_low                        1.76 
_refine_ls_shell.number_reflns_R_work             1329 
_refine_ls_shell.R_factor_R_work                  0.258 
_refine_ls_shell.percent_reflns_obs               89.3 
_refine_ls_shell.R_factor_R_free                  0.291 
_refine_ls_shell.R_factor_R_free_error            0.024 
_refine_ls_shell.percent_reflns_R_free            9.9 
_refine_ls_shell.number_reflns_R_free             80 
_refine_ls_shell.number_reflns_all                ? 
_refine_ls_shell.R_factor_all                     ? 
_refine_ls_shell.number_reflns_obs                871 
_refine_ls_shell.redundancy_reflns_obs            ? 
_refine_ls_shell.pdbx_refine_id                   'X-RAY DIFFRACTION' 
# 
loop_
_pdbx_xplor_file.serial_no 
_pdbx_xplor_file.param_file 
_pdbx_xplor_file.topol_file 
_pdbx_xplor_file.pdbx_refine_id 
1 protein_rep.param protein.top   'X-RAY DIFFRACTION' 
2 water_rep.param   water_rep.top 'X-RAY DIFFRACTION' 
3 ion.param         ion.top       'X-RAY DIFFRACTION' 
# 
_struct.entry_id                  3HMS 
_struct.title                     
;Crystal Crystal structure of the N-terminal fragment (28-126) of the human hepatocyte growth factor/scatter factor, orthorhombic crystal form
;
_struct.pdbx_model_details        ? 
_struct.pdbx_CASP_flag            ? 
_struct.pdbx_model_type_details   ? 
# 
_struct_keywords.entry_id        3HMS 
_struct_keywords.pdbx_keywords   HORMONE 
_struct_keywords.text            
;HGF/SF, hormone/growth factor, Disulfide bond, Glycoprotein, Growth factor, Kringle, Pyrrolidone carboxylic acid, Serine protease homolog, HORMONE
;
# 
loop_
_struct_asym.id 
_struct_asym.pdbx_blank_PDB_chainid_flag 
_struct_asym.pdbx_modified 
_struct_asym.entity_id 
_struct_asym.details 
A N N 1 ? 
B N N 2 ? 
C N N 3 ? 
# 
_struct_ref.id                         1 
_struct_ref.db_name                    UNP 
_struct_ref.db_code                    HGF_HUMAN 
_struct_ref.pdbx_db_accession          P14210 
_struct_ref.entity_id                  1 
_struct_ref.pdbx_seq_one_letter_code   
;YAEGQRKRRNTIHEFKKSAKTTLIKIDPALKIKTKKVNTADQCANRCTRNKGLPFTCKAFVFDKARKQCLWFPFNSMSSG
VKKEFGHEFDLYENKDYIR
;
_struct_ref.pdbx_align_begin           28 
_struct_ref.pdbx_db_isoform            ? 
# 
_struct_ref_seq.align_id                      1 
_struct_ref_seq.ref_id                        1 
_struct_ref_seq.pdbx_PDB_id_code              3HMS 
_struct_ref_seq.pdbx_strand_id                A 
_struct_ref_seq.seq_align_beg                 3 
_struct_ref_seq.pdbx_seq_align_beg_ins_code   ? 
_struct_ref_seq.seq_align_end                 101 
_struct_ref_seq.pdbx_seq_align_end_ins_code   ? 
_struct_ref_seq.pdbx_db_accession             P14210 
_struct_ref_seq.db_align_beg                  28 
_struct_ref_seq.pdbx_db_align_beg_ins_code    ? 
_struct_ref_seq.db_align_end                  126 
_struct_ref_seq.pdbx_db_align_end_ins_code    ? 
_struct_ref_seq.pdbx_auth_seq_align_beg       28 
_struct_ref_seq.pdbx_auth_seq_align_end       126 
# 
loop_
_struct_ref_seq_dif.align_id 
_struct_ref_seq_dif.pdbx_pdb_id_code 
_struct_ref_seq_dif.mon_id 
_struct_ref_seq_dif.pdbx_pdb_strand_id 
_struct_ref_seq_dif.seq_num 
_struct_ref_seq_dif.pdbx_pdb_ins_code 
_struct_ref_seq_dif.pdbx_seq_db_name 
_struct_ref_seq_dif.pdbx_seq_db_accession_code 
_struct_ref_seq_dif.db_mon_id 
_struct_ref_seq_dif.pdbx_seq_db_seq_num 
_struct_ref_seq_dif.details 
_struct_ref_seq_dif.pdbx_auth_seq_num 
_struct_ref_seq_dif.pdbx_ordinal 
1 3HMS GLY A 1 ? UNP P14210 ? ? 'expression tag' 26 1 
1 3HMS SER A 2 ? UNP P14210 ? ? 'expression tag' 27 2 
# 
_pdbx_struct_assembly.id                   1 
_pdbx_struct_assembly.details              author_and_software_defined_assembly 
_pdbx_struct_assembly.method_details       PISA 
_pdbx_struct_assembly.oligomeric_details   monomeric 
_pdbx_struct_assembly.oligomeric_count     1 
# 
_pdbx_struct_assembly_gen.assembly_id       1 
_pdbx_struct_assembly_gen.oper_expression   1 
_pdbx_struct_assembly_gen.asym_id_list      A,B,C 
# 
_pdbx_struct_oper_list.id                   1 
_pdbx_struct_oper_list.type                 'identity operation' 
_pdbx_struct_oper_list.name                 1_555 
_pdbx_struct_oper_list.symmetry_operation   x,y,z 
_pdbx_struct_oper_list.matrix[1][1]         1.0000000000 
_pdbx_struct_oper_list.matrix[1][2]         0.0000000000 
_pdbx_struct_oper_list.matrix[1][3]         0.0000000000 
_pdbx_struct_oper_list.vector[1]            0.0000000000 
_pdbx_struct_oper_list.matrix[2][1]         0.0000000000 
_pdbx_struct_oper_list.matrix[2][2]         1.0000000000 
_pdbx_struct_oper_list.matrix[2][3]         0.0000000000 
_pdbx_struct_oper_list.vector[2]            0.0000000000 
_pdbx_struct_oper_list.matrix[3][1]         0.0000000000 
_pdbx_struct_oper_list.matrix[3][2]         0.0000000000 
_pdbx_struct_oper_list.matrix[3][3]         1.0000000000 
_pdbx_struct_oper_list.vector[3]            0.0000000000 
# 
_struct_biol.id        1 
_struct_biol.details   ? 
# 
loop_
_struct_conf.conf_type_id 
_struct_conf.id 
_struct_conf.pdbx_PDB_helix_id 
_struct_conf.beg_label_comp_id 
_struct_conf.beg_label_asym_id 
_struct_conf.beg_label_seq_id 
_struct_conf.pdbx_beg_PDB_ins_code 
_struct_conf.end_label_comp_id 
_struct_conf.end_label_asym_id 
_struct_conf.end_label_seq_id 
_struct_conf.pdbx_end_PDB_ins_code 
_struct_conf.beg_auth_comp_id 
_struct_conf.beg_auth_asym_id 
_struct_conf.beg_auth_seq_id 
_struct_conf.end_auth_comp_id 
_struct_conf.end_auth_asym_id 
_struct_conf.end_auth_seq_id 
_struct_conf.pdbx_PDB_helix_class 
_struct_conf.details 
_struct_conf.pdbx_PDB_helix_length 
HELX_P HELX_P1 1 THR A 13 ? HIS A 15  ? THR A 38  HIS A 40  5 ? 3  
HELX_P HELX_P2 2 THR A 41 ? ASN A 52  ? THR A 66  ASN A 77  1 ? 12 
HELX_P HELX_P3 3 ASP A 98 ? ILE A 100 ? ASP A 123 ILE A 125 5 ? 3  
# 
_struct_conf_type.id          HELX_P 
_struct_conf_type.criteria    ? 
_struct_conf_type.reference   ? 
# 
loop_
_struct_conn.id 
_struct_conn.conn_type_id 
_struct_conn.pdbx_leaving_atom_flag 
_struct_conn.pdbx_PDB_id 
_struct_conn.ptnr1_label_asym_id 
_struct_conn.ptnr1_label_comp_id 
_struct_conn.ptnr1_label_seq_id 
_struct_conn.ptnr1_label_atom_id 
_struct_conn.pdbx_ptnr1_label_alt_id 
_struct_conn.pdbx_ptnr1_PDB_ins_code 
_struct_conn.pdbx_ptnr1_standard_comp_id 
_struct_conn.ptnr1_symmetry 
_struct_conn.ptnr2_label_asym_id 
_struct_conn.ptnr2_label_comp_id 
_struct_conn.ptnr2_label_seq_id 
_struct_conn.ptnr2_label_atom_id 
_struct_conn.pdbx_ptnr2_label_alt_id 
_struct_conn.pdbx_ptnr2_PDB_ins_code 
_struct_conn.ptnr1_auth_asym_id 
_struct_conn.ptnr1_auth_comp_id 
_struct_conn.ptnr1_auth_seq_id 
_struct_conn.ptnr2_auth_asym_id 
_struct_conn.ptnr2_auth_comp_id 
_struct_conn.ptnr2_auth_seq_id 
_struct_conn.ptnr2_symmetry 
_struct_conn.pdbx_ptnr3_label_atom_id 
_struct_conn.pdbx_ptnr3_label_seq_id 
_struct_conn.pdbx_ptnr3_label_comp_id 
_struct_conn.pdbx_ptnr3_label_asym_id 
_struct_conn.pdbx_ptnr3_label_alt_id 
_struct_conn.pdbx_ptnr3_PDB_ins_code 
_struct_conn.details 
_struct_conn.pdbx_dist_value 
_struct_conn.pdbx_value_order 
_struct_conn.pdbx_role 
disulf1 disulf ? ? A CYS 45 SG A ? ? 1_555 A CYS 71 SG A ? A CYS 70 A CYS 96 1_555 ? ? ? ? ? ? ? 2.025 ? ? 
disulf2 disulf ? ? A CYS 45 SG B ? ? 1_555 A CYS 71 SG B ? A CYS 70 A CYS 96 1_555 ? ? ? ? ? ? ? 2.024 ? ? 
disulf3 disulf ? ? A CYS 49 SG ? ? ? 1_555 A CYS 59 SG ? ? A CYS 74 A CYS 84 1_555 ? ? ? ? ? ? ? 2.045 ? ? 
# 
_struct_conn_type.id          disulf 
_struct_conn_type.criteria    ? 
_struct_conn_type.reference   ? 
# 
loop_
_pdbx_modification_feature.ordinal 
_pdbx_modification_feature.label_comp_id 
_pdbx_modification_feature.label_asym_id 
_pdbx_modification_feature.label_seq_id 
_pdbx_modification_feature.label_alt_id 
_pdbx_modification_feature.modified_residue_label_comp_id 
_pdbx_modification_feature.modified_residue_label_asym_id 
_pdbx_modification_feature.modified_residue_label_seq_id 
_pdbx_modification_feature.modified_residue_label_alt_id 
_pdbx_modification_feature.auth_comp_id 
_pdbx_modification_feature.auth_asym_id 
_pdbx_modification_feature.auth_seq_id 
_pdbx_modification_feature.PDB_ins_code 
_pdbx_modification_feature.symmetry 
_pdbx_modification_feature.modified_residue_auth_comp_id 
_pdbx_modification_feature.modified_residue_auth_asym_id 
_pdbx_modification_feature.modified_residue_auth_seq_id 
_pdbx_modification_feature.modified_residue_PDB_ins_code 
_pdbx_modification_feature.modified_residue_symmetry 
_pdbx_modification_feature.comp_id_linking_atom 
_pdbx_modification_feature.modified_residue_id_linking_atom 
_pdbx_modification_feature.modified_residue_id 
_pdbx_modification_feature.ref_pcm_id 
_pdbx_modification_feature.ref_comp_id 
_pdbx_modification_feature.type 
_pdbx_modification_feature.category 
1 CYS A 45 A CYS A 71 A CYS A 70 ? 1_555 CYS A 96 ? 1_555 SG SG . . . None 'Disulfide bridge' 
2 CYS A 45 B CYS A 71 B CYS A 70 ? 1_555 CYS A 96 ? 1_555 SG SG . . . None 'Disulfide bridge' 
3 CYS A 49 ? CYS A 59 ? CYS A 74 ? 1_555 CYS A 84 ? 1_555 SG SG . . . None 'Disulfide bridge' 
# 
_struct_sheet.id               A 
_struct_sheet.type             ? 
_struct_sheet.number_strands   5 
_struct_sheet.details          ? 
# 
loop_
_struct_sheet_order.sheet_id 
_struct_sheet_order.range_id_1 
_struct_sheet_order.range_id_2 
_struct_sheet_order.offset 
_struct_sheet_order.sense 
A 1 2 ? anti-parallel 
A 2 3 ? anti-parallel 
A 3 4 ? anti-parallel 
A 4 5 ? anti-parallel 
# 
loop_
_struct_sheet_range.sheet_id 
_struct_sheet_range.id 
_struct_sheet_range.beg_label_comp_id 
_struct_sheet_range.beg_label_asym_id 
_struct_sheet_range.beg_label_seq_id 
_struct_sheet_range.pdbx_beg_PDB_ins_code 
_struct_sheet_range.end_label_comp_id 
_struct_sheet_range.end_label_asym_id 
_struct_sheet_range.end_label_seq_id 
_struct_sheet_range.pdbx_end_PDB_ins_code 
_struct_sheet_range.beg_auth_comp_id 
_struct_sheet_range.beg_auth_asym_id 
_struct_sheet_range.beg_auth_seq_id 
_struct_sheet_range.end_auth_comp_id 
_struct_sheet_range.end_auth_asym_id 
_struct_sheet_range.end_auth_seq_id 
A 1 PHE A 17 ? LYS A 27 ? PHE A 42  LYS A 52  
A 2 VAL A 83 ? ASN A 96 ? VAL A 108 ASN A 121 
A 3 ALA A 61 ? ASP A 65 ? ALA A 86  ASP A 90  
A 4 GLN A 70 ? PHE A 74 ? GLN A 95  PHE A 99  
A 5 LYS A 35 ? LYS A 38 ? LYS A 60  LYS A 63  
# 
loop_
_pdbx_struct_sheet_hbond.sheet_id 
_pdbx_struct_sheet_hbond.range_id_1 
_pdbx_struct_sheet_hbond.range_id_2 
_pdbx_struct_sheet_hbond.range_1_label_atom_id 
_pdbx_struct_sheet_hbond.range_1_label_comp_id 
_pdbx_struct_sheet_hbond.range_1_label_asym_id 
_pdbx_struct_sheet_hbond.range_1_label_seq_id 
_pdbx_struct_sheet_hbond.range_1_PDB_ins_code 
_pdbx_struct_sheet_hbond.range_1_auth_atom_id 
_pdbx_struct_sheet_hbond.range_1_auth_comp_id 
_pdbx_struct_sheet_hbond.range_1_auth_asym_id 
_pdbx_struct_sheet_hbond.range_1_auth_seq_id 
_pdbx_struct_sheet_hbond.range_2_label_atom_id 
_pdbx_struct_sheet_hbond.range_2_label_comp_id 
_pdbx_struct_sheet_hbond.range_2_label_asym_id 
_pdbx_struct_sheet_hbond.range_2_label_seq_id 
_pdbx_struct_sheet_hbond.range_2_PDB_ins_code 
_pdbx_struct_sheet_hbond.range_2_auth_atom_id 
_pdbx_struct_sheet_hbond.range_2_auth_comp_id 
_pdbx_struct_sheet_hbond.range_2_auth_asym_id 
_pdbx_struct_sheet_hbond.range_2_auth_seq_id 
A 1 2 N ILE A 26 ? N ILE A 51  O LYS A 84 ? O LYS A 109 
A 2 3 O TYR A 94 ? O TYR A 119 N PHE A 62 ? N PHE A 87  
A 3 4 N ALA A 61 ? N ALA A 86  O PHE A 74 ? O PHE A 99  
A 4 5 O TRP A 73 ? O TRP A 98  N LYS A 35 ? N LYS A 60  
# 
_struct_site.id                   AC1 
_struct_site.pdbx_evidence_code   Software 
_struct_site.pdbx_auth_asym_id    A 
_struct_site.pdbx_auth_comp_id    SO4 
_struct_site.pdbx_auth_seq_id     301 
_struct_site.pdbx_auth_ins_code   ? 
_struct_site.pdbx_num_residues    5 
_struct_site.details              'BINDING SITE FOR RESIDUE SO4 A 301' 
# 
loop_
_struct_site_gen.id 
_struct_site_gen.site_id 
_struct_site_gen.pdbx_num_res 
_struct_site_gen.label_comp_id 
_struct_site_gen.label_asym_id 
_struct_site_gen.label_seq_id 
_struct_site_gen.pdbx_auth_ins_code 
_struct_site_gen.auth_comp_id 
_struct_site_gen.auth_asym_id 
_struct_site_gen.auth_seq_id 
_struct_site_gen.label_atom_id 
_struct_site_gen.label_alt_id 
_struct_site_gen.symmetry 
_struct_site_gen.details 
1 AC1 5 ARG A 11 ? ARG A 36   . ? 4_545 ? 
2 AC1 5 ASN A 12 ? ASN A 37   . ? 4_545 ? 
3 AC1 5 SER A 80 ? SER A 105  . ? 1_555 ? 
4 AC1 5 HOH C .  ? HOH A 1011 . ? 1_555 ? 
5 AC1 5 HOH C .  ? HOH A 1085 . ? 1_555 ? 
# 
_pdbx_entry_details.entry_id                   3HMS 
_pdbx_entry_details.compound_details           ? 
_pdbx_entry_details.source_details             ? 
_pdbx_entry_details.nonpolymer_details         ? 
_pdbx_entry_details.sequence_details           ? 
_pdbx_entry_details.has_ligand_of_interest     ? 
_pdbx_entry_details.has_protein_modification   Y 
# 
_pdbx_validate_rmsd_angle.id                         1 
_pdbx_validate_rmsd_angle.PDB_model_num              1 
_pdbx_validate_rmsd_angle.auth_atom_id_1             CA 
_pdbx_validate_rmsd_angle.auth_asym_id_1             A 
_pdbx_validate_rmsd_angle.auth_comp_id_1             CYS 
_pdbx_validate_rmsd_angle.auth_seq_id_1              96 
_pdbx_validate_rmsd_angle.PDB_ins_code_1             ? 
_pdbx_validate_rmsd_angle.label_alt_id_1             A 
_pdbx_validate_rmsd_angle.auth_atom_id_2             CB 
_pdbx_validate_rmsd_angle.auth_asym_id_2             A 
_pdbx_validate_rmsd_angle.auth_comp_id_2             CYS 
_pdbx_validate_rmsd_angle.auth_seq_id_2              96 
_pdbx_validate_rmsd_angle.PDB_ins_code_2             ? 
_pdbx_validate_rmsd_angle.label_alt_id_2             A 
_pdbx_validate_rmsd_angle.auth_atom_id_3             SG 
_pdbx_validate_rmsd_angle.auth_asym_id_3             A 
_pdbx_validate_rmsd_angle.auth_comp_id_3             CYS 
_pdbx_validate_rmsd_angle.auth_seq_id_3              96 
_pdbx_validate_rmsd_angle.PDB_ins_code_3             ? 
_pdbx_validate_rmsd_angle.label_alt_id_3             A 
_pdbx_validate_rmsd_angle.angle_value                121.21 
_pdbx_validate_rmsd_angle.angle_target_value         114.20 
_pdbx_validate_rmsd_angle.angle_deviation            7.01 
_pdbx_validate_rmsd_angle.angle_standard_deviation   1.10 
_pdbx_validate_rmsd_angle.linker_flag                N 
# 
loop_
_pdbx_validate_torsion.id 
_pdbx_validate_torsion.PDB_model_num 
_pdbx_validate_torsion.auth_comp_id 
_pdbx_validate_torsion.auth_asym_id 
_pdbx_validate_torsion.auth_seq_id 
_pdbx_validate_torsion.PDB_ins_code 
_pdbx_validate_torsion.label_alt_id 
_pdbx_validate_torsion.phi 
_pdbx_validate_torsion.psi 
1 1 ASN A 77 ? A 50.52  12.96 
2 1 ASN A 77 ? B 50.56  12.17 
3 1 PRO A 81 ? ? -72.99 28.42 
# 
loop_
_pdbx_unobs_or_zero_occ_residues.id 
_pdbx_unobs_or_zero_occ_residues.PDB_model_num 
_pdbx_unobs_or_zero_occ_residues.polymer_flag 
_pdbx_unobs_or_zero_occ_residues.occupancy_flag 
_pdbx_unobs_or_zero_occ_residues.auth_asym_id 
_pdbx_unobs_or_zero_occ_residues.auth_comp_id 
_pdbx_unobs_or_zero_occ_residues.auth_seq_id 
_pdbx_unobs_or_zero_occ_residues.PDB_ins_code 
_pdbx_unobs_or_zero_occ_residues.label_asym_id 
_pdbx_unobs_or_zero_occ_residues.label_comp_id 
_pdbx_unobs_or_zero_occ_residues.label_seq_id 
1  1 Y 1 A GLY 26 ? A GLY 1  
2  1 Y 1 A SER 27 ? A SER 2  
3  1 Y 1 A TYR 28 ? A TYR 3  
4  1 Y 1 A ALA 29 ? A ALA 4  
5  1 Y 1 A GLU 30 ? A GLU 5  
6  1 Y 1 A GLY 31 ? A GLY 6  
7  1 Y 1 A GLN 32 ? A GLN 7  
8  1 Y 1 A ARG 33 ? A ARG 8  
9  1 Y 1 A LYS 34 ? A LYS 9  
10 1 Y 1 A ARG 35 ? A ARG 10 
# 
loop_
_chem_comp_atom.comp_id 
_chem_comp_atom.atom_id 
_chem_comp_atom.type_symbol 
_chem_comp_atom.pdbx_aromatic_flag 
_chem_comp_atom.pdbx_stereo_config 
_chem_comp_atom.pdbx_ordinal 
ALA N    N N N 1   
ALA CA   C N S 2   
ALA C    C N N 3   
ALA O    O N N 4   
ALA CB   C N N 5   
ALA OXT  O N N 6   
ALA H    H N N 7   
ALA H2   H N N 8   
ALA HA   H N N 9   
ALA HB1  H N N 10  
ALA HB2  H N N 11  
ALA HB3  H N N 12  
ALA HXT  H N N 13  
ARG N    N N N 14  
ARG CA   C N S 15  
ARG C    C N N 16  
ARG O    O N N 17  
ARG CB   C N N 18  
ARG CG   C N N 19  
ARG CD   C N N 20  
ARG NE   N N N 21  
ARG CZ   C N N 22  
ARG NH1  N N N 23  
ARG NH2  N N N 24  
ARG OXT  O N N 25  
ARG H    H N N 26  
ARG H2   H N N 27  
ARG HA   H N N 28  
ARG HB2  H N N 29  
ARG HB3  H N N 30  
ARG HG2  H N N 31  
ARG HG3  H N N 32  
ARG HD2  H N N 33  
ARG HD3  H N N 34  
ARG HE   H N N 35  
ARG HH11 H N N 36  
ARG HH12 H N N 37  
ARG HH21 H N N 38  
ARG HH22 H N N 39  
ARG HXT  H N N 40  
ASN N    N N N 41  
ASN CA   C N S 42  
ASN C    C N N 43  
ASN O    O N N 44  
ASN CB   C N N 45  
ASN CG   C N N 46  
ASN OD1  O N N 47  
ASN ND2  N N N 48  
ASN OXT  O N N 49  
ASN H    H N N 50  
ASN H2   H N N 51  
ASN HA   H N N 52  
ASN HB2  H N N 53  
ASN HB3  H N N 54  
ASN HD21 H N N 55  
ASN HD22 H N N 56  
ASN HXT  H N N 57  
ASP N    N N N 58  
ASP CA   C N S 59  
ASP C    C N N 60  
ASP O    O N N 61  
ASP CB   C N N 62  
ASP CG   C N N 63  
ASP OD1  O N N 64  
ASP OD2  O N N 65  
ASP OXT  O N N 66  
ASP H    H N N 67  
ASP H2   H N N 68  
ASP HA   H N N 69  
ASP HB2  H N N 70  
ASP HB3  H N N 71  
ASP HD2  H N N 72  
ASP HXT  H N N 73  
CYS N    N N N 74  
CYS CA   C N R 75  
CYS C    C N N 76  
CYS O    O N N 77  
CYS CB   C N N 78  
CYS SG   S N N 79  
CYS OXT  O N N 80  
CYS H    H N N 81  
CYS H2   H N N 82  
CYS HA   H N N 83  
CYS HB2  H N N 84  
CYS HB3  H N N 85  
CYS HG   H N N 86  
CYS HXT  H N N 87  
GLN N    N N N 88  
GLN CA   C N S 89  
GLN C    C N N 90  
GLN O    O N N 91  
GLN CB   C N N 92  
GLN CG   C N N 93  
GLN CD   C N N 94  
GLN OE1  O N N 95  
GLN NE2  N N N 96  
GLN OXT  O N N 97  
GLN H    H N N 98  
GLN H2   H N N 99  
GLN HA   H N N 100 
GLN HB2  H N N 101 
GLN HB3  H N N 102 
GLN HG2  H N N 103 
GLN HG3  H N N 104 
GLN HE21 H N N 105 
GLN HE22 H N N 106 
GLN HXT  H N N 107 
GLU N    N N N 108 
GLU CA   C N S 109 
GLU C    C N N 110 
GLU O    O N N 111 
GLU CB   C N N 112 
GLU CG   C N N 113 
GLU CD   C N N 114 
GLU OE1  O N N 115 
GLU OE2  O N N 116 
GLU OXT  O N N 117 
GLU H    H N N 118 
GLU H2   H N N 119 
GLU HA   H N N 120 
GLU HB2  H N N 121 
GLU HB3  H N N 122 
GLU HG2  H N N 123 
GLU HG3  H N N 124 
GLU HE2  H N N 125 
GLU HXT  H N N 126 
GLY N    N N N 127 
GLY CA   C N N 128 
GLY C    C N N 129 
GLY O    O N N 130 
GLY OXT  O N N 131 
GLY H    H N N 132 
GLY H2   H N N 133 
GLY HA2  H N N 134 
GLY HA3  H N N 135 
GLY HXT  H N N 136 
HIS N    N N N 137 
HIS CA   C N S 138 
HIS C    C N N 139 
HIS O    O N N 140 
HIS CB   C N N 141 
HIS CG   C Y N 142 
HIS ND1  N Y N 143 
HIS CD2  C Y N 144 
HIS CE1  C Y N 145 
HIS NE2  N Y N 146 
HIS OXT  O N N 147 
HIS H    H N N 148 
HIS H2   H N N 149 
HIS HA   H N N 150 
HIS HB2  H N N 151 
HIS HB3  H N N 152 
HIS HD1  H N N 153 
HIS HD2  H N N 154 
HIS HE1  H N N 155 
HIS HE2  H N N 156 
HIS HXT  H N N 157 
HOH O    O N N 158 
HOH H1   H N N 159 
HOH H2   H N N 160 
ILE N    N N N 161 
ILE CA   C N S 162 
ILE C    C N N 163 
ILE O    O N N 164 
ILE CB   C N S 165 
ILE CG1  C N N 166 
ILE CG2  C N N 167 
ILE CD1  C N N 168 
ILE OXT  O N N 169 
ILE H    H N N 170 
ILE H2   H N N 171 
ILE HA   H N N 172 
ILE HB   H N N 173 
ILE HG12 H N N 174 
ILE HG13 H N N 175 
ILE HG21 H N N 176 
ILE HG22 H N N 177 
ILE HG23 H N N 178 
ILE HD11 H N N 179 
ILE HD12 H N N 180 
ILE HD13 H N N 181 
ILE HXT  H N N 182 
LEU N    N N N 183 
LEU CA   C N S 184 
LEU C    C N N 185 
LEU O    O N N 186 
LEU CB   C N N 187 
LEU CG   C N N 188 
LEU CD1  C N N 189 
LEU CD2  C N N 190 
LEU OXT  O N N 191 
LEU H    H N N 192 
LEU H2   H N N 193 
LEU HA   H N N 194 
LEU HB2  H N N 195 
LEU HB3  H N N 196 
LEU HG   H N N 197 
LEU HD11 H N N 198 
LEU HD12 H N N 199 
LEU HD13 H N N 200 
LEU HD21 H N N 201 
LEU HD22 H N N 202 
LEU HD23 H N N 203 
LEU HXT  H N N 204 
LYS N    N N N 205 
LYS CA   C N S 206 
LYS C    C N N 207 
LYS O    O N N 208 
LYS CB   C N N 209 
LYS CG   C N N 210 
LYS CD   C N N 211 
LYS CE   C N N 212 
LYS NZ   N N N 213 
LYS OXT  O N N 214 
LYS H    H N N 215 
LYS H2   H N N 216 
LYS HA   H N N 217 
LYS HB2  H N N 218 
LYS HB3  H N N 219 
LYS HG2  H N N 220 
LYS HG3  H N N 221 
LYS HD2  H N N 222 
LYS HD3  H N N 223 
LYS HE2  H N N 224 
LYS HE3  H N N 225 
LYS HZ1  H N N 226 
LYS HZ2  H N N 227 
LYS HZ3  H N N 228 
LYS HXT  H N N 229 
MET N    N N N 230 
MET CA   C N S 231 
MET C    C N N 232 
MET O    O N N 233 
MET CB   C N N 234 
MET CG   C N N 235 
MET SD   S N N 236 
MET CE   C N N 237 
MET OXT  O N N 238 
MET H    H N N 239 
MET H2   H N N 240 
MET HA   H N N 241 
MET HB2  H N N 242 
MET HB3  H N N 243 
MET HG2  H N N 244 
MET HG3  H N N 245 
MET HE1  H N N 246 
MET HE2  H N N 247 
MET HE3  H N N 248 
MET HXT  H N N 249 
PHE N    N N N 250 
PHE CA   C N S 251 
PHE C    C N N 252 
PHE O    O N N 253 
PHE CB   C N N 254 
PHE CG   C Y N 255 
PHE CD1  C Y N 256 
PHE CD2  C Y N 257 
PHE CE1  C Y N 258 
PHE CE2  C Y N 259 
PHE CZ   C Y N 260 
PHE OXT  O N N 261 
PHE H    H N N 262 
PHE H2   H N N 263 
PHE HA   H N N 264 
PHE HB2  H N N 265 
PHE HB3  H N N 266 
PHE HD1  H N N 267 
PHE HD2  H N N 268 
PHE HE1  H N N 269 
PHE HE2  H N N 270 
PHE HZ   H N N 271 
PHE HXT  H N N 272 
PRO N    N N N 273 
PRO CA   C N S 274 
PRO C    C N N 275 
PRO O    O N N 276 
PRO CB   C N N 277 
PRO CG   C N N 278 
PRO CD   C N N 279 
PRO OXT  O N N 280 
PRO H    H N N 281 
PRO HA   H N N 282 
PRO HB2  H N N 283 
PRO HB3  H N N 284 
PRO HG2  H N N 285 
PRO HG3  H N N 286 
PRO HD2  H N N 287 
PRO HD3  H N N 288 
PRO HXT  H N N 289 
SER N    N N N 290 
SER CA   C N S 291 
SER C    C N N 292 
SER O    O N N 293 
SER CB   C N N 294 
SER OG   O N N 295 
SER OXT  O N N 296 
SER H    H N N 297 
SER H2   H N N 298 
SER HA   H N N 299 
SER HB2  H N N 300 
SER HB3  H N N 301 
SER HG   H N N 302 
SER HXT  H N N 303 
SO4 S    S N N 304 
SO4 O1   O N N 305 
SO4 O2   O N N 306 
SO4 O3   O N N 307 
SO4 O4   O N N 308 
THR N    N N N 309 
THR CA   C N S 310 
THR C    C N N 311 
THR O    O N N 312 
THR CB   C N R 313 
THR OG1  O N N 314 
THR CG2  C N N 315 
THR OXT  O N N 316 
THR H    H N N 317 
THR H2   H N N 318 
THR HA   H N N 319 
THR HB   H N N 320 
THR HG1  H N N 321 
THR HG21 H N N 322 
THR HG22 H N N 323 
THR HG23 H N N 324 
THR HXT  H N N 325 
TRP N    N N N 326 
TRP CA   C N S 327 
TRP C    C N N 328 
TRP O    O N N 329 
TRP CB   C N N 330 
TRP CG   C Y N 331 
TRP CD1  C Y N 332 
TRP CD2  C Y N 333 
TRP NE1  N Y N 334 
TRP CE2  C Y N 335 
TRP CE3  C Y N 336 
TRP CZ2  C Y N 337 
TRP CZ3  C Y N 338 
TRP CH2  C Y N 339 
TRP OXT  O N N 340 
TRP H    H N N 341 
TRP H2   H N N 342 
TRP HA   H N N 343 
TRP HB2  H N N 344 
TRP HB3  H N N 345 
TRP HD1  H N N 346 
TRP HE1  H N N 347 
TRP HE3  H N N 348 
TRP HZ2  H N N 349 
TRP HZ3  H N N 350 
TRP HH2  H N N 351 
TRP HXT  H N N 352 
TYR N    N N N 353 
TYR CA   C N S 354 
TYR C    C N N 355 
TYR O    O N N 356 
TYR CB   C N N 357 
TYR CG   C Y N 358 
TYR CD1  C Y N 359 
TYR CD2  C Y N 360 
TYR CE1  C Y N 361 
TYR CE2  C Y N 362 
TYR CZ   C Y N 363 
TYR OH   O N N 364 
TYR OXT  O N N 365 
TYR H    H N N 366 
TYR H2   H N N 367 
TYR HA   H N N 368 
TYR HB2  H N N 369 
TYR HB3  H N N 370 
TYR HD1  H N N 371 
TYR HD2  H N N 372 
TYR HE1  H N N 373 
TYR HE2  H N N 374 
TYR HH   H N N 375 
TYR HXT  H N N 376 
VAL N    N N N 377 
VAL CA   C N S 378 
VAL C    C N N 379 
VAL O    O N N 380 
VAL CB   C N N 381 
VAL CG1  C N N 382 
VAL CG2  C N N 383 
VAL OXT  O N N 384 
VAL H    H N N 385 
VAL H2   H N N 386 
VAL HA   H N N 387 
VAL HB   H N N 388 
VAL HG11 H N N 389 
VAL HG12 H N N 390 
VAL HG13 H N N 391 
VAL HG21 H N N 392 
VAL HG22 H N N 393 
VAL HG23 H N N 394 
VAL HXT  H N N 395 
# 
loop_
_chem_comp_bond.comp_id 
_chem_comp_bond.atom_id_1 
_chem_comp_bond.atom_id_2 
_chem_comp_bond.value_order 
_chem_comp_bond.pdbx_aromatic_flag 
_chem_comp_bond.pdbx_stereo_config 
_chem_comp_bond.pdbx_ordinal 
ALA N   CA   sing N N 1   
ALA N   H    sing N N 2   
ALA N   H2   sing N N 3   
ALA CA  C    sing N N 4   
ALA CA  CB   sing N N 5   
ALA CA  HA   sing N N 6   
ALA C   O    doub N N 7   
ALA C   OXT  sing N N 8   
ALA CB  HB1  sing N N 9   
ALA CB  HB2  sing N N 10  
ALA CB  HB3  sing N N 11  
ALA OXT HXT  sing N N 12  
ARG N   CA   sing N N 13  
ARG N   H    sing N N 14  
ARG N   H2   sing N N 15  
ARG CA  C    sing N N 16  
ARG CA  CB   sing N N 17  
ARG CA  HA   sing N N 18  
ARG C   O    doub N N 19  
ARG C   OXT  sing N N 20  
ARG CB  CG   sing N N 21  
ARG CB  HB2  sing N N 22  
ARG CB  HB3  sing N N 23  
ARG CG  CD   sing N N 24  
ARG CG  HG2  sing N N 25  
ARG CG  HG3  sing N N 26  
ARG CD  NE   sing N N 27  
ARG CD  HD2  sing N N 28  
ARG CD  HD3  sing N N 29  
ARG NE  CZ   sing N N 30  
ARG NE  HE   sing N N 31  
ARG CZ  NH1  sing N N 32  
ARG CZ  NH2  doub N N 33  
ARG NH1 HH11 sing N N 34  
ARG NH1 HH12 sing N N 35  
ARG NH2 HH21 sing N N 36  
ARG NH2 HH22 sing N N 37  
ARG OXT HXT  sing N N 38  
ASN N   CA   sing N N 39  
ASN N   H    sing N N 40  
ASN N   H2   sing N N 41  
ASN CA  C    sing N N 42  
ASN CA  CB   sing N N 43  
ASN CA  HA   sing N N 44  
ASN C   O    doub N N 45  
ASN C   OXT  sing N N 46  
ASN CB  CG   sing N N 47  
ASN CB  HB2  sing N N 48  
ASN CB  HB3  sing N N 49  
ASN CG  OD1  doub N N 50  
ASN CG  ND2  sing N N 51  
ASN ND2 HD21 sing N N 52  
ASN ND2 HD22 sing N N 53  
ASN OXT HXT  sing N N 54  
ASP N   CA   sing N N 55  
ASP N   H    sing N N 56  
ASP N   H2   sing N N 57  
ASP CA  C    sing N N 58  
ASP CA  CB   sing N N 59  
ASP CA  HA   sing N N 60  
ASP C   O    doub N N 61  
ASP C   OXT  sing N N 62  
ASP CB  CG   sing N N 63  
ASP CB  HB2  sing N N 64  
ASP CB  HB3  sing N N 65  
ASP CG  OD1  doub N N 66  
ASP CG  OD2  sing N N 67  
ASP OD2 HD2  sing N N 68  
ASP OXT HXT  sing N N 69  
CYS N   CA   sing N N 70  
CYS N   H    sing N N 71  
CYS N   H2   sing N N 72  
CYS CA  C    sing N N 73  
CYS CA  CB   sing N N 74  
CYS CA  HA   sing N N 75  
CYS C   O    doub N N 76  
CYS C   OXT  sing N N 77  
CYS CB  SG   sing N N 78  
CYS CB  HB2  sing N N 79  
CYS CB  HB3  sing N N 80  
CYS SG  HG   sing N N 81  
CYS OXT HXT  sing N N 82  
GLN N   CA   sing N N 83  
GLN N   H    sing N N 84  
GLN N   H2   sing N N 85  
GLN CA  C    sing N N 86  
GLN CA  CB   sing N N 87  
GLN CA  HA   sing N N 88  
GLN C   O    doub N N 89  
GLN C   OXT  sing N N 90  
GLN CB  CG   sing N N 91  
GLN CB  HB2  sing N N 92  
GLN CB  HB3  sing N N 93  
GLN CG  CD   sing N N 94  
GLN CG  HG2  sing N N 95  
GLN CG  HG3  sing N N 96  
GLN CD  OE1  doub N N 97  
GLN CD  NE2  sing N N 98  
GLN NE2 HE21 sing N N 99  
GLN NE2 HE22 sing N N 100 
GLN OXT HXT  sing N N 101 
GLU N   CA   sing N N 102 
GLU N   H    sing N N 103 
GLU N   H2   sing N N 104 
GLU CA  C    sing N N 105 
GLU CA  CB   sing N N 106 
GLU CA  HA   sing N N 107 
GLU C   O    doub N N 108 
GLU C   OXT  sing N N 109 
GLU CB  CG   sing N N 110 
GLU CB  HB2  sing N N 111 
GLU CB  HB3  sing N N 112 
GLU CG  CD   sing N N 113 
GLU CG  HG2  sing N N 114 
GLU CG  HG3  sing N N 115 
GLU CD  OE1  doub N N 116 
GLU CD  OE2  sing N N 117 
GLU OE2 HE2  sing N N 118 
GLU OXT HXT  sing N N 119 
GLY N   CA   sing N N 120 
GLY N   H    sing N N 121 
GLY N   H2   sing N N 122 
GLY CA  C    sing N N 123 
GLY CA  HA2  sing N N 124 
GLY CA  HA3  sing N N 125 
GLY C   O    doub N N 126 
GLY C   OXT  sing N N 127 
GLY OXT HXT  sing N N 128 
HIS N   CA   sing N N 129 
HIS N   H    sing N N 130 
HIS N   H2   sing N N 131 
HIS CA  C    sing N N 132 
HIS CA  CB   sing N N 133 
HIS CA  HA   sing N N 134 
HIS C   O    doub N N 135 
HIS C   OXT  sing N N 136 
HIS CB  CG   sing N N 137 
HIS CB  HB2  sing N N 138 
HIS CB  HB3  sing N N 139 
HIS CG  ND1  sing Y N 140 
HIS CG  CD2  doub Y N 141 
HIS ND1 CE1  doub Y N 142 
HIS ND1 HD1  sing N N 143 
HIS CD2 NE2  sing Y N 144 
HIS CD2 HD2  sing N N 145 
HIS CE1 NE2  sing Y N 146 
HIS CE1 HE1  sing N N 147 
HIS NE2 HE2  sing N N 148 
HIS OXT HXT  sing N N 149 
HOH O   H1   sing N N 150 
HOH O   H2   sing N N 151 
ILE N   CA   sing N N 152 
ILE N   H    sing N N 153 
ILE N   H2   sing N N 154 
ILE CA  C    sing N N 155 
ILE CA  CB   sing N N 156 
ILE CA  HA   sing N N 157 
ILE C   O    doub N N 158 
ILE C   OXT  sing N N 159 
ILE CB  CG1  sing N N 160 
ILE CB  CG2  sing N N 161 
ILE CB  HB   sing N N 162 
ILE CG1 CD1  sing N N 163 
ILE CG1 HG12 sing N N 164 
ILE CG1 HG13 sing N N 165 
ILE CG2 HG21 sing N N 166 
ILE CG2 HG22 sing N N 167 
ILE CG2 HG23 sing N N 168 
ILE CD1 HD11 sing N N 169 
ILE CD1 HD12 sing N N 170 
ILE CD1 HD13 sing N N 171 
ILE OXT HXT  sing N N 172 
LEU N   CA   sing N N 173 
LEU N   H    sing N N 174 
LEU N   H2   sing N N 175 
LEU CA  C    sing N N 176 
LEU CA  CB   sing N N 177 
LEU CA  HA   sing N N 178 
LEU C   O    doub N N 179 
LEU C   OXT  sing N N 180 
LEU CB  CG   sing N N 181 
LEU CB  HB2  sing N N 182 
LEU CB  HB3  sing N N 183 
LEU CG  CD1  sing N N 184 
LEU CG  CD2  sing N N 185 
LEU CG  HG   sing N N 186 
LEU CD1 HD11 sing N N 187 
LEU CD1 HD12 sing N N 188 
LEU CD1 HD13 sing N N 189 
LEU CD2 HD21 sing N N 190 
LEU CD2 HD22 sing N N 191 
LEU CD2 HD23 sing N N 192 
LEU OXT HXT  sing N N 193 
LYS N   CA   sing N N 194 
LYS N   H    sing N N 195 
LYS N   H2   sing N N 196 
LYS CA  C    sing N N 197 
LYS CA  CB   sing N N 198 
LYS CA  HA   sing N N 199 
LYS C   O    doub N N 200 
LYS C   OXT  sing N N 201 
LYS CB  CG   sing N N 202 
LYS CB  HB2  sing N N 203 
LYS CB  HB3  sing N N 204 
LYS CG  CD   sing N N 205 
LYS CG  HG2  sing N N 206 
LYS CG  HG3  sing N N 207 
LYS CD  CE   sing N N 208 
LYS CD  HD2  sing N N 209 
LYS CD  HD3  sing N N 210 
LYS CE  NZ   sing N N 211 
LYS CE  HE2  sing N N 212 
LYS CE  HE3  sing N N 213 
LYS NZ  HZ1  sing N N 214 
LYS NZ  HZ2  sing N N 215 
LYS NZ  HZ3  sing N N 216 
LYS OXT HXT  sing N N 217 
MET N   CA   sing N N 218 
MET N   H    sing N N 219 
MET N   H2   sing N N 220 
MET CA  C    sing N N 221 
MET CA  CB   sing N N 222 
MET CA  HA   sing N N 223 
MET C   O    doub N N 224 
MET C   OXT  sing N N 225 
MET CB  CG   sing N N 226 
MET CB  HB2  sing N N 227 
MET CB  HB3  sing N N 228 
MET CG  SD   sing N N 229 
MET CG  HG2  sing N N 230 
MET CG  HG3  sing N N 231 
MET SD  CE   sing N N 232 
MET CE  HE1  sing N N 233 
MET CE  HE2  sing N N 234 
MET CE  HE3  sing N N 235 
MET OXT HXT  sing N N 236 
PHE N   CA   sing N N 237 
PHE N   H    sing N N 238 
PHE N   H2   sing N N 239 
PHE CA  C    sing N N 240 
PHE CA  CB   sing N N 241 
PHE CA  HA   sing N N 242 
PHE C   O    doub N N 243 
PHE C   OXT  sing N N 244 
PHE CB  CG   sing N N 245 
PHE CB  HB2  sing N N 246 
PHE CB  HB3  sing N N 247 
PHE CG  CD1  doub Y N 248 
PHE CG  CD2  sing Y N 249 
PHE CD1 CE1  sing Y N 250 
PHE CD1 HD1  sing N N 251 
PHE CD2 CE2  doub Y N 252 
PHE CD2 HD2  sing N N 253 
PHE CE1 CZ   doub Y N 254 
PHE CE1 HE1  sing N N 255 
PHE CE2 CZ   sing Y N 256 
PHE CE2 HE2  sing N N 257 
PHE CZ  HZ   sing N N 258 
PHE OXT HXT  sing N N 259 
PRO N   CA   sing N N 260 
PRO N   CD   sing N N 261 
PRO N   H    sing N N 262 
PRO CA  C    sing N N 263 
PRO CA  CB   sing N N 264 
PRO CA  HA   sing N N 265 
PRO C   O    doub N N 266 
PRO C   OXT  sing N N 267 
PRO CB  CG   sing N N 268 
PRO CB  HB2  sing N N 269 
PRO CB  HB3  sing N N 270 
PRO CG  CD   sing N N 271 
PRO CG  HG2  sing N N 272 
PRO CG  HG3  sing N N 273 
PRO CD  HD2  sing N N 274 
PRO CD  HD3  sing N N 275 
PRO OXT HXT  sing N N 276 
SER N   CA   sing N N 277 
SER N   H    sing N N 278 
SER N   H2   sing N N 279 
SER CA  C    sing N N 280 
SER CA  CB   sing N N 281 
SER CA  HA   sing N N 282 
SER C   O    doub N N 283 
SER C   OXT  sing N N 284 
SER CB  OG   sing N N 285 
SER CB  HB2  sing N N 286 
SER CB  HB3  sing N N 287 
SER OG  HG   sing N N 288 
SER OXT HXT  sing N N 289 
SO4 S   O1   doub N N 290 
SO4 S   O2   doub N N 291 
SO4 S   O3   sing N N 292 
SO4 S   O4   sing N N 293 
THR N   CA   sing N N 294 
THR N   H    sing N N 295 
THR N   H2   sing N N 296 
THR CA  C    sing N N 297 
THR CA  CB   sing N N 298 
THR CA  HA   sing N N 299 
THR C   O    doub N N 300 
THR C   OXT  sing N N 301 
THR CB  OG1  sing N N 302 
THR CB  CG2  sing N N 303 
THR CB  HB   sing N N 304 
THR OG1 HG1  sing N N 305 
THR CG2 HG21 sing N N 306 
THR CG2 HG22 sing N N 307 
THR CG2 HG23 sing N N 308 
THR OXT HXT  sing N N 309 
TRP N   CA   sing N N 310 
TRP N   H    sing N N 311 
TRP N   H2   sing N N 312 
TRP CA  C    sing N N 313 
TRP CA  CB   sing N N 314 
TRP CA  HA   sing N N 315 
TRP C   O    doub N N 316 
TRP C   OXT  sing N N 317 
TRP CB  CG   sing N N 318 
TRP CB  HB2  sing N N 319 
TRP CB  HB3  sing N N 320 
TRP CG  CD1  doub Y N 321 
TRP CG  CD2  sing Y N 322 
TRP CD1 NE1  sing Y N 323 
TRP CD1 HD1  sing N N 324 
TRP CD2 CE2  doub Y N 325 
TRP CD2 CE3  sing Y N 326 
TRP NE1 CE2  sing Y N 327 
TRP NE1 HE1  sing N N 328 
TRP CE2 CZ2  sing Y N 329 
TRP CE3 CZ3  doub Y N 330 
TRP CE3 HE3  sing N N 331 
TRP CZ2 CH2  doub Y N 332 
TRP CZ2 HZ2  sing N N 333 
TRP CZ3 CH2  sing Y N 334 
TRP CZ3 HZ3  sing N N 335 
TRP CH2 HH2  sing N N 336 
TRP OXT HXT  sing N N 337 
TYR N   CA   sing N N 338 
TYR N   H    sing N N 339 
TYR N   H2   sing N N 340 
TYR CA  C    sing N N 341 
TYR CA  CB   sing N N 342 
TYR CA  HA   sing N N 343 
TYR C   O    doub N N 344 
TYR C   OXT  sing N N 345 
TYR CB  CG   sing N N 346 
TYR CB  HB2  sing N N 347 
TYR CB  HB3  sing N N 348 
TYR CG  CD1  doub Y N 349 
TYR CG  CD2  sing Y N 350 
TYR CD1 CE1  sing Y N 351 
TYR CD1 HD1  sing N N 352 
TYR CD2 CE2  doub Y N 353 
TYR CD2 HD2  sing N N 354 
TYR CE1 CZ   doub Y N 355 
TYR CE1 HE1  sing N N 356 
TYR CE2 CZ   sing Y N 357 
TYR CE2 HE2  sing N N 358 
TYR CZ  OH   sing N N 359 
TYR OH  HH   sing N N 360 
TYR OXT HXT  sing N N 361 
VAL N   CA   sing N N 362 
VAL N   H    sing N N 363 
VAL N   H2   sing N N 364 
VAL CA  C    sing N N 365 
VAL CA  CB   sing N N 366 
VAL CA  HA   sing N N 367 
VAL C   O    doub N N 368 
VAL C   OXT  sing N N 369 
VAL CB  CG1  sing N N 370 
VAL CB  CG2  sing N N 371 
VAL CB  HB   sing N N 372 
VAL CG1 HG11 sing N N 373 
VAL CG1 HG12 sing N N 374 
VAL CG1 HG13 sing N N 375 
VAL CG2 HG21 sing N N 376 
VAL CG2 HG22 sing N N 377 
VAL CG2 HG23 sing N N 378 
VAL OXT HXT  sing N N 379 
# 
_pdbx_initial_refinement_model.id               1 
_pdbx_initial_refinement_model.entity_id_list   ? 
_pdbx_initial_refinement_model.type             'experimental model' 
_pdbx_initial_refinement_model.source_name      PDB 
_pdbx_initial_refinement_model.accession_code   1NK1 
_pdbx_initial_refinement_model.details          'PDb entry 1NK1' 
# 
_atom_sites.entry_id                    3HMS 
_atom_sites.fract_transf_matrix[1][1]   0.00042339 
_atom_sites.fract_transf_matrix[1][2]   0.01171737 
_atom_sites.fract_transf_matrix[1][3]   -0.02286950 
_atom_sites.fract_transf_matrix[2][1]   -0.01781744 
_atom_sites.fract_transf_matrix[2][2]   0.01402778 
_atom_sites.fract_transf_matrix[2][3]   0.00685739 
_atom_sites.fract_transf_matrix[3][1]   0.01258574 
_atom_sites.fract_transf_matrix[3][2]   0.01269283 
_atom_sites.fract_transf_matrix[3][3]   0.00673628 
_atom_sites.fract_transf_vector[1]      -0.373263 
_atom_sites.fract_transf_vector[2]      -0.138880 
_atom_sites.fract_transf_vector[3]      -0.102698 
# 
loop_
_atom_type.symbol 
C 
N 
O 
S 
# 
loop_
_atom_site.group_PDB 
_atom_site.id 
_atom_site.type_symbol 
_atom_site.label_atom_id 
_atom_site.label_alt_id 
_atom_site.label_comp_id 
_atom_site.label_asym_id 
_atom_site.label_entity_id 
_atom_site.label_seq_id 
_atom_site.pdbx_PDB_ins_code 
_atom_site.Cartn_x 
_atom_site.Cartn_y 
_atom_site.Cartn_z 
_atom_site.occupancy 
_atom_site.B_iso_or_equiv 
_atom_site.pdbx_formal_charge 
_atom_site.auth_seq_id 
_atom_site.auth_comp_id 
_atom_site.auth_asym_id 
_atom_site.auth_atom_id 
_atom_site.pdbx_PDB_model_num 
ATOM   1   N N   . ARG A 1 11  ? 18.310  -6.397  -0.704  1.00 32.58 ? 36   ARG A N   1 
ATOM   2   C CA  . ARG A 1 11  ? 17.236  -7.142  -1.418  1.00 31.37 ? 36   ARG A CA  1 
ATOM   3   C C   . ARG A 1 11  ? 15.850  -6.589  -1.100  1.00 28.78 ? 36   ARG A C   1 
ATOM   4   O O   . ARG A 1 11  ? 15.154  -6.095  -1.987  1.00 28.39 ? 36   ARG A O   1 
ATOM   5   C CB  . ARG A 1 11  ? 17.298  -8.630  -1.054  1.00 34.70 ? 36   ARG A CB  1 
ATOM   6   C CG  . ARG A 1 11  ? 17.387  -8.907  0.439   1.00 38.22 ? 36   ARG A CG  1 
ATOM   7   C CD  . ARG A 1 11  ? 17.502  -10.395 0.723   1.00 41.66 ? 36   ARG A CD  1 
ATOM   8   N NE  . ARG A 1 11  ? 17.815  -10.653 2.125   1.00 43.70 ? 36   ARG A NE  1 
ATOM   9   C CZ  . ARG A 1 11  ? 18.042  -11.860 2.635   1.00 44.93 ? 36   ARG A CZ  1 
ATOM   10  N NH1 . ARG A 1 11  ? 17.990  -12.935 1.859   1.00 45.56 ? 36   ARG A NH1 1 
ATOM   11  N NH2 . ARG A 1 11  ? 18.327  -11.991 3.923   1.00 43.88 ? 36   ARG A NH2 1 
ATOM   12  N N   . ASN A 1 12  ? 15.449  -6.668  0.166   1.00 25.36 ? 37   ASN A N   1 
ATOM   13  C CA  . ASN A 1 12  ? 14.141  -6.165  0.564   1.00 22.17 ? 37   ASN A CA  1 
ATOM   14  C C   . ASN A 1 12  ? 14.110  -4.645  0.523   1.00 19.77 ? 37   ASN A C   1 
ATOM   15  O O   . ASN A 1 12  ? 15.090  -3.979  0.863   1.00 21.66 ? 37   ASN A O   1 
ATOM   16  C CB  . ASN A 1 12  ? 13.766  -6.687  1.955   1.00 21.23 ? 37   ASN A CB  1 
ATOM   17  C CG  . ASN A 1 12  ? 13.384  -8.157  1.931   1.00 21.83 ? 37   ASN A CG  1 
ATOM   18  O OD1 . ASN A 1 12  ? 12.713  -8.614  1.005   1.00 22.70 ? 37   ASN A OD1 1 
ATOM   19  N ND2 . ASN A 1 12  ? 13.799  -8.902  2.952   1.00 21.77 ? 37   ASN A ND2 1 
ATOM   20  N N   . THR A 1 13  ? 12.973  -4.104  0.099   1.00 16.24 ? 38   THR A N   1 
ATOM   21  C CA  . THR A 1 13  ? 12.809  -2.667  -0.048  1.00 11.71 ? 38   THR A CA  1 
ATOM   22  C C   . THR A 1 13  ? 11.802  -2.037  0.906   1.00 10.77 ? 38   THR A C   1 
ATOM   23  O O   . THR A 1 13  ? 11.459  -0.866  0.757   1.00 10.00 ? 38   THR A O   1 
ATOM   24  C CB  . THR A 1 13  ? 12.361  -2.339  -1.484  1.00 13.78 ? 38   THR A CB  1 
ATOM   25  O OG1 . THR A 1 13  ? 11.084  -2.937  -1.730  1.00 15.01 ? 38   THR A OG1 1 
ATOM   26  C CG2 . THR A 1 13  ? 13.359  -2.900  -2.492  1.00 13.60 ? 38   THR A CG2 1 
ATOM   27  N N   . ILE A 1 14  ? 11.333  -2.789  1.894   1.00 9.64  ? 39   ILE A N   1 
ATOM   28  C CA  . ILE A 1 14  ? 10.336  -2.243  2.809   1.00 9.49  ? 39   ILE A CA  1 
ATOM   29  C C   . ILE A 1 14  ? 10.844  -1.050  3.619   1.00 10.64 ? 39   ILE A C   1 
ATOM   30  O O   . ILE A 1 14  ? 10.055  -0.263  4.142   1.00 10.70 ? 39   ILE A O   1 
ATOM   31  C CB  . ILE A 1 14  ? 9.796   -3.341  3.757   1.00 11.25 ? 39   ILE A CB  1 
ATOM   32  C CG1 . ILE A 1 14  ? 8.513   -2.860  4.443   1.00 10.47 ? 39   ILE A CG1 1 
ATOM   33  C CG2 . ILE A 1 14  ? 10.845  -3.705  4.788   1.00 13.37 ? 39   ILE A CG2 1 
ATOM   34  C CD1 . ILE A 1 14  ? 7.706   -3.997  5.058   1.00 11.95 ? 39   ILE A CD1 1 
ATOM   35  N N   . HIS A 1 15  ? 12.159  -0.895  3.708   1.00 10.12 ? 40   HIS A N   1 
ATOM   36  C CA  . HIS A 1 15  ? 12.703  0.230   4.456   1.00 12.30 ? 40   HIS A CA  1 
ATOM   37  C C   . HIS A 1 15  ? 12.568  1.540   3.682   1.00 13.47 ? 40   HIS A C   1 
ATOM   38  O O   . HIS A 1 15  ? 12.862  2.614   4.204   1.00 14.45 ? 40   HIS A O   1 
ATOM   39  C CB  . HIS A 1 15  ? 14.156  -0.056  4.831   1.00 13.48 ? 40   HIS A CB  1 
ATOM   40  C CG  . HIS A 1 15  ? 14.306  -1.264  5.701   1.00 16.96 ? 40   HIS A CG  1 
ATOM   41  N ND1 . HIS A 1 15  ? 14.888  -2.434  5.262   1.00 19.38 ? 40   HIS A ND1 1 
ATOM   42  C CD2 . HIS A 1 15  ? 13.881  -1.506  6.963   1.00 15.94 ? 40   HIS A CD2 1 
ATOM   43  C CE1 . HIS A 1 15  ? 14.814  -3.345  6.217   1.00 17.13 ? 40   HIS A CE1 1 
ATOM   44  N NE2 . HIS A 1 15  ? 14.207  -2.807  7.259   1.00 19.52 ? 40   HIS A NE2 1 
ATOM   45  N N   . GLU A 1 16  ? 12.103  1.440   2.439   1.00 12.36 ? 41   GLU A N   1 
ATOM   46  C CA  . GLU A 1 16  ? 11.889  2.608   1.587   1.00 13.23 ? 41   GLU A CA  1 
ATOM   47  C C   . GLU A 1 16  ? 10.541  3.240   1.908   1.00 11.75 ? 41   GLU A C   1 
ATOM   48  O O   . GLU A 1 16  ? 10.175  4.261   1.325   1.00 11.74 ? 41   GLU A O   1 
ATOM   49  C CB  . GLU A 1 16  ? 11.855  2.210   0.112   1.00 14.78 ? 41   GLU A CB  1 
ATOM   50  C CG  . GLU A 1 16  ? 13.188  1.942   -0.537  1.00 19.70 ? 41   GLU A CG  1 
ATOM   51  C CD  . GLU A 1 16  ? 13.010  1.479   -1.967  1.00 24.01 ? 41   GLU A CD  1 
ATOM   52  O OE1 . GLU A 1 16  ? 12.107  2.015   -2.651  1.00 25.84 ? 41   GLU A OE1 1 
ATOM   53  O OE2 . GLU A 1 16  ? 13.764  0.585   -2.406  1.00 24.21 ? 41   GLU A OE2 1 
ATOM   54  N N   . PHE A 1 17  ? 9.806   2.628   2.830   1.00 9.64  ? 42   PHE A N   1 
ATOM   55  C CA  . PHE A 1 17  ? 8.473   3.100   3.186   1.00 9.94  ? 42   PHE A CA  1 
ATOM   56  C C   . PHE A 1 17  ? 8.309   3.661   4.589   1.00 9.51  ? 42   PHE A C   1 
ATOM   57  O O   . PHE A 1 17  ? 8.954   3.209   5.538   1.00 11.89 ? 42   PHE A O   1 
ATOM   58  C CB  . PHE A 1 17  ? 7.456   1.957   3.043   1.00 8.72  ? 42   PHE A CB  1 
ATOM   59  C CG  . PHE A 1 17  ? 7.342   1.401   1.656   1.00 8.22  ? 42   PHE A CG  1 
ATOM   60  C CD1 . PHE A 1 17  ? 8.341   0.592   1.128   1.00 8.72  ? 42   PHE A CD1 1 
ATOM   61  C CD2 . PHE A 1 17  ? 6.224   1.680   0.879   1.00 8.81  ? 42   PHE A CD2 1 
ATOM   62  C CE1 . PHE A 1 17  ? 8.228   0.066   -0.166  1.00 8.66  ? 42   PHE A CE1 1 
ATOM   63  C CE2 . PHE A 1 17  ? 6.100   1.158   -0.414  1.00 9.42  ? 42   PHE A CE2 1 
ATOM   64  C CZ  . PHE A 1 17  ? 7.109   0.349   -0.934  1.00 8.42  ? 42   PHE A CZ  1 
ATOM   65  N N   . LYS A 1 18  ? 7.418   4.641   4.705   1.00 10.58 ? 43   LYS A N   1 
ATOM   66  C CA  . LYS A 1 18  ? 7.075   5.227   5.991   1.00 10.96 ? 43   LYS A CA  1 
ATOM   67  C C   . LYS A 1 18  ? 5.889   4.394   6.467   1.00 9.16  ? 43   LYS A C   1 
ATOM   68  O O   . LYS A 1 18  ? 4.872   4.300   5.780   1.00 8.88  ? 43   LYS A O   1 
ATOM   69  C CB  . LYS A 1 18  ? 6.631   6.680   5.831   1.00 13.39 ? 43   LYS A CB  1 
ATOM   70  C CG  . LYS A 1 18  ? 6.018   7.253   7.098   1.00 18.29 ? 43   LYS A CG  1 
ATOM   71  C CD  . LYS A 1 18  ? 5.473   8.651   6.868   1.00 24.97 ? 43   LYS A CD  1 
ATOM   72  C CE  . LYS A 1 18  ? 4.774   9.174   8.114   1.00 27.95 ? 43   LYS A CE  1 
ATOM   73  N NZ  . LYS A 1 18  ? 4.236   10.551  7.914   1.00 32.99 ? 43   LYS A NZ  1 
ATOM   74  N N   . LYS A 1 19  ? 6.011   3.796   7.641   1.00 10.00 ? 44   LYS A N   1 
ATOM   75  C CA  . LYS A 1 19  ? 4.937   2.960   8.158   1.00 10.38 ? 44   LYS A CA  1 
ATOM   76  C C   . LYS A 1 19  ? 3.987   3.694   9.094   1.00 10.62 ? 44   LYS A C   1 
ATOM   77  O O   . LYS A 1 19  ? 4.418   4.476   9.943   1.00 11.69 ? 44   LYS A O   1 
ATOM   78  C CB  . LYS A 1 19  ? 5.531   1.759   8.902   1.00 10.01 ? 44   LYS A CB  1 
ATOM   79  C CG  . LYS A 1 19  ? 4.496   0.748   9.374   1.00 10.21 ? 44   LYS A CG  1 
ATOM   80  C CD  . LYS A 1 19  ? 5.120   -0.317  10.256  1.00 12.51 ? 44   LYS A CD  1 
ATOM   81  C CE  . LYS A 1 19  ? 4.061   -1.304  10.728  1.00 11.29 ? 44   LYS A CE  1 
ATOM   82  N NZ  . LYS A 1 19  ? 4.625   -2.304  11.678  1.00 12.52 ? 44   LYS A NZ  1 
ATOM   83  N N   . SER A 1 20  ? 2.690   3.451   8.912   1.00 9.25  ? 45   SER A N   1 
ATOM   84  C CA  . SER A 1 20  ? 1.658   4.009   9.779   1.00 10.75 ? 45   SER A CA  1 
ATOM   85  C C   . SER A 1 20  ? 0.915   2.775   10.290  1.00 10.37 ? 45   SER A C   1 
ATOM   86  O O   . SER A 1 20  ? 0.075   2.203   9.588   1.00 10.08 ? 45   SER A O   1 
ATOM   87  C CB  . SER A 1 20  ? 0.704   4.922   9.003   1.00 11.60 ? 45   SER A CB  1 
ATOM   88  O OG  . SER A 1 20  ? 1.336   6.138   8.634   1.00 10.28 ? 45   SER A OG  1 
ATOM   89  N N   . ALA A 1 21  ? 1.243   2.347   11.503  1.00 10.39 ? 46   ALA A N   1 
ATOM   90  C CA  . ALA A 1 21  ? 0.612   1.162   12.072  1.00 10.68 ? 46   ALA A CA  1 
ATOM   91  C C   . ALA A 1 21  ? -0.885  1.330   12.317  1.00 10.08 ? 46   ALA A C   1 
ATOM   92  O O   . ALA A 1 21  ? -1.363  2.437   12.572  1.00 10.56 ? 46   ALA A O   1 
ATOM   93  C CB  . ALA A 1 21  ? 1.306   0.782   13.374  1.00 10.94 ? 46   ALA A CB  1 
ATOM   94  N N   . LYS A 1 22  ? -1.605  0.215   12.243  1.00 10.18 ? 47   LYS A N   1 
ATOM   95  C CA  . LYS A 1 22  ? -3.050  0.175   12.472  1.00 11.74 ? 47   LYS A CA  1 
ATOM   96  C C   . LYS A 1 22  ? -3.780  1.260   11.702  1.00 11.02 ? 47   LYS A C   1 
ATOM   97  O O   . LYS A 1 22  ? -4.634  1.972   12.241  1.00 11.65 ? 47   LYS A O   1 
ATOM   98  C CB  . LYS A 1 22  ? -3.337  0.289   13.973  1.00 14.97 ? 47   LYS A CB  1 
ATOM   99  C CG  . LYS A 1 22  ? -2.733  -0.859  14.760  1.00 18.03 ? 47   LYS A CG  1 
ATOM   100 C CD  . LYS A 1 22  ? -3.132  -0.839  16.228  1.00 22.87 ? 47   LYS A CD  1 
ATOM   101 C CE  . LYS A 1 22  ? -2.530  -2.032  16.956  1.00 25.56 ? 47   LYS A CE  1 
ATOM   102 N NZ  . LYS A 1 22  ? -2.951  -2.101  18.382  1.00 29.41 ? 47   LYS A NZ  1 
ATOM   103 N N   . THR A 1 23  ? -3.438  1.360   10.424  1.00 11.81 ? 48   THR A N   1 
ATOM   104 C CA  . THR A 1 23  ? -4.024  2.346   9.535   1.00 11.47 ? 48   THR A CA  1 
ATOM   105 C C   . THR A 1 23  ? -4.203  1.754   8.142   1.00 12.08 ? 48   THR A C   1 
ATOM   106 O O   . THR A 1 23  ? -3.409  0.924   7.700   1.00 10.85 ? 48   THR A O   1 
ATOM   107 C CB  . THR A 1 23  ? -3.096  3.578   9.392   1.00 11.28 ? 48   THR A CB  1 
ATOM   108 O OG1 . THR A 1 23  ? -2.772  4.093   10.688  1.00 12.35 ? 48   THR A OG1 1 
ATOM   109 C CG2 . THR A 1 23  ? -3.769  4.666   8.570   1.00 12.72 ? 48   THR A CG2 1 
ATOM   110 N N   . THR A 1 24  ? -5.257  2.182   7.461   1.00 11.87 ? 49   THR A N   1 
ATOM   111 C CA  . THR A 1 24  ? -5.501  1.751   6.095   1.00 12.10 ? 49   THR A CA  1 
ATOM   112 C C   . THR A 1 24  ? -6.002  2.983   5.362   1.00 13.06 ? 49   THR A C   1 
ATOM   113 O O   . THR A 1 24  ? -6.245  4.018   5.982   1.00 13.43 ? 49   THR A O   1 
ATOM   114 C CB  . THR A 1 24  ? -6.555  0.621   5.999   1.00 12.56 ? 49   THR A CB  1 
ATOM   115 O OG1 . THR A 1 24  ? -6.601  0.144   4.649   1.00 12.71 ? 49   THR A OG1 1 
ATOM   116 C CG2 . THR A 1 24  ? -7.943  1.118   6.391   1.00 11.28 ? 49   THR A CG2 1 
ATOM   117 N N   . LEU A 1 25  ? -6.125  2.886   4.045   1.00 14.35 ? 50   LEU A N   1 
ATOM   118 C CA  . LEU A 1 25  ? -6.614  4.002   3.250   1.00 15.56 ? 50   LEU A CA  1 
ATOM   119 C C   . LEU A 1 25  ? -7.900  3.578   2.564   1.00 16.02 ? 50   LEU A C   1 
ATOM   120 O O   . LEU A 1 25  ? -7.998  2.475   2.029   1.00 16.25 ? 50   LEU A O   1 
ATOM   121 C CB  . LEU A 1 25  ? -5.578  4.425   2.201   1.00 15.05 ? 50   LEU A CB  1 
ATOM   122 C CG  . LEU A 1 25  ? -4.262  5.004   2.731   1.00 14.91 ? 50   LEU A CG  1 
ATOM   123 C CD1 . LEU A 1 25  ? -3.334  5.326   1.566   1.00 12.96 ? 50   LEU A CD1 1 
ATOM   124 C CD2 . LEU A 1 25  ? -4.540  6.252   3.557   1.00 14.20 ? 50   LEU A CD2 1 
ATOM   125 N N   . ILE A 1 26  ? -8.894  4.452   2.602   1.00 17.80 ? 51   ILE A N   1 
ATOM   126 C CA  . ILE A 1 26  ? -10.173 4.172   1.972   1.00 19.93 ? 51   ILE A CA  1 
ATOM   127 C C   . ILE A 1 26  ? -10.271 5.098   0.770   1.00 20.65 ? 51   ILE A C   1 
ATOM   128 O O   . ILE A 1 26  ? -10.098 6.307   0.900   1.00 20.03 ? 51   ILE A O   1 
ATOM   129 C CB  . ILE A 1 26  ? -11.348 4.460   2.926   1.00 20.32 ? 51   ILE A CB  1 
ATOM   130 C CG1 . ILE A 1 26  ? -11.161 3.693   4.242   1.00 20.17 ? 51   ILE A CG1 1 
ATOM   131 C CG2 . ILE A 1 26  ? -12.662 4.068   2.260   1.00 19.14 ? 51   ILE A CG2 1 
ATOM   132 C CD1 . ILE A 1 26  ? -11.065 2.191   4.089   1.00 20.17 ? 51   ILE A CD1 1 
ATOM   133 N N   . LYS A 1 27  ? -10.524 4.539   -0.404  1.00 22.96 ? 52   LYS A N   1 
ATOM   134 C CA  . LYS A 1 27  ? -10.626 5.383   -1.581  1.00 26.11 ? 52   LYS A CA  1 
ATOM   135 C C   . LYS A 1 27  ? -12.074 5.792   -1.795  1.00 26.95 ? 52   LYS A C   1 
ATOM   136 O O   . LYS A 1 27  ? -12.968 4.949   -1.862  1.00 26.04 ? 52   LYS A O   1 
ATOM   137 C CB  . LYS A 1 27  ? -10.081 4.667   -2.818  1.00 27.50 ? 52   LYS A CB  1 
ATOM   138 C CG  . LYS A 1 27  ? -10.870 3.456   -3.248  1.00 30.41 ? 52   LYS A CG  1 
ATOM   139 C CD  . LYS A 1 27  ? -10.475 3.059   -4.655  1.00 31.90 ? 52   LYS A CD  1 
ATOM   140 C CE  . LYS A 1 27  ? -11.448 2.055   -5.229  1.00 33.52 ? 52   LYS A CE  1 
ATOM   141 N NZ  . LYS A 1 27  ? -11.208 1.829   -6.678  1.00 34.47 ? 52   LYS A NZ  1 
ATOM   142 N N   . ILE A 1 28  ? -12.293 7.098   -1.879  1.00 29.42 ? 53   ILE A N   1 
ATOM   143 C CA  . ILE A 1 28  ? -13.626 7.646   -2.080  1.00 31.61 ? 53   ILE A CA  1 
ATOM   144 C C   . ILE A 1 28  ? -13.850 7.894   -3.567  1.00 33.30 ? 53   ILE A C   1 
ATOM   145 O O   . ILE A 1 28  ? -14.947 7.683   -4.086  1.00 33.96 ? 53   ILE A O   1 
ATOM   146 C CB  . ILE A 1 28  ? -13.792 8.978   -1.321  1.00 32.02 ? 53   ILE A CB  1 
ATOM   147 C CG1 . ILE A 1 28  ? -13.380 8.801   0.145   1.00 33.08 ? 53   ILE A CG1 1 
ATOM   148 C CG2 . ILE A 1 28  ? -15.233 9.458   -1.420  1.00 32.47 ? 53   ILE A CG2 1 
ATOM   149 C CD1 . ILE A 1 28  ? -14.183 7.756   0.901   1.00 33.76 ? 53   ILE A CD1 1 
ATOM   150 N N   . ASP A 1 29  ? -12.799 8.345   -4.246  1.00 34.46 ? 54   ASP A N   1 
ATOM   151 C CA  . ASP A 1 29  ? -12.869 8.625   -5.673  1.00 36.03 ? 54   ASP A CA  1 
ATOM   152 C C   . ASP A 1 29  ? -13.002 7.324   -6.458  1.00 35.62 ? 54   ASP A C   1 
ATOM   153 O O   . ASP A 1 29  ? -12.120 6.467   -6.413  1.00 35.68 ? 54   ASP A O   1 
ATOM   154 C CB  . ASP A 1 29  ? -11.612 9.366   -6.128  1.00 37.94 ? 54   ASP A CB  1 
ATOM   155 C CG  . ASP A 1 29  ? -11.717 9.872   -7.553  1.00 39.94 ? 54   ASP A CG  1 
ATOM   156 O OD1 . ASP A 1 29  ? -12.058 9.071   -8.446  1.00 40.94 ? 54   ASP A OD1 1 
ATOM   157 O OD2 . ASP A 1 29  ? -11.455 11.072  -7.779  1.00 42.40 ? 54   ASP A OD2 1 
ATOM   158 N N   . PRO A 1 30  ? -14.115 7.160   -7.186  1.00 35.66 ? 55   PRO A N   1 
ATOM   159 C CA  . PRO A 1 30  ? -14.373 5.959   -7.989  1.00 35.49 ? 55   PRO A CA  1 
ATOM   160 C C   . PRO A 1 30  ? -13.336 5.724   -9.084  1.00 34.93 ? 55   PRO A C   1 
ATOM   161 O O   . PRO A 1 30  ? -13.098 4.587   -9.492  1.00 34.37 ? 55   PRO A O   1 
ATOM   162 C CB  . PRO A 1 30  ? -15.760 6.228   -8.570  1.00 34.90 ? 55   PRO A CB  1 
ATOM   163 C CG  . PRO A 1 30  ? -16.407 7.072   -7.518  1.00 35.75 ? 55   PRO A CG  1 
ATOM   164 C CD  . PRO A 1 30  ? -15.301 8.035   -7.167  1.00 35.43 ? 55   PRO A CD  1 
ATOM   165 N N   . ALA A 1 31  ? -12.726 6.805   -9.559  1.00 35.13 ? 56   ALA A N   1 
ATOM   166 C CA  . ALA A 1 31  ? -11.729 6.724   -10.621 1.00 34.98 ? 56   ALA A CA  1 
ATOM   167 C C   . ALA A 1 31  ? -10.441 6.030   -10.194 1.00 34.21 ? 56   ALA A C   1 
ATOM   168 O O   . ALA A 1 31  ? -9.766  5.410   -11.017 1.00 34.69 ? 56   ALA A O   1 
ATOM   169 C CB  . ALA A 1 31  ? -11.415 8.121   -11.145 1.00 35.76 ? 56   ALA A CB  1 
ATOM   170 N N   . LEU A 1 32  ? -10.098 6.141   -8.914  1.00 33.20 ? 57   LEU A N   1 
ATOM   171 C CA  . LEU A 1 32  ? -8.883  5.521   -8.392  1.00 31.42 ? 57   LEU A CA  1 
ATOM   172 C C   . LEU A 1 32  ? -8.983  4.001   -8.426  1.00 31.65 ? 57   LEU A C   1 
ATOM   173 O O   . LEU A 1 32  ? -10.040 3.437   -8.146  1.00 32.10 ? 57   LEU A O   1 
ATOM   174 C CB  . LEU A 1 32  ? -8.628  5.986   -6.956  1.00 31.00 ? 57   LEU A CB  1 
ATOM   175 C CG  . LEU A 1 32  ? -8.359  7.481   -6.764  1.00 30.69 ? 57   LEU A CG  1 
ATOM   176 C CD1 . LEU A 1 32  ? -8.209  7.792   -5.282  1.00 30.31 ? 57   LEU A CD1 1 
ATOM   177 C CD2 . LEU A 1 32  ? -7.102  7.875   -7.526  1.00 30.63 ? 57   LEU A CD2 1 
ATOM   178 N N   . LYS A 1 33  ? -7.881  3.342   -8.770  1.00 30.88 ? 58   LYS A N   1 
ATOM   179 C CA  . LYS A 1 33  ? -7.856  1.886   -8.838  1.00 30.61 ? 58   LYS A CA  1 
ATOM   180 C C   . LYS A 1 33  ? -6.923  1.278   -7.798  1.00 29.58 ? 58   LYS A C   1 
ATOM   181 O O   . LYS A 1 33  ? -6.017  1.940   -7.297  1.00 29.22 ? 58   LYS A O   1 
ATOM   182 C CB  . LYS A 1 33  ? -7.448  1.428   -10.238 1.00 33.22 ? 58   LYS A CB  1 
ATOM   183 C CG  . LYS A 1 33  ? -6.154  2.032   -10.751 1.00 35.92 ? 58   LYS A CG  1 
ATOM   184 C CD  . LYS A 1 33  ? -5.851  1.532   -12.156 1.00 38.11 ? 58   LYS A CD  1 
ATOM   185 C CE  . LYS A 1 33  ? -4.606  2.189   -12.731 1.00 38.19 ? 58   LYS A CE  1 
ATOM   186 N NZ  . LYS A 1 33  ? -4.297  1.664   -14.088 1.00 38.59 ? 58   LYS A NZ  1 
ATOM   187 N N   . ILE A 1 34  ? -7.163  0.010   -7.480  1.00 27.97 ? 59   ILE A N   1 
ATOM   188 C CA  . ILE A 1 34  ? -6.365  -0.717  -6.498  1.00 26.59 ? 59   ILE A CA  1 
ATOM   189 C C   . ILE A 1 34  ? -6.175  -2.160  -6.950  1.00 25.15 ? 59   ILE A C   1 
ATOM   190 O O   . ILE A 1 34  ? -7.007  -2.706  -7.670  1.00 25.23 ? 59   ILE A O   1 
ATOM   191 C CB  . ILE A 1 34  ? -7.069  -0.724  -5.115  1.00 27.64 ? 59   ILE A CB  1 
ATOM   192 C CG1 . ILE A 1 34  ? -7.131  0.697   -4.553  1.00 28.65 ? 59   ILE A CG1 1 
ATOM   193 C CG2 . ILE A 1 34  ? -6.343  -1.656  -4.152  1.00 28.33 ? 59   ILE A CG2 1 
ATOM   194 C CD1 . ILE A 1 34  ? -7.860  0.802   -3.227  1.00 31.79 ? 59   ILE A CD1 1 
ATOM   195 N N   . LYS A 1 35  ? -5.069  -2.771  -6.538  1.00 22.07 ? 60   LYS A N   1 
ATOM   196 C CA  . LYS A 1 35  ? -4.796  -4.163  -6.871  1.00 21.02 ? 60   LYS A CA  1 
ATOM   197 C C   . LYS A 1 35  ? -4.523  -4.883  -5.557  1.00 19.73 ? 60   LYS A C   1 
ATOM   198 O O   . LYS A 1 35  ? -3.934  -4.304  -4.644  1.00 17.56 ? 60   LYS A O   1 
ATOM   199 C CB  . LYS A 1 35  ? -3.578  -4.275  -7.789  1.00 23.68 ? 60   LYS A CB  1 
ATOM   200 C CG  . LYS A 1 35  ? -3.233  -5.706  -8.174  1.00 28.77 ? 60   LYS A CG  1 
ATOM   201 C CD  . LYS A 1 35  ? -4.368  -6.363  -8.945  1.00 32.06 ? 60   LYS A CD  1 
ATOM   202 C CE  . LYS A 1 35  ? -4.040  -7.803  -9.312  1.00 34.43 ? 60   LYS A CE  1 
ATOM   203 N NZ  . LYS A 1 35  ? -5.151  -8.441  -10.078 1.00 35.44 ? 60   LYS A NZ  1 
ATOM   204 N N   A THR A 1 36  ? -4.952  -6.140  -5.462  0.50 19.08 ? 61   THR A N   1 
ATOM   205 N N   B THR A 1 36  ? -4.951  -6.139  -5.461  0.50 19.68 ? 61   THR A N   1 
ATOM   206 C CA  A THR A 1 36  ? -4.754  -6.919  -4.244  0.50 17.76 ? 61   THR A CA  1 
ATOM   207 C CA  B THR A 1 36  ? -4.748  -6.911  -4.241  0.50 19.00 ? 61   THR A CA  1 
ATOM   208 C C   A THR A 1 36  ? -4.301  -8.341  -4.549  0.50 18.42 ? 61   THR A C   1 
ATOM   209 C C   B THR A 1 36  ? -4.322  -8.345  -4.537  0.50 19.11 ? 61   THR A C   1 
ATOM   210 O O   A THR A 1 36  ? -4.576  -8.877  -5.622  0.50 17.81 ? 61   THR A O   1 
ATOM   211 O O   B THR A 1 36  ? -4.634  -8.894  -5.594  0.50 18.53 ? 61   THR A O   1 
ATOM   212 C CB  A THR A 1 36  ? -6.052  -7.014  -3.418  0.50 18.15 ? 61   THR A CB  1 
ATOM   213 C CB  B THR A 1 36  ? -6.031  -6.941  -3.384  0.50 20.10 ? 61   THR A CB  1 
ATOM   214 O OG1 A THR A 1 36  ? -6.969  -7.901  -4.070  0.50 18.94 ? 61   THR A OG1 1 
ATOM   215 O OG1 B THR A 1 36  ? -5.746  -7.539  -2.115  0.50 21.12 ? 61   THR A OG1 1 
ATOM   216 C CG2 A THR A 1 36  ? -6.699  -5.646  -3.282  0.50 16.52 ? 61   THR A CG2 1 
ATOM   217 C CG2 B THR A 1 36  ? -7.120  -7.742  -4.084  0.50 21.29 ? 61   THR A CG2 1 
ATOM   218 N N   . LYS A 1 37  ? -3.611  -8.948  -3.590  1.00 18.19 ? 62   LYS A N   1 
ATOM   219 C CA  . LYS A 1 37  ? -3.126  -10.314 -3.738  1.00 19.83 ? 62   LYS A CA  1 
ATOM   220 C C   . LYS A 1 37  ? -2.647  -10.789 -2.373  1.00 18.87 ? 62   LYS A C   1 
ATOM   221 O O   . LYS A 1 37  ? -2.102  -10.006 -1.597  1.00 18.56 ? 62   LYS A O   1 
ATOM   222 C CB  . LYS A 1 37  ? -1.949  -10.359 -4.719  1.00 23.72 ? 62   LYS A CB  1 
ATOM   223 C CG  . LYS A 1 37  ? -2.029  -11.455 -5.776  1.00 28.37 ? 62   LYS A CG  1 
ATOM   224 C CD  . LYS A 1 37  ? -2.955  -11.046 -6.910  1.00 32.40 ? 62   LYS A CD  1 
ATOM   225 C CE  . LYS A 1 37  ? -3.086  -12.136 -7.961  1.00 33.47 ? 62   LYS A CE  1 
ATOM   226 N NZ  . LYS A 1 37  ? -3.807  -13.330 -7.437  1.00 37.72 ? 62   LYS A NZ  1 
ATOM   227 N N   . LYS A 1 38  ? -2.854  -12.064 -2.064  1.00 16.25 ? 63   LYS A N   1 
ATOM   228 C CA  . LYS A 1 38  ? -2.380  -12.582 -0.791  1.00 16.26 ? 63   LYS A CA  1 
ATOM   229 C C   . LYS A 1 38  ? -0.914  -12.962 -0.949  1.00 16.36 ? 63   LYS A C   1 
ATOM   230 O O   . LYS A 1 38  ? -0.499  -13.435 -2.009  1.00 15.52 ? 63   LYS A O   1 
ATOM   231 C CB  . LYS A 1 38  ? -3.195  -13.803 -0.360  1.00 16.85 ? 63   LYS A CB  1 
ATOM   232 C CG  . LYS A 1 38  ? -4.650  -13.485 -0.058  1.00 20.43 ? 63   LYS A CG  1 
ATOM   233 C CD  . LYS A 1 38  ? -5.386  -14.686 0.503   1.00 23.44 ? 63   LYS A CD  1 
ATOM   234 C CE  . LYS A 1 38  ? -6.833  -14.332 0.813   1.00 26.35 ? 63   LYS A CE  1 
ATOM   235 N NZ  . LYS A 1 38  ? -7.566  -15.471 1.438   1.00 30.35 ? 63   LYS A NZ  1 
ATOM   236 N N   . VAL A 1 39  ? -0.132  -12.733 0.102   1.00 16.72 ? 64   VAL A N   1 
ATOM   237 C CA  . VAL A 1 39  ? 1.290   -13.057 0.101   1.00 18.94 ? 64   VAL A CA  1 
ATOM   238 C C   . VAL A 1 39  ? 1.665   -13.620 1.465   1.00 21.76 ? 64   VAL A C   1 
ATOM   239 O O   . VAL A 1 39  ? 0.858   -13.595 2.391   1.00 25.75 ? 64   VAL A O   1 
ATOM   240 C CB  . VAL A 1 39  ? 2.160   -11.810 -0.165  1.00 17.82 ? 64   VAL A CB  1 
ATOM   241 C CG1 . VAL A 1 39  ? 1.876   -11.259 -1.550  1.00 17.02 ? 64   VAL A CG1 1 
ATOM   242 C CG2 . VAL A 1 39  ? 1.894   -10.761 0.899   1.00 19.25 ? 64   VAL A CG2 1 
ATOM   243 N N   . ASN A 1 40  ? 2.883   -14.129 1.590   1.00 22.68 ? 65   ASN A N   1 
ATOM   244 C CA  . ASN A 1 40  ? 3.323   -14.686 2.863   1.00 23.39 ? 65   ASN A CA  1 
ATOM   245 C C   . ASN A 1 40  ? 3.847   -13.634 3.835   1.00 22.42 ? 65   ASN A C   1 
ATOM   246 O O   . ASN A 1 40  ? 3.687   -13.775 5.050   1.00 22.67 ? 65   ASN A O   1 
ATOM   247 C CB  . ASN A 1 40  ? 4.395   -15.756 2.638   1.00 26.84 ? 65   ASN A CB  1 
ATOM   248 C CG  . ASN A 1 40  ? 3.817   -17.053 2.106   1.00 29.67 ? 65   ASN A CG  1 
ATOM   249 O OD1 . ASN A 1 40  ? 2.862   -17.596 2.664   1.00 31.01 ? 65   ASN A OD1 1 
ATOM   250 N ND2 . ASN A 1 40  ? 4.398   -17.560 1.025   1.00 32.06 ? 65   ASN A ND2 1 
ATOM   251 N N   . THR A 1 41  ? 4.459   -12.577 3.309   1.00 18.48 ? 66   THR A N   1 
ATOM   252 C CA  . THR A 1 41  ? 5.009   -11.532 4.168   1.00 16.77 ? 66   THR A CA  1 
ATOM   253 C C   . THR A 1 41  ? 4.817   -10.126 3.622   1.00 15.64 ? 66   THR A C   1 
ATOM   254 O O   . THR A 1 41  ? 4.577   -9.929  2.428   1.00 14.41 ? 66   THR A O   1 
ATOM   255 C CB  . THR A 1 41  ? 6.517   -11.724 4.381   1.00 17.23 ? 66   THR A CB  1 
ATOM   256 O OG1 . THR A 1 41  ? 7.199   -11.504 3.140   1.00 19.98 ? 66   THR A OG1 1 
ATOM   257 C CG2 . THR A 1 41  ? 6.814   -13.128 4.878   1.00 19.85 ? 66   THR A CG2 1 
ATOM   258 N N   . ALA A 1 42  ? 4.939   -9.148  4.513   1.00 13.33 ? 67   ALA A N   1 
ATOM   259 C CA  . ALA A 1 42  ? 4.799   -7.752  4.141   1.00 11.85 ? 67   ALA A CA  1 
ATOM   260 C C   . ALA A 1 42  ? 5.958   -7.351  3.226   1.00 11.97 ? 67   ALA A C   1 
ATOM   261 O O   . ALA A 1 42  ? 5.834   -6.424  2.438   1.00 10.65 ? 67   ALA A O   1 
ATOM   262 C CB  . ALA A 1 42  ? 4.779   -6.883  5.389   1.00 11.67 ? 67   ALA A CB  1 
ATOM   263 N N   . ASP A 1 43  ? 7.085   -8.052  3.333   1.00 11.49 ? 68   ASP A N   1 
ATOM   264 C CA  . ASP A 1 43  ? 8.224   -7.750  2.474   1.00 12.24 ? 68   ASP A CA  1 
ATOM   265 C C   . ASP A 1 43  ? 7.860   -8.000  1.013   1.00 11.11 ? 68   ASP A C   1 
ATOM   266 O O   . ASP A 1 43  ? 8.306   -7.278  0.121   1.00 12.15 ? 68   ASP A O   1 
ATOM   267 C CB  . ASP A 1 43  ? 9.435   -8.606  2.846   1.00 13.99 ? 68   ASP A CB  1 
ATOM   268 C CG  . ASP A 1 43  ? 10.120  -8.125  4.105   1.00 16.75 ? 68   ASP A CG  1 
ATOM   269 O OD1 . ASP A 1 43  ? 10.025  -8.820  5.138   1.00 16.79 ? 68   ASP A OD1 1 
ATOM   270 O OD2 . ASP A 1 43  ? 10.747  -7.044  4.063   1.00 17.77 ? 68   ASP A OD2 1 
ATOM   271 N N   . GLN A 1 44  ? 7.059   -9.033  0.769   1.00 11.53 ? 69   GLN A N   1 
ATOM   272 C CA  . GLN A 1 44  ? 6.645   -9.345  -0.594  1.00 12.30 ? 69   GLN A CA  1 
ATOM   273 C C   . GLN A 1 44  ? 5.781   -8.212  -1.143  1.00 11.60 ? 69   GLN A C   1 
ATOM   274 O O   . GLN A 1 44  ? 5.871   -7.867  -2.320  1.00 11.09 ? 69   GLN A O   1 
ATOM   275 C CB  . GLN A 1 44  ? 5.898   -10.684 -0.620  1.00 14.32 ? 69   GLN A CB  1 
ATOM   276 C CG  . GLN A 1 44  ? 6.836   -11.881 -0.436  1.00 19.20 ? 69   GLN A CG  1 
ATOM   277 C CD  . GLN A 1 44  ? 6.109   -13.184 -0.143  1.00 23.95 ? 69   GLN A CD  1 
ATOM   278 O OE1 . GLN A 1 44  ? 6.692   -14.264 -0.227  1.00 28.18 ? 69   GLN A OE1 1 
ATOM   279 N NE2 . GLN A 1 44  ? 4.837   -13.086 0.219   1.00 27.89 ? 69   GLN A NE2 1 
ATOM   280 N N   A CYS A 1 45  ? 4.944   -7.621  -0.295  0.50 9.89  ? 70   CYS A N   1 
ATOM   281 N N   B CYS A 1 45  ? 4.956   -7.636  -0.277  0.50 11.02 ? 70   CYS A N   1 
ATOM   282 C CA  A CYS A 1 45  ? 4.108   -6.513  -0.750  0.50 9.56  ? 70   CYS A CA  1 
ATOM   283 C CA  B CYS A 1 45  ? 4.075   -6.537  -0.651  0.50 11.67 ? 70   CYS A CA  1 
ATOM   284 C C   A CYS A 1 45  ? 5.013   -5.363  -1.158  0.50 9.83  ? 70   CYS A C   1 
ATOM   285 C C   B CYS A 1 45  ? 4.922   -5.327  -1.067  0.50 10.96 ? 70   CYS A C   1 
ATOM   286 O O   A CYS A 1 45  ? 4.860   -4.786  -2.233  0.50 9.79  ? 70   CYS A O   1 
ATOM   287 O O   B CYS A 1 45  ? 4.649   -4.684  -2.079  0.50 11.04 ? 70   CYS A O   1 
ATOM   288 C CB  A CYS A 1 45  ? 3.189   -5.996  0.356   0.50 9.21  ? 70   CYS A CB  1 
ATOM   289 C CB  B CYS A 1 45  ? 3.178   -6.201  0.546   0.50 13.13 ? 70   CYS A CB  1 
ATOM   290 S SG  A CYS A 1 45  ? 2.034   -7.195  1.079   0.50 8.47  ? 70   CYS A SG  1 
ATOM   291 S SG  B CYS A 1 45  ? 1.680   -5.219  0.223   0.50 16.95 ? 70   CYS A SG  1 
ATOM   292 N N   . ALA A 1 46  ? 5.958   -5.038  -0.283  1.00 9.73  ? 71   ALA A N   1 
ATOM   293 C CA  . ALA A 1 46  ? 6.871   -3.930  -0.547  1.00 10.00 ? 71   ALA A CA  1 
ATOM   294 C C   . ALA A 1 46  ? 7.700   -4.142  -1.805  1.00 10.76 ? 71   ALA A C   1 
ATOM   295 O O   . ALA A 1 46  ? 7.817   -3.242  -2.634  1.00 10.68 ? 71   ALA A O   1 
ATOM   296 C CB  . ALA A 1 46  ? 7.791   -3.714  0.651   1.00 9.18  ? 71   ALA A CB  1 
ATOM   297 N N   . ASN A 1 47  ? 8.282   -5.329  -1.951  1.00 10.44 ? 72   ASN A N   1 
ATOM   298 C CA  . ASN A 1 47  ? 9.100   -5.605  -3.120  1.00 12.67 ? 72   ASN A CA  1 
ATOM   299 C C   . ASN A 1 47  ? 8.296   -5.550  -4.413  1.00 12.58 ? 72   ASN A C   1 
ATOM   300 O O   . ASN A 1 47  ? 8.787   -5.062  -5.425  1.00 12.44 ? 72   ASN A O   1 
ATOM   301 C CB  . ASN A 1 47  ? 9.804   -6.957  -2.975  1.00 13.40 ? 72   ASN A CB  1 
ATOM   302 C CG  . ASN A 1 47  ? 10.754  -6.987  -1.788  1.00 17.39 ? 72   ASN A CG  1 
ATOM   303 O OD1 . ASN A 1 47  ? 11.237  -5.944  -1.341  1.00 18.39 ? 72   ASN A OD1 1 
ATOM   304 N ND2 . ASN A 1 47  ? 11.037  -8.183  -1.280  1.00 17.49 ? 72   ASN A ND2 1 
ATOM   305 N N   . ARG A 1 48  ? 7.055   -6.028  -4.386  1.00 11.81 ? 73   ARG A N   1 
ATOM   306 C CA  . ARG A 1 48  ? 6.243   -5.974  -5.593  1.00 11.77 ? 73   ARG A CA  1 
ATOM   307 C C   . ARG A 1 48  ? 5.817   -4.541  -5.890  1.00 11.45 ? 73   ARG A C   1 
ATOM   308 O O   . ARG A 1 48  ? 5.686   -4.149  -7.049  1.00 13.21 ? 73   ARG A O   1 
ATOM   309 C CB  . ARG A 1 48  ? 5.009   -6.868  -5.460  1.00 14.00 ? 73   ARG A CB  1 
ATOM   310 C CG  . ARG A 1 48  ? 5.348   -8.341  -5.458  1.00 18.73 ? 73   ARG A CG  1 
ATOM   311 C CD  . ARG A 1 48  ? 4.131   -9.185  -5.767  1.00 27.25 ? 73   ARG A CD  1 
ATOM   312 N NE  . ARG A 1 48  ? 4.496   -10.579 -5.989  1.00 30.79 ? 73   ARG A NE  1 
ATOM   313 C CZ  . ARG A 1 48  ? 3.758   -11.440 -6.677  1.00 32.61 ? 73   ARG A CZ  1 
ATOM   314 N NH1 . ARG A 1 48  ? 2.609   -11.050 -7.214  1.00 33.24 ? 73   ARG A NH1 1 
ATOM   315 N NH2 . ARG A 1 48  ? 4.169   -12.692 -6.834  1.00 33.18 ? 73   ARG A NH2 1 
ATOM   316 N N   . CYS A 1 49  ? 5.615   -3.753  -4.839  1.00 10.11 ? 74   CYS A N   1 
ATOM   317 C CA  . CYS A 1 49  ? 5.211   -2.366  -5.012  1.00 9.28  ? 74   CYS A CA  1 
ATOM   318 C C   . CYS A 1 49  ? 6.335   -1.543  -5.649  1.00 11.34 ? 74   CYS A C   1 
ATOM   319 O O   . CYS A 1 49  ? 6.106   -0.813  -6.613  1.00 10.01 ? 74   CYS A O   1 
ATOM   320 C CB  . CYS A 1 49  ? 4.813   -1.770  -3.657  1.00 10.91 ? 74   CYS A CB  1 
ATOM   321 S SG  . CYS A 1 49  ? 4.328   -0.012  -3.659  1.00 13.01 ? 74   CYS A SG  1 
ATOM   322 N N   . THR A 1 50  ? 7.552   -1.677  -5.128  1.00 10.48 ? 75   THR A N   1 
ATOM   323 C CA  . THR A 1 50  ? 8.671   -0.907  -5.664  1.00 11.96 ? 75   THR A CA  1 
ATOM   324 C C   . THR A 1 50  ? 9.079   -1.332  -7.070  1.00 14.42 ? 75   THR A C   1 
ATOM   325 O O   . THR A 1 50  ? 9.457   -0.491  -7.881  1.00 11.88 ? 75   THR A O   1 
ATOM   326 C CB  . THR A 1 50  ? 9.903   -0.974  -4.737  1.00 12.24 ? 75   THR A CB  1 
ATOM   327 O OG1 . THR A 1 50  ? 10.308  -2.335  -4.557  1.00 13.06 ? 75   THR A OG1 1 
ATOM   328 C CG2 . THR A 1 50  ? 9.574   -0.361  -3.383  1.00 13.41 ? 75   THR A CG2 1 
ATOM   329 N N   . ARG A 1 51  ? 9.001   -2.628  -7.360  1.00 17.17 ? 76   ARG A N   1 
ATOM   330 C CA  . ARG A 1 51  ? 9.360   -3.121  -8.690  1.00 22.06 ? 76   ARG A CA  1 
ATOM   331 C C   . ARG A 1 51  ? 8.261   -2.763  -9.685  1.00 23.89 ? 76   ARG A C   1 
ATOM   332 O O   . ARG A 1 51  ? 8.519   -2.599  -10.877 1.00 23.39 ? 76   ARG A O   1 
ATOM   333 C CB  . ARG A 1 51  ? 9.580   -4.634  -8.656  1.00 21.92 ? 76   ARG A CB  1 
ATOM   334 C CG  . ARG A 1 51  ? 10.712  -5.054  -7.731  1.00 26.48 ? 76   ARG A CG  1 
ATOM   335 C CD  . ARG A 1 51  ? 10.787  -6.564  -7.599  1.00 29.82 ? 76   ARG A CD  1 
ATOM   336 N NE  . ARG A 1 51  ? 11.635  -6.975  -6.483  1.00 34.22 ? 76   ARG A NE  1 
ATOM   337 C CZ  . ARG A 1 51  ? 11.775  -8.232  -6.074  1.00 34.71 ? 76   ARG A CZ  1 
ATOM   338 N NH1 . ARG A 1 51  ? 11.122  -9.207  -6.691  1.00 36.44 ? 76   ARG A NH1 1 
ATOM   339 N NH2 . ARG A 1 51  ? 12.563  -8.514  -5.044  1.00 36.24 ? 76   ARG A NH2 1 
ATOM   340 N N   A ASN A 1 52  ? 7.033   -2.637  -9.193  0.50 25.02 ? 77   ASN A N   1 
ATOM   341 N N   B ASN A 1 52  ? 7.037   -2.674  -9.177  0.50 25.72 ? 77   ASN A N   1 
ATOM   342 C CA  A ASN A 1 52  ? 5.897   -2.269  -10.037 0.50 27.48 ? 77   ASN A CA  1 
ATOM   343 C CA  B ASN A 1 52  ? 5.868   -2.316  -9.970  0.50 28.66 ? 77   ASN A CA  1 
ATOM   344 C C   A ASN A 1 52  ? 5.736   -3.092  -11.307 0.50 29.60 ? 77   ASN A C   1 
ATOM   345 C C   B ASN A 1 52  ? 5.694   -3.123  -11.258 0.50 30.31 ? 77   ASN A C   1 
ATOM   346 O O   A ASN A 1 52  ? 4.965   -2.724  -12.192 0.50 29.78 ? 77   ASN A O   1 
ATOM   347 O O   B ASN A 1 52  ? 4.877   -2.770  -12.108 0.50 30.24 ? 77   ASN A O   1 
ATOM   348 C CB  A ASN A 1 52  ? 5.996   -0.791  -10.423 0.50 26.87 ? 77   ASN A CB  1 
ATOM   349 C CB  B ASN A 1 52  ? 5.922   -0.824  -10.305 0.50 29.70 ? 77   ASN A CB  1 
ATOM   350 C CG  A ASN A 1 52  ? 5.159   0.095   -9.537  0.50 25.41 ? 77   ASN A CG  1 
ATOM   351 C CG  B ASN A 1 52  ? 4.595   -0.291  -10.788 0.50 30.09 ? 77   ASN A CG  1 
ATOM   352 O OD1 A ASN A 1 52  ? 5.247   1.319   -9.599  0.50 25.16 ? 77   ASN A OD1 1 
ATOM   353 O OD1 B ASN A 1 52  ? 3.595   -0.358  -10.076 0.50 31.82 ? 77   ASN A OD1 1 
ATOM   354 N ND2 A ASN A 1 52  ? 4.328   -0.520  -8.708  0.50 27.15 ? 77   ASN A ND2 1 
ATOM   355 N ND2 B ASN A 1 52  ? 4.577   0.241   -12.004 0.50 31.49 ? 77   ASN A ND2 1 
ATOM   356 N N   . LYS A 1 53  ? 6.451   -4.207  -11.399 1.00 31.81 ? 78   LYS A N   1 
ATOM   357 C CA  . LYS A 1 53  ? 6.370   -5.043  -12.592 1.00 34.49 ? 78   LYS A CA  1 
ATOM   358 C C   . LYS A 1 53  ? 4.975   -5.535  -12.982 1.00 35.49 ? 78   LYS A C   1 
ATOM   359 O O   . LYS A 1 53  ? 4.615   -5.498  -14.160 1.00 37.47 ? 78   LYS A O   1 
ATOM   360 C CB  . LYS A 1 53  ? 7.324   -6.233  -12.464 1.00 36.22 ? 78   LYS A CB  1 
ATOM   361 C CG  . LYS A 1 53  ? 8.783   -5.844  -12.632 1.00 38.71 ? 78   LYS A CG  1 
ATOM   362 C CD  . LYS A 1 53  ? 9.694   -7.057  -12.651 1.00 41.61 ? 78   LYS A CD  1 
ATOM   363 C CE  . LYS A 1 53  ? 11.114  -6.660  -13.016 1.00 42.66 ? 78   LYS A CE  1 
ATOM   364 N NZ  . LYS A 1 53  ? 12.030  -7.833  -13.060 1.00 45.15 ? 78   LYS A NZ  1 
ATOM   365 N N   . GLY A 1 54  ? 4.188   -5.986  -12.011 1.00 34.79 ? 79   GLY A N   1 
ATOM   366 C CA  . GLY A 1 54  ? 2.859   -6.479  -12.335 1.00 34.16 ? 79   GLY A CA  1 
ATOM   367 C C   . GLY A 1 54  ? 1.716   -5.574  -11.919 1.00 33.06 ? 79   GLY A C   1 
ATOM   368 O O   . GLY A 1 54  ? 0.649   -6.054  -11.537 1.00 34.96 ? 79   GLY A O   1 
ATOM   369 N N   . LEU A 1 55  ? 1.927   -4.265  -12.006 1.00 31.44 ? 80   LEU A N   1 
ATOM   370 C CA  . LEU A 1 55  ? 0.906   -3.297  -11.619 1.00 28.74 ? 80   LEU A CA  1 
ATOM   371 C C   . LEU A 1 55  ? 0.644   -2.272  -12.722 1.00 28.52 ? 80   LEU A C   1 
ATOM   372 O O   . LEU A 1 55  ? 1.575   -1.662  -13.252 1.00 27.38 ? 80   LEU A O   1 
ATOM   373 C CB  . LEU A 1 55  ? 1.329   -2.582  -10.331 1.00 27.75 ? 80   LEU A CB  1 
ATOM   374 C CG  . LEU A 1 55  ? 1.494   -3.466  -9.090  1.00 26.06 ? 80   LEU A CG  1 
ATOM   375 C CD1 . LEU A 1 55  ? 2.060   -2.645  -7.936  1.00 23.56 ? 80   LEU A CD1 1 
ATOM   376 C CD2 . LEU A 1 55  ? 0.145   -4.067  -8.705  1.00 24.30 ? 80   LEU A CD2 1 
ATOM   377 N N   . PRO A 1 56  ? -0.636  -2.066  -13.075 1.00 27.03 ? 81   PRO A N   1 
ATOM   378 C CA  . PRO A 1 56  ? -1.075  -1.126  -14.112 1.00 27.09 ? 81   PRO A CA  1 
ATOM   379 C C   . PRO A 1 56  ? -0.971  0.346   -13.706 1.00 26.20 ? 81   PRO A C   1 
ATOM   380 O O   . PRO A 1 56  ? -1.731  1.189   -14.187 1.00 27.10 ? 81   PRO A O   1 
ATOM   381 C CB  . PRO A 1 56  ? -2.515  -1.552  -14.363 1.00 27.52 ? 81   PRO A CB  1 
ATOM   382 C CG  . PRO A 1 56  ? -2.964  -1.960  -12.996 1.00 27.42 ? 81   PRO A CG  1 
ATOM   383 C CD  . PRO A 1 56  ? -1.791  -2.780  -12.498 1.00 27.79 ? 81   PRO A CD  1 
ATOM   384 N N   . PHE A 1 57  ? -0.030  0.649   -12.820 1.00 22.39 ? 82   PHE A N   1 
ATOM   385 C CA  . PHE A 1 57  ? 0.167   2.014   -12.357 1.00 20.26 ? 82   PHE A CA  1 
ATOM   386 C C   . PHE A 1 57  ? 1.444   2.082   -11.535 1.00 18.58 ? 82   PHE A C   1 
ATOM   387 O O   . PHE A 1 57  ? 2.075   1.060   -11.281 1.00 20.09 ? 82   PHE A O   1 
ATOM   388 C CB  . PHE A 1 57  ? -1.034  2.459   -11.506 1.00 19.07 ? 82   PHE A CB  1 
ATOM   389 C CG  . PHE A 1 57  ? -1.390  1.498   -10.396 1.00 18.97 ? 82   PHE A CG  1 
ATOM   390 C CD1 . PHE A 1 57  ? -0.554  1.335   -9.296  1.00 18.36 ? 82   PHE A CD1 1 
ATOM   391 C CD2 . PHE A 1 57  ? -2.566  0.753   -10.456 1.00 18.26 ? 82   PHE A CD2 1 
ATOM   392 C CE1 . PHE A 1 57  ? -0.882  0.445   -8.269  1.00 17.60 ? 82   PHE A CE1 1 
ATOM   393 C CE2 . PHE A 1 57  ? -2.905  -0.136  -9.441  1.00 17.68 ? 82   PHE A CE2 1 
ATOM   394 C CZ  . PHE A 1 57  ? -2.061  -0.293  -8.342  1.00 18.01 ? 82   PHE A CZ  1 
ATOM   395 N N   . THR A 1 58  ? 1.831   3.288   -11.135 1.00 17.30 ? 83   THR A N   1 
ATOM   396 C CA  . THR A 1 58  ? 3.022   3.456   -10.309 1.00 16.05 ? 83   THR A CA  1 
ATOM   397 C C   . THR A 1 58  ? 2.579   3.243   -8.862  1.00 13.89 ? 83   THR A C   1 
ATOM   398 O O   . THR A 1 58  ? 1.797   4.025   -8.325  1.00 13.74 ? 83   THR A O   1 
ATOM   399 C CB  . THR A 1 58  ? 3.611   4.873   -10.452 1.00 17.59 ? 83   THR A CB  1 
ATOM   400 O OG1 . THR A 1 58  ? 3.924   5.123   -11.828 1.00 19.93 ? 83   THR A OG1 1 
ATOM   401 C CG2 . THR A 1 58  ? 4.882   5.011   -9.622  1.00 15.88 ? 83   THR A CG2 1 
ATOM   402 N N   . CYS A 1 59  ? 3.065   2.177   -8.237  1.00 12.98 ? 84   CYS A N   1 
ATOM   403 C CA  . CYS A 1 59  ? 2.692   1.899   -6.855  1.00 13.04 ? 84   CYS A CA  1 
ATOM   404 C C   . CYS A 1 59  ? 3.346   2.918   -5.940  1.00 13.02 ? 84   CYS A C   1 
ATOM   405 O O   . CYS A 1 59  ? 4.569   3.072   -5.947  1.00 12.93 ? 84   CYS A O   1 
ATOM   406 C CB  . CYS A 1 59  ? 3.124   0.489   -6.442  1.00 15.44 ? 84   CYS A CB  1 
ATOM   407 S SG  . CYS A 1 59  ? 2.601   0.053   -4.751  1.00 15.20 ? 84   CYS A SG  1 
ATOM   408 N N   . LYS A 1 60  ? 2.531   3.613   -5.152  1.00 11.18 ? 85   LYS A N   1 
ATOM   409 C CA  . LYS A 1 60  ? 3.047   4.620   -4.236  1.00 9.90  ? 85   LYS A CA  1 
ATOM   410 C C   . LYS A 1 60  ? 2.929   4.209   -2.781  1.00 9.11  ? 85   LYS A C   1 
ATOM   411 O O   . LYS A 1 60  ? 3.573   4.796   -1.911  1.00 10.36 ? 85   LYS A O   1 
ATOM   412 C CB  . LYS A 1 60  ? 2.306   5.938   -4.426  1.00 10.86 ? 85   LYS A CB  1 
ATOM   413 C CG  . LYS A 1 60  ? 2.493   6.551   -5.792  1.00 11.64 ? 85   LYS A CG  1 
ATOM   414 C CD  . LYS A 1 60  ? 1.884   7.934   -5.848  1.00 11.47 ? 85   LYS A CD  1 
ATOM   415 C CE  . LYS A 1 60  ? 2.227   8.622   -7.161  1.00 13.30 ? 85   LYS A CE  1 
ATOM   416 N NZ  . LYS A 1 60  ? 1.684   10.013  -7.202  1.00 14.39 ? 85   LYS A NZ  1 
ATOM   417 N N   . ALA A 1 61  ? 2.098   3.213   -2.513  1.00 8.26  ? 86   ALA A N   1 
ATOM   418 C CA  . ALA A 1 61  ? 1.898   2.768   -1.142  1.00 9.31  ? 86   ALA A CA  1 
ATOM   419 C C   . ALA A 1 61  ? 1.139   1.456   -1.124  1.00 9.36  ? 86   ALA A C   1 
ATOM   420 O O   . ALA A 1 61  ? 0.584   1.031   -2.136  1.00 10.94 ? 86   ALA A O   1 
ATOM   421 C CB  . ALA A 1 61  ? 1.114   3.828   -0.370  1.00 10.55 ? 86   ALA A CB  1 
ATOM   422 N N   . PHE A 1 62  ? 1.123   0.807   0.031   1.00 9.00  ? 87   PHE A N   1 
ATOM   423 C CA  . PHE A 1 62  ? 0.389   -0.437  0.160   1.00 8.73  ? 87   PHE A CA  1 
ATOM   424 C C   . PHE A 1 62  ? -0.040  -0.648  1.600   1.00 9.11  ? 87   PHE A C   1 
ATOM   425 O O   . PHE A 1 62  ? 0.519   -0.060  2.528   1.00 7.69  ? 87   PHE A O   1 
ATOM   426 C CB  . PHE A 1 62  ? 1.242   -1.621  -0.329  1.00 9.03  ? 87   PHE A CB  1 
ATOM   427 C CG  . PHE A 1 62  ? 2.393   -1.964  0.570   1.00 8.98  ? 87   PHE A CG  1 
ATOM   428 C CD1 . PHE A 1 62  ? 2.208   -2.772  1.688   1.00 8.14  ? 87   PHE A CD1 1 
ATOM   429 C CD2 . PHE A 1 62  ? 3.670   -1.490  0.292   1.00 7.27  ? 87   PHE A CD2 1 
ATOM   430 C CE1 . PHE A 1 62  ? 3.280   -3.109  2.516   1.00 11.07 ? 87   PHE A CE1 1 
ATOM   431 C CE2 . PHE A 1 62  ? 4.751   -1.817  1.115   1.00 9.59  ? 87   PHE A CE2 1 
ATOM   432 C CZ  . PHE A 1 62  ? 4.556   -2.628  2.227   1.00 10.40 ? 87   PHE A CZ  1 
ATOM   433 N N   . VAL A 1 63  ? -1.066  -1.464  1.780   1.00 9.15  ? 88   VAL A N   1 
ATOM   434 C CA  . VAL A 1 63  ? -1.536  -1.794  3.111   1.00 9.62  ? 88   VAL A CA  1 
ATOM   435 C C   . VAL A 1 63  ? -1.366  -3.296  3.212   1.00 10.09 ? 88   VAL A C   1 
ATOM   436 O O   . VAL A 1 63  ? -1.560  -4.014  2.233   1.00 10.69 ? 88   VAL A O   1 
ATOM   437 C CB  . VAL A 1 63  ? -3.024  -1.429  3.309   1.00 8.31  ? 88   VAL A CB  1 
ATOM   438 C CG1 . VAL A 1 63  ? -3.615  -2.218  4.480   1.00 10.10 ? 88   VAL A CG1 1 
ATOM   439 C CG2 . VAL A 1 63  ? -3.145  0.071   3.590   1.00 9.00  ? 88   VAL A CG2 1 
ATOM   440 N N   . PHE A 1 64  ? -0.964  -3.764  4.385   1.00 8.67  ? 89   PHE A N   1 
ATOM   441 C CA  . PHE A 1 64  ? -0.806  -5.186  4.600   1.00 9.36  ? 89   PHE A CA  1 
ATOM   442 C C   . PHE A 1 64  ? -1.854  -5.565  5.625   1.00 10.12 ? 89   PHE A C   1 
ATOM   443 O O   . PHE A 1 64  ? -1.909  -4.980  6.710   1.00 10.59 ? 89   PHE A O   1 
ATOM   444 C CB  . PHE A 1 64  ? 0.592   -5.516  5.142   1.00 9.13  ? 89   PHE A CB  1 
ATOM   445 C CG  . PHE A 1 64  ? 0.847   -6.994  5.318   1.00 9.20  ? 89   PHE A CG  1 
ATOM   446 C CD1 . PHE A 1 64  ? 0.798   -7.858  4.226   1.00 10.94 ? 89   PHE A CD1 1 
ATOM   447 C CD2 . PHE A 1 64  ? 1.138   -7.522  6.572   1.00 9.24  ? 89   PHE A CD2 1 
ATOM   448 C CE1 . PHE A 1 64  ? 1.034   -9.230  4.381   1.00 10.88 ? 89   PHE A CE1 1 
ATOM   449 C CE2 . PHE A 1 64  ? 1.375   -8.890  6.739   1.00 10.91 ? 89   PHE A CE2 1 
ATOM   450 C CZ  . PHE A 1 64  ? 1.322   -9.744  5.639   1.00 10.50 ? 89   PHE A CZ  1 
ATOM   451 N N   . ASP A 1 65  ? -2.713  -6.504  5.248   1.00 11.98 ? 90   ASP A N   1 
ATOM   452 C CA  . ASP A 1 65  ? -3.748  -7.018  6.136   1.00 13.43 ? 90   ASP A CA  1 
ATOM   453 C C   . ASP A 1 65  ? -3.035  -8.167  6.836   1.00 13.81 ? 90   ASP A C   1 
ATOM   454 O O   . ASP A 1 65  ? -2.840  -9.237  6.255   1.00 14.01 ? 90   ASP A O   1 
ATOM   455 C CB  . ASP A 1 65  ? -4.928  -7.554  5.327   1.00 15.22 ? 90   ASP A CB  1 
ATOM   456 C CG  . ASP A 1 65  ? -6.058  -8.056  6.203   1.00 17.24 ? 90   ASP A CG  1 
ATOM   457 O OD1 . ASP A 1 65  ? -5.771  -8.698  7.238   1.00 18.52 ? 90   ASP A OD1 1 
ATOM   458 O OD2 . ASP A 1 65  ? -7.234  -7.820  5.849   1.00 18.66 ? 90   ASP A OD2 1 
ATOM   459 N N   . LYS A 1 66  ? -2.632  -7.919  8.076   1.00 14.00 ? 91   LYS A N   1 
ATOM   460 C CA  . LYS A 1 66  ? -1.892  -8.873  8.887   1.00 16.24 ? 91   LYS A CA  1 
ATOM   461 C C   . LYS A 1 66  ? -2.615  -10.191 9.130   1.00 18.56 ? 91   LYS A C   1 
ATOM   462 O O   . LYS A 1 66  ? -1.988  -11.251 9.163   1.00 22.29 ? 91   LYS A O   1 
ATOM   463 C CB  . LYS A 1 66  ? -1.544  -8.215  10.224  1.00 16.32 ? 91   LYS A CB  1 
ATOM   464 C CG  . LYS A 1 66  ? -0.901  -6.843  10.059  1.00 15.92 ? 91   LYS A CG  1 
ATOM   465 C CD  . LYS A 1 66  ? -1.080  -5.990  11.306  1.00 17.18 ? 91   LYS A CD  1 
ATOM   466 C CE  . LYS A 1 66  ? -0.134  -6.397  12.413  1.00 20.82 ? 91   LYS A CE  1 
ATOM   467 N NZ  . LYS A 1 66  ? 1.242   -5.900  12.142  1.00 20.39 ? 91   LYS A NZ  1 
ATOM   468 N N   . ALA A 1 67  ? -3.929  -10.123 9.298   1.00 18.83 ? 92   ALA A N   1 
ATOM   469 C CA  . ALA A 1 67  ? -4.721  -11.321 9.558   1.00 21.32 ? 92   ALA A CA  1 
ATOM   470 C C   . ALA A 1 67  ? -4.909  -12.207 8.331   1.00 22.26 ? 92   ALA A C   1 
ATOM   471 O O   . ALA A 1 67  ? -4.778  -13.432 8.415   1.00 22.54 ? 92   ALA A O   1 
ATOM   472 C CB  . ALA A 1 67  ? -6.079  -10.926 10.121  1.00 21.17 ? 92   ALA A CB  1 
ATOM   473 N N   . ARG A 1 68  ? -5.216  -11.587 7.197   1.00 23.19 ? 93   ARG A N   1 
ATOM   474 C CA  . ARG A 1 68  ? -5.442  -12.319 5.955   1.00 23.70 ? 93   ARG A CA  1 
ATOM   475 C C   . ARG A 1 68  ? -4.190  -12.465 5.094   1.00 22.01 ? 93   ARG A C   1 
ATOM   476 O O   . ARG A 1 68  ? -4.206  -13.171 4.083   1.00 21.90 ? 93   ARG A O   1 
ATOM   477 C CB  . ARG A 1 68  ? -6.546  -11.631 5.141   1.00 25.08 ? 93   ARG A CB  1 
ATOM   478 C CG  . ARG A 1 68  ? -7.921  -11.668 5.797   1.00 31.57 ? 93   ARG A CG  1 
ATOM   479 C CD  . ARG A 1 68  ? -8.941  -10.843 5.023   1.00 34.18 ? 93   ARG A CD  1 
ATOM   480 N NE  . ARG A 1 68  ? -9.072  -11.265 3.629   1.00 38.03 ? 93   ARG A NE  1 
ATOM   481 C CZ  . ARG A 1 68  ? -9.536  -12.448 3.238   1.00 40.12 ? 93   ARG A CZ  1 
ATOM   482 N NH1 . ARG A 1 68  ? -9.921  -13.348 4.133   1.00 41.17 ? 93   ARG A NH1 1 
ATOM   483 N NH2 . ARG A 1 68  ? -9.616  -12.734 1.945   1.00 41.29 ? 93   ARG A NH2 1 
ATOM   484 N N   . LYS A 1 69  ? -3.108  -11.807 5.500   1.00 20.37 ? 94   LYS A N   1 
ATOM   485 C CA  . LYS A 1 69  ? -1.854  -11.857 4.753   1.00 20.31 ? 94   LYS A CA  1 
ATOM   486 C C   . LYS A 1 69  ? -2.108  -11.316 3.354   1.00 19.67 ? 94   LYS A C   1 
ATOM   487 O O   . LYS A 1 69  ? -1.621  -11.863 2.364   1.00 19.93 ? 94   LYS A O   1 
ATOM   488 C CB  . LYS A 1 69  ? -1.344  -13.297 4.656   1.00 22.29 ? 94   LYS A CB  1 
ATOM   489 C CG  . LYS A 1 69  ? -0.959  -13.922 5.984   1.00 24.45 ? 94   LYS A CG  1 
ATOM   490 C CD  . LYS A 1 69  ? 0.239   -13.221 6.597   1.00 25.86 ? 94   LYS A CD  1 
ATOM   491 C CE  . LYS A 1 69  ? 0.818   -14.035 7.745   1.00 28.43 ? 94   LYS A CE  1 
ATOM   492 N NZ  . LYS A 1 69  ? 2.050   -13.405 8.297   1.00 31.19 ? 94   LYS A NZ  1 
ATOM   493 N N   . GLN A 1 70  ? -2.875  -10.235 3.277   1.00 18.09 ? 95   GLN A N   1 
ATOM   494 C CA  . GLN A 1 70  ? -3.202  -9.655  1.987   1.00 17.52 ? 95   GLN A CA  1 
ATOM   495 C C   . GLN A 1 70  ? -2.545  -8.314  1.727   1.00 15.43 ? 95   GLN A C   1 
ATOM   496 O O   . GLN A 1 70  ? -2.458  -7.464  2.611   1.00 13.36 ? 95   GLN A O   1 
ATOM   497 C CB  . GLN A 1 70  ? -4.712  -9.508  1.851   1.00 19.07 ? 95   GLN A CB  1 
ATOM   498 C CG  . GLN A 1 70  ? -5.148  -9.017  0.490   1.00 24.72 ? 95   GLN A CG  1 
ATOM   499 C CD  . GLN A 1 70  ? -6.650  -8.981  0.345   1.00 27.78 ? 95   GLN A CD  1 
ATOM   500 O OE1 . GLN A 1 70  ? -7.341  -8.286  1.089   1.00 30.62 ? 95   GLN A OE1 1 
ATOM   501 N NE2 . GLN A 1 70  ? -7.168  -9.735  -0.618  1.00 29.98 ? 95   GLN A NE2 1 
ATOM   502 N N   A CYS A 1 71  ? -2.057  -8.133  0.499   0.50 13.62 ? 96   CYS A N   1 
ATOM   503 N N   B CYS A 1 71  ? -2.113  -8.133  0.490   0.50 14.87 ? 96   CYS A N   1 
ATOM   504 C CA  A CYS A 1 71  ? -1.444  -6.867  0.105   0.50 12.29 ? 96   CYS A CA  1 
ATOM   505 C CA  B CYS A 1 71  ? -1.433  -6.928  0.060   0.50 14.38 ? 96   CYS A CA  1 
ATOM   506 C C   A CYS A 1 71  ? -2.491  -6.075  -0.650  0.50 11.55 ? 96   CYS A C   1 
ATOM   507 C C   B CYS A 1 71  ? -2.373  -6.053  -0.777  0.50 12.84 ? 96   CYS A C   1 
ATOM   508 O O   A CYS A 1 71  ? -3.264  -6.628  -1.430  0.50 12.10 ? 96   CYS A O   1 
ATOM   509 O O   B CYS A 1 71  ? -2.971  -6.534  -1.737  0.50 12.89 ? 96   CYS A O   1 
ATOM   510 C CB  A CYS A 1 71  ? -0.284  -7.023  -0.892  0.50 10.85 ? 96   CYS A CB  1 
ATOM   511 C CB  B CYS A 1 71  ? -0.217  -7.371  -0.744  0.50 15.55 ? 96   CYS A CB  1 
ATOM   512 S SG  A CYS A 1 71  ? 1.145   -8.074  -0.514  0.50 10.63 ? 96   CYS A SG  1 
ATOM   513 S SG  B CYS A 1 71  ? 0.834   -6.067  -1.409  0.50 17.80 ? 96   CYS A SG  1 
ATOM   514 N N   . LEU A 1 72  ? -2.503  -4.775  -0.413  1.00 10.86 ? 97   LEU A N   1 
ATOM   515 C CA  . LEU A 1 72  ? -3.386  -3.864  -1.129  1.00 12.06 ? 97   LEU A CA  1 
ATOM   516 C C   . LEU A 1 72  ? -2.432  -2.818  -1.698  1.00 11.25 ? 97   LEU A C   1 
ATOM   517 O O   . LEU A 1 72  ? -1.868  -2.038  -0.938  1.00 11.95 ? 97   LEU A O   1 
ATOM   518 C CB  . LEU A 1 72  ? -4.377  -3.192  -0.171  1.00 14.60 ? 97   LEU A CB  1 
ATOM   519 C CG  . LEU A 1 72  ? -5.194  -4.121  0.729   1.00 17.75 ? 97   LEU A CG  1 
ATOM   520 C CD1 . LEU A 1 72  ? -6.119  -3.300  1.621   1.00 23.05 ? 97   LEU A CD1 1 
ATOM   521 C CD2 . LEU A 1 72  ? -5.989  -5.081  -0.130  1.00 22.42 ? 97   LEU A CD2 1 
ATOM   522 N N   . TRP A 1 73  ? -2.231  -2.820  -3.016  1.00 10.08 ? 98   TRP A N   1 
ATOM   523 C CA  . TRP A 1 73  ? -1.329  -1.862  -3.662  1.00 9.46  ? 98   TRP A CA  1 
ATOM   524 C C   . TRP A 1 73  ? -2.095  -0.656  -4.192  1.00 10.69 ? 98   TRP A C   1 
ATOM   525 O O   . TRP A 1 73  ? -3.120  -0.813  -4.866  1.00 11.62 ? 98   TRP A O   1 
ATOM   526 C CB  . TRP A 1 73  ? -0.584  -2.527  -4.817  1.00 11.05 ? 98   TRP A CB  1 
ATOM   527 C CG  . TRP A 1 73  ? 0.381   -3.601  -4.402  1.00 11.17 ? 98   TRP A CG  1 
ATOM   528 C CD1 . TRP A 1 73  ? 1.571   -3.433  -3.747  1.00 12.38 ? 98   TRP A CD1 1 
ATOM   529 C CD2 . TRP A 1 73  ? 0.264   -5.003  -4.670  1.00 12.72 ? 98   TRP A CD2 1 
ATOM   530 N NE1 . TRP A 1 73  ? 2.204   -4.648  -3.599  1.00 12.64 ? 98   TRP A NE1 1 
ATOM   531 C CE2 . TRP A 1 73  ? 1.424   -5.627  -4.158  1.00 13.03 ? 98   TRP A CE2 1 
ATOM   532 C CE3 . TRP A 1 73  ? -0.709  -5.794  -5.296  1.00 15.00 ? 98   TRP A CE3 1 
ATOM   533 C CZ2 . TRP A 1 73  ? 1.639   -7.008  -4.252  1.00 14.84 ? 98   TRP A CZ2 1 
ATOM   534 C CZ3 . TRP A 1 73  ? -0.495  -7.170  -5.389  1.00 14.54 ? 98   TRP A CZ3 1 
ATOM   535 C CH2 . TRP A 1 73  ? 0.670   -7.760  -4.871  1.00 15.39 ? 98   TRP A CH2 1 
ATOM   536 N N   . PHE A 1 74  ? -1.581  0.539   -3.905  1.00 11.60 ? 99   PHE A N   1 
ATOM   537 C CA  . PHE A 1 74  ? -2.232  1.783   -4.316  1.00 11.77 ? 99   PHE A CA  1 
ATOM   538 C C   . PHE A 1 74  ? -1.401  2.711   -5.203  1.00 13.12 ? 99   PHE A C   1 
ATOM   539 O O   . PHE A 1 74  ? -0.191  2.832   -5.038  1.00 12.14 ? 99   PHE A O   1 
ATOM   540 C CB  . PHE A 1 74  ? -2.614  2.633   -3.093  1.00 13.35 ? 99   PHE A CB  1 
ATOM   541 C CG  . PHE A 1 74  ? -3.283  1.881   -1.977  1.00 13.51 ? 99   PHE A CG  1 
ATOM   542 C CD1 . PHE A 1 74  ? -4.342  1.018   -2.222  1.00 14.35 ? 99   PHE A CD1 1 
ATOM   543 C CD2 . PHE A 1 74  ? -2.900  2.114   -0.657  1.00 14.28 ? 99   PHE A CD2 1 
ATOM   544 C CE1 . PHE A 1 74  ? -5.017  0.400   -1.168  1.00 14.34 ? 99   PHE A CE1 1 
ATOM   545 C CE2 . PHE A 1 74  ? -3.568  1.505   0.403   1.00 13.78 ? 99   PHE A CE2 1 
ATOM   546 C CZ  . PHE A 1 74  ? -4.629  0.646   0.148   1.00 15.63 ? 99   PHE A CZ  1 
ATOM   547 N N   . PRO A 1 75  ? -2.057  3.389   -6.158  1.00 13.21 ? 100  PRO A N   1 
ATOM   548 C CA  . PRO A 1 75  ? -1.370  4.327   -7.049  1.00 13.81 ? 100  PRO A CA  1 
ATOM   549 C C   . PRO A 1 75  ? -1.501  5.705   -6.391  1.00 14.39 ? 100  PRO A C   1 
ATOM   550 O O   . PRO A 1 75  ? -1.391  6.746   -7.044  1.00 16.22 ? 100  PRO A O   1 
ATOM   551 C CB  . PRO A 1 75  ? -2.171  4.223   -8.341  1.00 14.78 ? 100  PRO A CB  1 
ATOM   552 C CG  . PRO A 1 75  ? -3.562  4.035   -7.826  1.00 14.79 ? 100  PRO A CG  1 
ATOM   553 C CD  . PRO A 1 75  ? -3.371  3.012   -6.711  1.00 13.95 ? 100  PRO A CD  1 
ATOM   554 N N   . PHE A 1 76  ? -1.731  5.692   -5.080  1.00 13.74 ? 101  PHE A N   1 
ATOM   555 C CA  . PHE A 1 76  ? -1.903  6.914   -4.300  1.00 14.32 ? 101  PHE A CA  1 
ATOM   556 C C   . PHE A 1 76  ? -1.446  6.705   -2.860  1.00 13.63 ? 101  PHE A C   1 
ATOM   557 O O   . PHE A 1 76  ? -1.108  5.592   -2.471  1.00 14.07 ? 101  PHE A O   1 
ATOM   558 C CB  . PHE A 1 76  ? -3.387  7.310   -4.303  1.00 15.79 ? 101  PHE A CB  1 
ATOM   559 C CG  . PHE A 1 76  ? -4.309  6.227   -3.787  1.00 13.99 ? 101  PHE A CG  1 
ATOM   560 C CD1 . PHE A 1 76  ? -4.410  5.962   -2.422  1.00 15.57 ? 101  PHE A CD1 1 
ATOM   561 C CD2 . PHE A 1 76  ? -5.061  5.460   -4.670  1.00 15.19 ? 101  PHE A CD2 1 
ATOM   562 C CE1 . PHE A 1 76  ? -5.245  4.949   -1.947  1.00 14.69 ? 101  PHE A CE1 1 
ATOM   563 C CE2 . PHE A 1 76  ? -5.899  4.442   -4.206  1.00 16.44 ? 101  PHE A CE2 1 
ATOM   564 C CZ  . PHE A 1 76  ? -5.988  4.188   -2.842  1.00 16.03 ? 101  PHE A CZ  1 
ATOM   565 N N   . ASN A 1 77  ? -1.419  7.781   -2.074  1.00 13.74 ? 102  ASN A N   1 
ATOM   566 C CA  . ASN A 1 77  ? -1.065  7.663   -0.664  1.00 14.12 ? 102  ASN A CA  1 
ATOM   567 C C   . ASN A 1 77  ? -2.019  8.504   0.187   1.00 13.28 ? 102  ASN A C   1 
ATOM   568 O O   . ASN A 1 77  ? -3.061  8.964   -0.303  1.00 13.89 ? 102  ASN A O   1 
ATOM   569 C CB  . ASN A 1 77  ? 0.403   8.044   -0.395  1.00 13.39 ? 102  ASN A CB  1 
ATOM   570 C CG  . ASN A 1 77  ? 0.745   9.453   -0.833  1.00 15.39 ? 102  ASN A CG  1 
ATOM   571 O OD1 . ASN A 1 77  ? -0.082  10.360  -0.766  1.00 14.94 ? 102  ASN A OD1 1 
ATOM   572 N ND2 . ASN A 1 77  ? 1.989   9.647   -1.268  1.00 16.35 ? 102  ASN A ND2 1 
ATOM   573 N N   . SER A 1 78  ? -1.682  8.706   1.454   1.00 15.43 ? 103  SER A N   1 
ATOM   574 C CA  . SER A 1 78  ? -2.557  9.454   2.357   1.00 17.13 ? 103  SER A CA  1 
ATOM   575 C C   . SER A 1 78  ? -2.738  10.939  2.060   1.00 19.08 ? 103  SER A C   1 
ATOM   576 O O   . SER A 1 78  ? -3.608  11.585  2.646   1.00 18.82 ? 103  SER A O   1 
ATOM   577 C CB  . SER A 1 78  ? -2.077  9.292   3.800   1.00 17.00 ? 103  SER A CB  1 
ATOM   578 O OG  . SER A 1 78  ? -0.845  9.959   4.003   1.00 19.97 ? 103  SER A OG  1 
ATOM   579 N N   A MET A 1 79  ? -1.929  11.482  1.157   0.50 19.42 ? 104  MET A N   1 
ATOM   580 N N   B MET A 1 79  ? -1.923  11.477  1.159   0.50 19.41 ? 104  MET A N   1 
ATOM   581 C CA  A MET A 1 79  ? -2.025  12.899  0.812   0.50 21.25 ? 104  MET A CA  1 
ATOM   582 C CA  B MET A 1 79  ? -2.013  12.890  0.810   0.50 21.27 ? 104  MET A CA  1 
ATOM   583 C C   A MET A 1 79  ? -2.759  13.124  -0.504  0.50 21.39 ? 104  MET A C   1 
ATOM   584 C C   B MET A 1 79  ? -2.711  13.117  -0.526  0.50 21.40 ? 104  MET A C   1 
ATOM   585 O O   A MET A 1 79  ? -2.911  14.262  -0.951  0.50 22.13 ? 104  MET A O   1 
ATOM   586 O O   B MET A 1 79  ? -2.795  14.248  -1.009  0.50 22.29 ? 104  MET A O   1 
ATOM   587 C CB  A MET A 1 79  ? -0.629  13.512  0.715   0.50 22.54 ? 104  MET A CB  1 
ATOM   588 C CB  B MET A 1 79  ? -0.615  13.513  0.789   0.50 22.45 ? 104  MET A CB  1 
ATOM   589 C CG  A MET A 1 79  ? 0.162   13.474  2.007   0.50 24.62 ? 104  MET A CG  1 
ATOM   590 C CG  B MET A 1 79  ? 0.052   13.544  2.157   0.50 24.73 ? 104  MET A CG  1 
ATOM   591 S SD  A MET A 1 79  ? 1.827   14.100  1.762   0.50 29.65 ? 104  MET A SD  1 
ATOM   592 S SD  B MET A 1 79  ? 1.670   14.329  2.149   0.50 28.37 ? 104  MET A SD  1 
ATOM   593 C CE  A MET A 1 79  ? 2.597   12.655  1.069   0.50 26.94 ? 104  MET A CE  1 
ATOM   594 C CE  B MET A 1 79  ? 2.724   12.899  1.981   0.50 28.35 ? 104  MET A CE  1 
ATOM   595 N N   . SER A 1 80  ? -3.215  12.040  -1.119  1.00 21.69 ? 105  SER A N   1 
ATOM   596 C CA  . SER A 1 80  ? -3.919  12.124  -2.392  1.00 22.14 ? 105  SER A CA  1 
ATOM   597 C C   . SER A 1 80  ? -5.383  12.516  -2.195  1.00 22.72 ? 105  SER A C   1 
ATOM   598 O O   . SER A 1 80  ? -5.982  12.222  -1.161  1.00 22.82 ? 105  SER A O   1 
ATOM   599 C CB  . SER A 1 80  ? -3.842  10.777  -3.123  1.00 21.71 ? 105  SER A CB  1 
ATOM   600 O OG  . SER A 1 80  ? -2.494  10.380  -3.331  1.00 19.55 ? 105  SER A OG  1 
ATOM   601 N N   . SER A 1 81  ? -5.956  13.186  -3.191  1.00 24.97 ? 106  SER A N   1 
ATOM   602 C CA  . SER A 1 81  ? -7.353  13.595  -3.122  1.00 25.34 ? 106  SER A CA  1 
ATOM   603 C C   . SER A 1 81  ? -8.243  12.370  -3.293  1.00 25.66 ? 106  SER A C   1 
ATOM   604 O O   . SER A 1 81  ? -7.879  11.424  -3.993  1.00 26.34 ? 106  SER A O   1 
ATOM   605 C CB  . SER A 1 81  ? -7.671  14.608  -4.226  1.00 27.02 ? 106  SER A CB  1 
ATOM   606 O OG  . SER A 1 81  ? -6.895  15.783  -4.084  1.00 30.55 ? 106  SER A OG  1 
ATOM   607 N N   . GLY A 1 82  ? -9.404  12.389  -2.647  1.00 25.14 ? 107  GLY A N   1 
ATOM   608 C CA  . GLY A 1 82  ? -10.328 11.275  -2.753  1.00 25.19 ? 107  GLY A CA  1 
ATOM   609 C C   . GLY A 1 82  ? -9.888  10.060  -1.963  1.00 24.26 ? 107  GLY A C   1 
ATOM   610 O O   . GLY A 1 82  ? -10.302 8.936   -2.252  1.00 25.09 ? 107  GLY A O   1 
ATOM   611 N N   . VAL A 1 83  ? -9.047  10.288  -0.962  1.00 22.87 ? 108  VAL A N   1 
ATOM   612 C CA  . VAL A 1 83  ? -8.540  9.210   -0.122  1.00 22.11 ? 108  VAL A CA  1 
ATOM   613 C C   . VAL A 1 83  ? -8.630  9.614   1.343   1.00 20.84 ? 108  VAL A C   1 
ATOM   614 O O   . VAL A 1 83  ? -8.309  10.744  1.702   1.00 21.19 ? 108  VAL A O   1 
ATOM   615 C CB  . VAL A 1 83  ? -7.064  8.892   -0.460  1.00 21.85 ? 108  VAL A CB  1 
ATOM   616 C CG1 . VAL A 1 83  ? -6.547  7.773   0.441   1.00 23.23 ? 108  VAL A CG1 1 
ATOM   617 C CG2 . VAL A 1 83  ? -6.943  8.500   -1.923  1.00 21.42 ? 108  VAL A CG2 1 
ATOM   618 N N   . LYS A 1 84  ? -9.071  8.691   2.189   1.00 20.91 ? 109  LYS A N   1 
ATOM   619 C CA  . LYS A 1 84  ? -9.188  8.971   3.614   1.00 21.70 ? 109  LYS A CA  1 
ATOM   620 C C   . LYS A 1 84  ? -8.519  7.879   4.436   1.00 19.73 ? 109  LYS A C   1 
ATOM   621 O O   . LYS A 1 84  ? -8.488  6.719   4.031   1.00 19.99 ? 109  LYS A O   1 
ATOM   622 C CB  . LYS A 1 84  ? -10.665 9.081   4.013   1.00 24.65 ? 109  LYS A CB  1 
ATOM   623 C CG  . LYS A 1 84  ? -11.371 10.326  3.489   1.00 27.16 ? 109  LYS A CG  1 
ATOM   624 C CD  . LYS A 1 84  ? -10.804 11.591  4.124   1.00 30.22 ? 109  LYS A CD  1 
ATOM   625 C CE  . LYS A 1 84  ? -11.477 12.841  3.574   1.00 31.95 ? 109  LYS A CE  1 
ATOM   626 N NZ  . LYS A 1 84  ? -10.883 14.087  4.144   1.00 33.04 ? 109  LYS A NZ  1 
ATOM   627 N N   . LYS A 1 85  ? -7.964  8.258   5.583   1.00 19.51 ? 110  LYS A N   1 
ATOM   628 C CA  . LYS A 1 85  ? -7.329  7.291   6.468   1.00 19.24 ? 110  LYS A CA  1 
ATOM   629 C C   . LYS A 1 85  ? -8.393  6.717   7.392   1.00 17.78 ? 110  LYS A C   1 
ATOM   630 O O   . LYS A 1 85  ? -9.399  7.365   7.674   1.00 18.74 ? 110  LYS A O   1 
ATOM   631 C CB  . LYS A 1 85  ? -6.254  7.949   7.336   1.00 21.34 ? 110  LYS A CB  1 
ATOM   632 C CG  . LYS A 1 85  ? -4.953  8.306   6.646   1.00 25.28 ? 110  LYS A CG  1 
ATOM   633 C CD  . LYS A 1 85  ? -3.988  8.888   7.673   1.00 28.16 ? 110  LYS A CD  1 
ATOM   634 C CE  . LYS A 1 85  ? -2.658  9.271   7.058   1.00 31.73 ? 110  LYS A CE  1 
ATOM   635 N NZ  . LYS A 1 85  ? -1.723  9.806   8.086   1.00 33.95 ? 110  LYS A NZ  1 
ATOM   636 N N   . GLU A 1 86  ? -8.174  5.494   7.850   1.00 15.59 ? 111  GLU A N   1 
ATOM   637 C CA  . GLU A 1 86  ? -9.090  4.849   8.775   1.00 14.97 ? 111  GLU A CA  1 
ATOM   638 C C   . GLU A 1 86  ? -8.248  3.951   9.668   1.00 15.27 ? 111  GLU A C   1 
ATOM   639 O O   . GLU A 1 86  ? -7.222  3.423   9.235   1.00 13.28 ? 111  GLU A O   1 
ATOM   640 C CB  . GLU A 1 86  ? -10.147 4.021   8.032   1.00 15.66 ? 111  GLU A CB  1 
ATOM   641 C CG  . GLU A 1 86  ? -11.118 3.287   8.965   1.00 17.19 ? 111  GLU A CG  1 
ATOM   642 C CD  . GLU A 1 86  ? -11.851 4.217   9.926   1.00 20.27 ? 111  GLU A CD  1 
ATOM   643 O OE1 . GLU A 1 86  ? -13.025 4.567   9.661   1.00 15.69 ? 111  GLU A OE1 1 
ATOM   644 O OE2 . GLU A 1 86  ? -11.252 4.612   10.949  1.00 19.57 ? 111  GLU A OE2 1 
ATOM   645 N N   . PHE A 1 87  ? -8.673  3.798   10.916  1.00 15.56 ? 112  PHE A N   1 
ATOM   646 C CA  . PHE A 1 87  ? -7.954  2.970   11.877  1.00 16.64 ? 112  PHE A CA  1 
ATOM   647 C C   . PHE A 1 87  ? -8.429  1.528   11.830  1.00 17.27 ? 112  PHE A C   1 
ATOM   648 O O   . PHE A 1 87  ? -9.600  1.260   11.575  1.00 19.13 ? 112  PHE A O   1 
ATOM   649 C CB  . PHE A 1 87  ? -8.137  3.532   13.295  1.00 21.01 ? 112  PHE A CB  1 
ATOM   650 C CG  . PHE A 1 87  ? -7.628  2.622   14.384  1.00 25.72 ? 112  PHE A CG  1 
ATOM   651 C CD1 . PHE A 1 87  ? -8.370  1.514   14.794  1.00 26.66 ? 112  PHE A CD1 1 
ATOM   652 C CD2 . PHE A 1 87  ? -6.394  2.857   14.983  1.00 26.80 ? 112  PHE A CD2 1 
ATOM   653 C CE1 . PHE A 1 87  ? -7.889  0.656   15.780  1.00 27.79 ? 112  PHE A CE1 1 
ATOM   654 C CE2 . PHE A 1 87  ? -5.905  2.003   15.972  1.00 27.22 ? 112  PHE A CE2 1 
ATOM   655 C CZ  . PHE A 1 87  ? -6.653  0.901   16.370  1.00 26.58 ? 112  PHE A CZ  1 
ATOM   656 N N   . GLY A 1 88  ? -7.508  0.606   12.085  1.00 16.09 ? 113  GLY A N   1 
ATOM   657 C CA  . GLY A 1 88  ? -7.837  -0.807  12.085  1.00 17.17 ? 113  GLY A CA  1 
ATOM   658 C C   . GLY A 1 88  ? -6.690  -1.609  12.664  1.00 17.06 ? 113  GLY A C   1 
ATOM   659 O O   . GLY A 1 88  ? -5.552  -1.476  12.219  1.00 16.24 ? 113  GLY A O   1 
ATOM   660 N N   . HIS A 1 89  ? -6.983  -2.445  13.653  1.00 17.25 ? 114  HIS A N   1 
ATOM   661 C CA  . HIS A 1 89  ? -5.952  -3.256  14.293  1.00 18.87 ? 114  HIS A CA  1 
ATOM   662 C C   . HIS A 1 89  ? -5.205  -4.207  13.364  1.00 16.88 ? 114  HIS A C   1 
ATOM   663 O O   . HIS A 1 89  ? -4.019  -4.467  13.564  1.00 16.82 ? 114  HIS A O   1 
ATOM   664 C CB  . HIS A 1 89  ? -6.551  -4.084  15.434  1.00 20.77 ? 114  HIS A CB  1 
ATOM   665 C CG  . HIS A 1 89  ? -6.927  -3.278  16.637  1.00 25.03 ? 114  HIS A CG  1 
ATOM   666 N ND1 . HIS A 1 89  ? -8.145  -2.647  16.761  1.00 28.51 ? 114  HIS A ND1 1 
ATOM   667 C CD2 . HIS A 1 89  ? -6.234  -2.988  17.764  1.00 26.35 ? 114  HIS A CD2 1 
ATOM   668 C CE1 . HIS A 1 89  ? -8.189  -2.005  17.916  1.00 27.60 ? 114  HIS A CE1 1 
ATOM   669 N NE2 . HIS A 1 89  ? -7.042  -2.196  18.543  1.00 27.92 ? 114  HIS A NE2 1 
ATOM   670 N N   . GLU A 1 90  ? -5.889  -4.721  12.350  1.00 16.64 ? 115  GLU A N   1 
ATOM   671 C CA  . GLU A 1 90  ? -5.265  -5.683  11.457  1.00 16.53 ? 115  GLU A CA  1 
ATOM   672 C C   . GLU A 1 90  ? -4.582  -5.108  10.227  1.00 15.24 ? 115  GLU A C   1 
ATOM   673 O O   . GLU A 1 90  ? -4.063  -5.867  9.411   1.00 15.32 ? 115  GLU A O   1 
ATOM   674 C CB  . GLU A 1 90  ? -6.292  -6.726  11.001  1.00 21.66 ? 115  GLU A CB  1 
ATOM   675 C CG  . GLU A 1 90  ? -7.286  -6.218  9.963   1.00 26.14 ? 115  GLU A CG  1 
ATOM   676 C CD  . GLU A 1 90  ? -8.467  -5.485  10.570  1.00 29.85 ? 115  GLU A CD  1 
ATOM   677 O OE1 . GLU A 1 90  ? -8.254  -4.506  11.317  1.00 30.74 ? 115  GLU A OE1 1 
ATOM   678 O OE2 . GLU A 1 90  ? -9.617  -5.887  10.289  1.00 30.55 ? 115  GLU A OE2 1 
ATOM   679 N N   . PHE A 1 91  ? -4.563  -3.784  10.099  1.00 13.38 ? 116  PHE A N   1 
ATOM   680 C CA  . PHE A 1 91  ? -3.956  -3.141  8.932   1.00 13.03 ? 116  PHE A CA  1 
ATOM   681 C C   . PHE A 1 91  ? -2.752  -2.264  9.248   1.00 11.61 ? 116  PHE A C   1 
ATOM   682 O O   . PHE A 1 91  ? -2.735  -1.566  10.259  1.00 13.52 ? 116  PHE A O   1 
ATOM   683 C CB  . PHE A 1 91  ? -4.985  -2.244  8.222   1.00 14.30 ? 116  PHE A CB  1 
ATOM   684 C CG  . PHE A 1 91  ? -6.204  -2.966  7.729   1.00 16.32 ? 116  PHE A CG  1 
ATOM   685 C CD1 . PHE A 1 91  ? -6.112  -3.899  6.699   1.00 18.49 ? 116  PHE A CD1 1 
ATOM   686 C CD2 . PHE A 1 91  ? -7.455  -2.687  8.272   1.00 18.55 ? 116  PHE A CD2 1 
ATOM   687 C CE1 . PHE A 1 91  ? -7.250  -4.543  6.214   1.00 19.54 ? 116  PHE A CE1 1 
ATOM   688 C CE2 . PHE A 1 91  ? -8.600  -3.326  7.795   1.00 18.52 ? 116  PHE A CE2 1 
ATOM   689 C CZ  . PHE A 1 91  ? -8.496  -4.254  6.763   1.00 18.62 ? 116  PHE A CZ  1 
ATOM   690 N N   . ASP A 1 92  ? -1.749  -2.307  8.375   1.00 9.52  ? 117  ASP A N   1 
ATOM   691 C CA  . ASP A 1 92  ? -0.577  -1.445  8.503   1.00 11.47 ? 117  ASP A CA  1 
ATOM   692 C C   . ASP A 1 92  ? -0.400  -0.768  7.148   1.00 11.35 ? 117  ASP A C   1 
ATOM   693 O O   . ASP A 1 92  ? -0.434  -1.435  6.108   1.00 10.71 ? 117  ASP A O   1 
ATOM   694 C CB  . ASP A 1 92  ? 0.696   -2.227  8.829   1.00 11.79 ? 117  ASP A CB  1 
ATOM   695 C CG  . ASP A 1 92  ? 0.800   -2.603  10.293  1.00 13.42 ? 117  ASP A CG  1 
ATOM   696 O OD1 . ASP A 1 92  ? 0.145   -1.956  11.137  1.00 14.71 ? 117  ASP A OD1 1 
ATOM   697 O OD2 . ASP A 1 92  ? 1.563   -3.542  10.599  1.00 15.45 ? 117  ASP A OD2 1 
ATOM   698 N N   . LEU A 1 93  ? -0.213  0.549   7.161   1.00 8.59  ? 118  LEU A N   1 
ATOM   699 C CA  . LEU A 1 93  ? -0.026  1.320   5.930   1.00 8.84  ? 118  LEU A CA  1 
ATOM   700 C C   . LEU A 1 93  ? 1.449   1.632   5.711   1.00 9.75  ? 118  LEU A C   1 
ATOM   701 O O   . LEU A 1 93  ? 2.152   2.052   6.628   1.00 9.47  ? 118  LEU A O   1 
ATOM   702 C CB  . LEU A 1 93  ? -0.807  2.638   5.998   1.00 9.08  ? 118  LEU A CB  1 
ATOM   703 C CG  . LEU A 1 93  ? -0.517  3.684   4.908   1.00 9.50  ? 118  LEU A CG  1 
ATOM   704 C CD1 . LEU A 1 93  ? -0.967  3.179   3.537   1.00 8.17  ? 118  LEU A CD1 1 
ATOM   705 C CD2 . LEU A 1 93  ? -1.242  4.973   5.250   1.00 9.20  ? 118  LEU A CD2 1 
ATOM   706 N N   . TYR A 1 94  ? 1.906   1.437   4.483   1.00 7.83  ? 119  TYR A N   1 
ATOM   707 C CA  . TYR A 1 94  ? 3.293   1.705   4.136   1.00 8.73  ? 119  TYR A CA  1 
ATOM   708 C C   . TYR A 1 94  ? 3.286   2.627   2.927   1.00 8.34  ? 119  TYR A C   1 
ATOM   709 O O   . TYR A 1 94  ? 2.771   2.258   1.875   1.00 9.65  ? 119  TYR A O   1 
ATOM   710 C CB  . TYR A 1 94  ? 4.005   0.406   3.774   1.00 8.62  ? 119  TYR A CB  1 
ATOM   711 C CG  . TYR A 1 94  ? 4.222   -0.550  4.928   1.00 8.46  ? 119  TYR A CG  1 
ATOM   712 C CD1 . TYR A 1 94  ? 5.440   -0.587  5.609   1.00 9.50  ? 119  TYR A CD1 1 
ATOM   713 C CD2 . TYR A 1 94  ? 3.235   -1.465  5.292   1.00 7.57  ? 119  TYR A CD2 1 
ATOM   714 C CE1 . TYR A 1 94  ? 5.673   -1.522  6.622   1.00 8.37  ? 119  TYR A CE1 1 
ATOM   715 C CE2 . TYR A 1 94  ? 3.459   -2.405  6.296   1.00 8.58  ? 119  TYR A CE2 1 
ATOM   716 C CZ  . TYR A 1 94  ? 4.678   -2.429  6.953   1.00 8.73  ? 119  TYR A CZ  1 
ATOM   717 O OH  . TYR A 1 94  ? 4.911   -3.380  7.922   1.00 10.14 ? 119  TYR A OH  1 
ATOM   718 N N   . GLU A 1 95  ? 3.851   3.821   3.085   1.00 8.46  ? 120  GLU A N   1 
ATOM   719 C CA  . GLU A 1 95  ? 3.902   4.804   2.003   1.00 9.88  ? 120  GLU A CA  1 
ATOM   720 C C   . GLU A 1 95  ? 5.341   5.009   1.553   1.00 10.69 ? 120  GLU A C   1 
ATOM   721 O O   . GLU A 1 95  ? 6.203   5.359   2.360   1.00 9.72  ? 120  GLU A O   1 
ATOM   722 C CB  . GLU A 1 95  ? 3.330   6.137   2.484   1.00 10.86 ? 120  GLU A CB  1 
ATOM   723 C CG  . GLU A 1 95  ? 1.870   6.077   2.905   1.00 12.43 ? 120  GLU A CG  1 
ATOM   724 C CD  . GLU A 1 95  ? 1.391   7.380   3.523   1.00 12.95 ? 120  GLU A CD  1 
ATOM   725 O OE1 . GLU A 1 95  ? 1.856   7.727   4.632   1.00 13.65 ? 120  GLU A OE1 1 
ATOM   726 O OE2 . GLU A 1 95  ? 0.552   8.059   2.894   1.00 13.90 ? 120  GLU A OE2 1 
ATOM   727 N N   . ASN A 1 96  ? 5.614   4.801   0.267   1.00 10.09 ? 121  ASN A N   1 
ATOM   728 C CA  . ASN A 1 96  ? 6.982   4.968   -0.194  1.00 10.94 ? 121  ASN A CA  1 
ATOM   729 C C   . ASN A 1 96  ? 7.380   6.430   -0.052  1.00 9.99  ? 121  ASN A C   1 
ATOM   730 O O   . ASN A 1 96  ? 6.660   7.330   -0.494  1.00 10.71 ? 121  ASN A O   1 
ATOM   731 C CB  . ASN A 1 96  ? 7.141   4.507   -1.647  1.00 12.10 ? 121  ASN A CB  1 
ATOM   732 C CG  . ASN A 1 96  ? 8.596   4.373   -2.046  1.00 12.11 ? 121  ASN A CG  1 
ATOM   733 O OD1 . ASN A 1 96  ? 9.327   5.358   -2.100  1.00 15.42 ? 121  ASN A OD1 1 
ATOM   734 N ND2 . ASN A 1 96  ? 9.030   3.144   -2.302  1.00 15.75 ? 121  ASN A ND2 1 
ATOM   735 N N   . LYS A 1 97  ? 8.531   6.652   0.575   1.00 10.76 ? 122  LYS A N   1 
ATOM   736 C CA  . LYS A 1 97  ? 9.035   7.997   0.822   1.00 9.76  ? 122  LYS A CA  1 
ATOM   737 C C   . LYS A 1 97  ? 9.268   8.815   -0.440  1.00 11.21 ? 122  LYS A C   1 
ATOM   738 O O   . LYS A 1 97  ? 9.342   10.043  -0.378  1.00 11.40 ? 122  LYS A O   1 
ATOM   739 C CB  . LYS A 1 97  ? 10.335  7.925   1.622   1.00 11.08 ? 122  LYS A CB  1 
ATOM   740 C CG  . LYS A 1 97  ? 10.220  7.122   2.904   1.00 17.60 ? 122  LYS A CG  1 
ATOM   741 C CD  . LYS A 1 97  ? 11.586  6.893   3.514   1.00 22.04 ? 122  LYS A CD  1 
ATOM   742 C CE  . LYS A 1 97  ? 11.521  5.911   4.667   1.00 25.48 ? 122  LYS A CE  1 
ATOM   743 N NZ  . LYS A 1 97  ? 12.873  5.663   5.242   1.00 28.61 ? 122  LYS A NZ  1 
ATOM   744 N N   . ASP A 1 98  ? 9.381   8.144   -1.582  1.00 10.59 ? 123  ASP A N   1 
ATOM   745 C CA  . ASP A 1 98  ? 9.615   8.854   -2.837  1.00 11.85 ? 123  ASP A CA  1 
ATOM   746 C C   . ASP A 1 98  ? 8.469   9.766   -3.236  1.00 12.31 ? 123  ASP A C   1 
ATOM   747 O O   . ASP A 1 98  ? 8.666   10.705  -4.011  1.00 14.42 ? 123  ASP A O   1 
ATOM   748 C CB  . ASP A 1 98  ? 9.839   7.879   -3.991  1.00 13.71 ? 123  ASP A CB  1 
ATOM   749 C CG  . ASP A 1 98  ? 11.073  7.027   -3.816  1.00 15.52 ? 123  ASP A CG  1 
ATOM   750 O OD1 . ASP A 1 98  ? 11.878  7.295   -2.902  1.00 14.70 ? 123  ASP A OD1 1 
ATOM   751 O OD2 . ASP A 1 98  ? 11.237  6.084   -4.617  1.00 14.22 ? 123  ASP A OD2 1 
ATOM   752 N N   . TYR A 1 99  ? 7.275   9.496   -2.721  1.00 11.06 ? 124  TYR A N   1 
ATOM   753 C CA  . TYR A 1 99  ? 6.114   10.292  -3.091  1.00 12.08 ? 124  TYR A CA  1 
ATOM   754 C C   . TYR A 1 99  ? 5.470   11.044  -1.936  1.00 13.72 ? 124  TYR A C   1 
ATOM   755 O O   . TYR A 1 99  ? 4.374   11.587  -2.077  1.00 13.44 ? 124  TYR A O   1 
ATOM   756 C CB  . TYR A 1 99  ? 5.076   9.391   -3.773  1.00 12.29 ? 124  TYR A CB  1 
ATOM   757 C CG  . TYR A 1 99  ? 5.695   8.350   -4.685  1.00 11.11 ? 124  TYR A CG  1 
ATOM   758 C CD1 . TYR A 1 99  ? 5.858   7.032   -4.257  1.00 10.29 ? 124  TYR A CD1 1 
ATOM   759 C CD2 . TYR A 1 99  ? 6.137   8.685   -5.964  1.00 11.38 ? 124  TYR A CD2 1 
ATOM   760 C CE1 . TYR A 1 99  ? 6.440   6.073   -5.080  1.00 10.61 ? 124  TYR A CE1 1 
ATOM   761 C CE2 . TYR A 1 99  ? 6.728   7.730   -6.797  1.00 11.17 ? 124  TYR A CE2 1 
ATOM   762 C CZ  . TYR A 1 99  ? 6.874   6.426   -6.347  1.00 10.22 ? 124  TYR A CZ  1 
ATOM   763 O OH  . TYR A 1 99  ? 7.448   5.467   -7.153  1.00 9.13  ? 124  TYR A OH  1 
ATOM   764 N N   . ILE A 1 100 ? 6.158   11.078  -0.800  1.00 16.42 ? 125  ILE A N   1 
ATOM   765 C CA  . ILE A 1 100 ? 5.657   11.772  0.382   1.00 21.42 ? 125  ILE A CA  1 
ATOM   766 C C   . ILE A 1 100 ? 6.097   13.231  0.390   1.00 24.57 ? 125  ILE A C   1 
ATOM   767 O O   . ILE A 1 100 ? 7.288   13.527  0.266   1.00 24.13 ? 125  ILE A O   1 
ATOM   768 C CB  . ILE A 1 100 ? 6.164   11.111  1.684   1.00 20.75 ? 125  ILE A CB  1 
ATOM   769 C CG1 . ILE A 1 100 ? 5.567   9.713   1.831   1.00 20.75 ? 125  ILE A CG1 1 
ATOM   770 C CG2 . ILE A 1 100 ? 5.809   11.983  2.887   1.00 22.26 ? 125  ILE A CG2 1 
ATOM   771 C CD1 . ILE A 1 100 ? 5.945   9.027   3.131   1.00 21.15 ? 125  ILE A CD1 1 
ATOM   772 N N   . ARG A 1 101 ? 5.120   14.123  0.547   1.00 29.20 ? 126  ARG A N   1 
ATOM   773 C CA  . ARG A 1 101 ? 5.330   15.571  0.595   1.00 34.67 ? 126  ARG A CA  1 
ATOM   774 C C   . ARG A 1 101 ? 5.458   16.220  -0.775  1.00 36.58 ? 126  ARG A C   1 
ATOM   775 O O   . ARG A 1 101 ? 5.113   15.557  -1.776  1.00 39.64 ? 126  ARG A O   1 
ATOM   776 C CB  . ARG A 1 101 ? 6.554   15.910  1.446   1.00 35.89 ? 126  ARG A CB  1 
ATOM   777 C CG  . ARG A 1 101 ? 6.399   15.543  2.911   1.00 37.71 ? 126  ARG A CG  1 
ATOM   778 C CD  . ARG A 1 101 ? 5.188   16.214  3.531   1.00 40.49 ? 126  ARG A CD  1 
ATOM   779 N NE  . ARG A 1 101 ? 5.109   15.982  4.970   1.00 42.42 ? 126  ARG A NE  1 
ATOM   780 C CZ  . ARG A 1 101 ? 4.049   16.273  5.716   1.00 44.03 ? 126  ARG A CZ  1 
ATOM   781 N NH1 . ARG A 1 101 ? 2.971   16.811  5.159   1.00 44.99 ? 126  ARG A NH1 1 
ATOM   782 N NH2 . ARG A 1 101 ? 4.062   16.028  7.019   1.00 45.44 ? 126  ARG A NH2 1 
ATOM   783 O OXT . ARG A 1 101 ? 5.880   17.395  -0.827  1.00 39.51 ? 126  ARG A OXT 1 
HETATM 784 S S   . SO4 B 2 .   ? -2.670  11.691  -6.866  1.00 67.81 ? 301  SO4 A S   1 
HETATM 785 O O1  . SO4 B 2 .   ? -2.073  11.816  -8.209  1.00 67.49 ? 301  SO4 A O1  1 
HETATM 786 O O2  . SO4 B 2 .   ? -3.868  12.545  -6.789  1.00 67.67 ? 301  SO4 A O2  1 
HETATM 787 O O3  . SO4 B 2 .   ? -3.052  10.288  -6.616  1.00 67.63 ? 301  SO4 A O3  1 
HETATM 788 O O4  . SO4 B 2 .   ? -1.693  12.121  -5.847  1.00 67.58 ? 301  SO4 A O4  1 
HETATM 789 O O   . HOH C 3 .   ? 10.919  -5.692  1.799   1.00 13.01 ? 1001 HOH A O   1 
HETATM 790 O O   . HOH C 3 .   ? 2.828   -4.824  8.650   1.00 14.10 ? 1002 HOH A O   1 
HETATM 791 O O   . HOH C 3 .   ? 3.888   7.348   -0.931  1.00 10.21 ? 1003 HOH A O   1 
HETATM 792 O O   . HOH C 3 .   ? 6.959   2.158   -4.356  1.00 15.13 ? 1004 HOH A O   1 
HETATM 793 O O   . HOH C 3 .   ? 0.959   -11.247 9.584   1.00 19.16 ? 1005 HOH A O   1 
HETATM 794 O O   . HOH C 3 .   ? 2.913   3.996   13.149  1.00 18.04 ? 1006 HOH A O   1 
HETATM 795 O O   . HOH C 3 .   ? -8.508  -1.766  4.046   1.00 21.31 ? 1007 HOH A O   1 
HETATM 796 O O   . HOH C 3 .   ? 2.503   5.708   6.339   1.00 12.30 ? 1008 HOH A O   1 
HETATM 797 O O   . HOH C 3 .   ? 8.260   4.105   9.244   1.00 23.13 ? 1009 HOH A O   1 
HETATM 798 O O   . HOH C 3 .   ? 4.776   -5.087  11.739  1.00 20.03 ? 1010 HOH A O   1 
HETATM 799 O O   . HOH C 3 .   ? -0.946  9.410   -8.033  1.00 19.81 ? 1011 HOH A O   1 
HETATM 800 O O   . HOH C 3 .   ? -8.056  -7.101  3.376   1.00 33.17 ? 1012 HOH A O   1 
HETATM 801 O O   . HOH C 3 .   ? 6.717   2.359   -7.583  1.00 19.83 ? 1013 HOH A O   1 
HETATM 802 O O   . HOH C 3 .   ? 11.654  3.045   7.075   1.00 34.51 ? 1014 HOH A O   1 
HETATM 803 O O   . HOH C 3 .   ? 12.274  5.639   -0.824  1.00 22.84 ? 1015 HOH A O   1 
HETATM 804 O O   . HOH C 3 .   ? -6.823  -7.184  -7.478  1.00 29.87 ? 1016 HOH A O   1 
HETATM 805 O O   . HOH C 3 .   ? -5.745  10.773  4.072   1.00 45.09 ? 1017 HOH A O   1 
HETATM 806 O O   . HOH C 3 .   ? 13.058  -16.163 0.916   1.00 39.11 ? 1018 HOH A O   1 
HETATM 807 O O   . HOH C 3 .   ? -10.101 -2.667  14.139  1.00 32.88 ? 1019 HOH A O   1 
HETATM 808 O O   . HOH C 3 .   ? -2.003  6.683   11.154  1.00 31.69 ? 1020 HOH A O   1 
HETATM 809 O O   . HOH C 3 .   ? 13.561  0.002   -5.088  1.00 26.76 ? 1021 HOH A O   1 
HETATM 810 O O   . HOH C 3 .   ? 0.098   12.510  -2.662  1.00 34.13 ? 1022 HOH A O   1 
HETATM 811 O O   . HOH C 3 .   ? -15.142 5.785   10.699  1.00 27.49 ? 1023 HOH A O   1 
HETATM 812 O O   . HOH C 3 .   ? 5.895   4.977   -13.338 1.00 32.66 ? 1024 HOH A O   1 
HETATM 813 O O   . HOH C 3 .   ? 0.098   -13.400 11.388  1.00 37.88 ? 1025 HOH A O   1 
HETATM 814 O O   . HOH C 3 .   ? -1.534  -3.393  12.913  1.00 25.05 ? 1026 HOH A O   1 
HETATM 815 O O   . HOH C 3 .   ? 12.861  -2.334  -5.992  1.00 20.17 ? 1027 HOH A O   1 
HETATM 816 O O   . HOH C 3 .   ? -11.010 -1.773  5.329   1.00 27.85 ? 1028 HOH A O   1 
HETATM 817 O O   . HOH C 3 .   ? -9.211  -4.623  3.269   1.00 36.11 ? 1029 HOH A O   1 
HETATM 818 O O   . HOH C 3 .   ? -1.762  16.350  -2.515  1.00 47.28 ? 1030 HOH A O   1 
HETATM 819 O O   . HOH C 3 .   ? 14.540  5.428   0.357   1.00 26.67 ? 1031 HOH A O   1 
HETATM 820 O O   . HOH C 3 .   ? 2.005   13.864  -1.636  1.00 34.38 ? 1032 HOH A O   1 
HETATM 821 O O   . HOH C 3 .   ? 8.619   -8.814  -6.307  1.00 35.30 ? 1033 HOH A O   1 
HETATM 822 O O   . HOH C 3 .   ? 9.906   -10.625 -2.577  1.00 32.38 ? 1034 HOH A O   1 
HETATM 823 O O   . HOH C 3 .   ? 10.232  -11.489 5.032   1.00 28.73 ? 1035 HOH A O   1 
HETATM 824 O O   . HOH C 3 .   ? 9.161   -13.045 2.073   1.00 34.67 ? 1036 HOH A O   1 
HETATM 825 O O   . HOH C 3 .   ? 14.859  -1.389  2.017   1.00 27.51 ? 1037 HOH A O   1 
HETATM 826 O O   . HOH C 3 .   ? -10.173 -0.547  9.730   1.00 31.61 ? 1038 HOH A O   1 
HETATM 827 O O   . HOH C 3 .   ? 2.453   -3.496  13.217  1.00 31.32 ? 1039 HOH A O   1 
HETATM 828 O O   . HOH C 3 .   ? 1.368   11.221  -4.705  1.00 24.46 ? 1040 HOH A O   1 
HETATM 829 O O   . HOH C 3 .   ? 15.780  -0.551  -1.272  1.00 39.17 ? 1041 HOH A O   1 
HETATM 830 O O   . HOH C 3 .   ? -10.830 -0.352  15.091  1.00 42.43 ? 1042 HOH A O   1 
HETATM 831 O O   . HOH C 3 .   ? 6.848   -13.224 -4.311  1.00 36.68 ? 1043 HOH A O   1 
HETATM 832 O O   . HOH C 3 .   ? 12.729  -11.730 3.586   1.00 49.78 ? 1044 HOH A O   1 
HETATM 833 O O   . HOH C 3 .   ? 10.786  -12.232 -0.016  1.00 44.73 ? 1045 HOH A O   1 
HETATM 834 O O   . HOH C 3 .   ? -0.464  4.127   14.140  1.00 33.23 ? 1046 HOH A O   1 
HETATM 835 O O   . HOH C 3 .   ? -11.512 -0.301  7.391   1.00 20.75 ? 1047 HOH A O   1 
HETATM 836 O O   . HOH C 3 .   ? 5.828   -6.677  -9.588  1.00 35.30 ? 1048 HOH A O   1 
HETATM 837 O O   . HOH C 3 .   ? 12.304  10.751  2.823   1.00 42.77 ? 1049 HOH A O   1 
HETATM 838 O O   . HOH C 3 .   ? 2.389   -8.806  -8.892  1.00 45.84 ? 1050 HOH A O   1 
HETATM 839 O O   . HOH C 3 .   ? -11.679 -1.209  2.997   1.00 34.64 ? 1051 HOH A O   1 
HETATM 840 O O   . HOH C 3 .   ? 1.885   -11.653 -4.685  1.00 44.58 ? 1052 HOH A O   1 
HETATM 841 O O   . HOH C 3 .   ? 14.308  -4.467  -5.998  1.00 42.40 ? 1054 HOH A O   1 
HETATM 842 O O   . HOH C 3 .   ? -8.054  -8.821  8.769   1.00 33.82 ? 1055 HOH A O   1 
HETATM 843 O O   . HOH C 3 .   ? 10.269  -16.397 -0.137  1.00 52.05 ? 1056 HOH A O   1 
HETATM 844 O O   . HOH C 3 .   ? 9.702   12.343  1.604   1.00 45.27 ? 1057 HOH A O   1 
HETATM 845 O O   . HOH C 3 .   ? 14.194  -6.296  -14.492 1.00 38.79 ? 1058 HOH A O   1 
HETATM 846 O O   . HOH C 3 .   ? 17.030  -4.106  3.072   1.00 42.66 ? 1059 HOH A O   1 
HETATM 847 O O   . HOH C 3 .   ? -5.995  12.908  1.474   1.00 41.74 ? 1060 HOH A O   1 
HETATM 848 O O   . HOH C 3 .   ? 12.935  -10.667 -3.394  1.00 47.89 ? 1061 HOH A O   1 
HETATM 849 O O   . HOH C 3 .   ? -6.015  5.218   -10.120 1.00 40.87 ? 1062 HOH A O   1 
HETATM 850 O O   . HOH C 3 .   ? -6.430  -15.014 3.851   1.00 49.68 ? 1063 HOH A O   1 
HETATM 851 O O   . HOH C 3 .   ? -7.534  11.666  6.551   1.00 53.31 ? 1064 HOH A O   1 
HETATM 852 O O   . HOH C 3 .   ? 16.052  2.048   2.267   1.00 46.11 ? 1065 HOH A O   1 
HETATM 853 O O   . HOH C 3 .   ? 3.322   -0.100  -14.470 1.00 44.77 ? 1066 HOH A O   1 
HETATM 854 O O   . HOH C 3 .   ? 3.145   6.737   12.645  1.00 34.18 ? 1067 HOH A O   1 
HETATM 855 O O   . HOH C 3 .   ? -6.325  -0.756  -14.066 1.00 37.10 ? 1068 HOH A O   1 
HETATM 856 O O   . HOH C 3 .   ? -14.531 8.783   11.305  1.00 42.16 ? 1069 HOH A O   1 
HETATM 857 O O   . HOH C 3 .   ? 0.526   7.119   12.455  1.00 49.22 ? 1070 HOH A O   1 
HETATM 858 O O   . HOH C 3 .   ? -12.382 5.150   13.176  1.00 34.49 ? 1071 HOH A O   1 
HETATM 859 O O   . HOH C 3 .   ? 9.730   -0.405  -11.410 1.00 55.55 ? 1072 HOH A O   1 
HETATM 860 O O   . HOH C 3 .   ? 6.538   5.534   11.350  1.00 50.22 ? 1073 HOH A O   1 
HETATM 861 O O   . HOH C 3 .   ? 17.083  -13.363 -1.228  1.00 54.95 ? 1074 HOH A O   1 
HETATM 862 O O   . HOH C 3 .   ? -4.523  -14.633 10.904  1.00 36.49 ? 1075 HOH A O   1 
HETATM 863 O O   . HOH C 3 .   ? 9.387   -14.350 -2.444  1.00 53.56 ? 1076 HOH A O   1 
HETATM 864 O O   . HOH C 3 .   ? -1.017  11.954  5.750   1.00 45.21 ? 1077 HOH A O   1 
HETATM 865 O O   . HOH C 3 .   ? -9.351  -16.377 -0.333  1.00 51.01 ? 1078 HOH A O   1 
HETATM 866 O O   . HOH C 3 .   ? 3.270   10.439  5.188   1.00 43.14 ? 1079 HOH A O   1 
HETATM 867 O O   . HOH C 3 .   ? 4.297   7.085   10.259  1.00 51.85 ? 1080 HOH A O   1 
HETATM 868 O O   . HOH C 3 .   ? 1.901   8.119   10.217  1.00 47.88 ? 1081 HOH A O   1 
HETATM 869 O O   . HOH C 3 .   ? 10.370  5.360   7.456   1.00 50.75 ? 1082 HOH A O   1 
HETATM 870 O O   . HOH C 3 .   ? 18.193  -11.169 -2.226  1.00 39.00 ? 1083 HOH A O   1 
HETATM 871 O O   . HOH C 3 .   ? 14.824  4.440   2.773   1.00 36.38 ? 1084 HOH A O   1 
HETATM 872 O O   . HOH C 3 .   ? -5.930  11.505  -5.542  1.00 38.89 ? 1085 HOH A O   1 
HETATM 873 O O   . HOH C 3 .   ? 1.785   -13.235 -8.533  1.00 52.95 ? 1086 HOH A O   1 
HETATM 874 O O   . HOH C 3 .   ? -13.080 10.655  -10.431 1.00 48.61 ? 1087 HOH A O   1 
HETATM 875 O O   . HOH C 3 .   ? -11.328 -17.628 0.738   1.00 49.78 ? 1088 HOH A O   1 
HETATM 876 O O   . HOH C 3 .   ? 18.036  3.816   1.855   1.00 50.14 ? 1089 HOH A O   1 
HETATM 877 O O   . HOH C 3 .   ? -10.504 -15.086 6.005   1.00 51.88 ? 1090 HOH A O   1 
HETATM 878 O O   . HOH C 3 .   ? -7.430  -15.724 6.706   1.00 43.02 ? 1091 HOH A O   1 
HETATM 879 O O   . HOH C 3 .   ? 14.963  7.418   5.359   1.00 45.54 ? 1092 HOH A O   1 
HETATM 880 O O   . HOH C 3 .   ? -2.125  -6.351  -11.270 1.00 42.83 ? 1093 HOH A O   1 
HETATM 881 O O   . HOH C 3 .   ? 2.700   -16.168 6.104   1.00 41.06 ? 1094 HOH A O   1 
HETATM 882 O O   . HOH C 3 .   ? -7.998  16.937  -1.522  1.00 48.56 ? 1095 HOH A O   1 
HETATM 883 O O   . HOH C 3 .   ? -9.812  -8.216  6.340   1.00 50.58 ? 1096 HOH A O   1 
HETATM 884 O O   . HOH C 3 .   ? 2.457   13.944  8.305   1.00 48.83 ? 1097 HOH A O   1 
HETATM 885 O O   . HOH C 3 .   ? 4.042   -2.742  -14.753 1.00 46.91 ? 1098 HOH A O   1 
HETATM 886 O O   . HOH C 3 .   ? -3.045  -6.246  15.154  1.00 39.39 ? 1099 HOH A O   1 
HETATM 887 O O   . HOH C 3 .   ? -6.578  -16.684 11.830  1.00 41.29 ? 1100 HOH A O   1 
HETATM 888 O O   . HOH C 3 .   ? 0.452   8.570   6.909   1.00 44.94 ? 1101 HOH A O   1 
HETATM 889 O O   . HOH C 3 .   ? 12.117  -5.304  -4.620  1.00 43.90 ? 1102 HOH A O   1 
HETATM 890 O O   . HOH C 3 .   ? 12.172  -14.924 -2.568  1.00 45.49 ? 1103 HOH A O   1 
HETATM 891 O O   . HOH C 3 .   ? 16.359  4.523   4.788   1.00 55.02 ? 1104 HOH A O   1 
HETATM 892 O O   . HOH C 3 .   ? 7.772   -9.827  -3.993  1.00 45.44 ? 1105 HOH A O   1 
HETATM 893 O O   . HOH C 3 .   ? -3.586  5.456   -11.908 1.00 51.72 ? 1106 HOH A O   1 
HETATM 894 O O   . HOH C 3 .   ? 2.884   17.956  2.713   1.00 40.59 ? 1107 HOH A O   1 
HETATM 895 O O   . HOH C 3 .   ? 20.499  -10.555 1.426   1.00 46.66 ? 1108 HOH A O   1 
HETATM 896 O O   . HOH C 3 .   ? 1.308   4.923   15.754  1.00 39.94 ? 1153 HOH A O   1 
# 
